data_2CT3
#
_entry.id   2CT3
#
_entity_poly.entity_id   1
_entity_poly.type   'polypeptide(L)'
_entity_poly.pdbx_seq_one_letter_code
;GSSGSSGTPYRAMYQYRPQNEDELELREGDRVDVMQQCDDGWFVGVSRRTQKFGTFPGNYVAPVSGPSSG
;
_entity_poly.pdbx_strand_id   A
#
# COMPACT_ATOMS: atom_id res chain seq x y z
N GLY A 1 -21.47 -13.71 3.96
CA GLY A 1 -21.92 -13.24 5.26
C GLY A 1 -20.77 -13.04 6.23
N SER A 2 -19.95 -12.03 5.98
CA SER A 2 -18.81 -11.73 6.84
C SER A 2 -18.36 -10.28 6.69
N SER A 3 -17.75 -9.74 7.73
CA SER A 3 -17.29 -8.36 7.71
C SER A 3 -16.32 -8.13 6.56
N GLY A 4 -16.17 -6.87 6.16
CA GLY A 4 -15.26 -6.54 5.07
C GLY A 4 -13.99 -5.89 5.55
N SER A 5 -13.00 -5.80 4.66
CA SER A 5 -11.71 -5.21 5.01
C SER A 5 -11.68 -3.72 4.63
N SER A 6 -11.38 -2.88 5.61
CA SER A 6 -11.32 -1.44 5.38
C SER A 6 -9.88 -0.94 5.42
N GLY A 7 -9.43 -0.39 4.30
CA GLY A 7 -8.07 0.12 4.21
C GLY A 7 -8.01 1.50 3.62
N THR A 8 -6.83 2.12 3.67
CA THR A 8 -6.64 3.46 3.13
C THR A 8 -5.98 3.41 1.75
N PRO A 9 -6.46 4.26 0.83
CA PRO A 9 -5.93 4.33 -0.53
C PRO A 9 -4.52 4.91 -0.57
N TYR A 10 -3.65 4.30 -1.38
CA TYR A 10 -2.28 4.76 -1.51
C TYR A 10 -1.81 4.65 -2.96
N ARG A 11 -0.59 5.11 -3.21
CA ARG A 11 -0.01 5.06 -4.55
C ARG A 11 1.48 4.75 -4.49
N ALA A 12 1.91 3.81 -5.33
CA ALA A 12 3.31 3.42 -5.38
C ALA A 12 4.14 4.42 -6.17
N MET A 13 4.79 5.34 -5.46
CA MET A 13 5.61 6.36 -6.09
C MET A 13 6.64 5.72 -7.03
N TYR A 14 7.11 4.53 -6.66
CA TYR A 14 8.09 3.82 -7.47
C TYR A 14 7.84 2.32 -7.45
N GLN A 15 8.35 1.61 -8.44
CA GLN A 15 8.19 0.17 -8.53
C GLN A 15 9.05 -0.55 -7.50
N TYR A 16 8.53 -1.62 -6.93
CA TYR A 16 9.25 -2.39 -5.93
C TYR A 16 9.51 -3.82 -6.42
N ARG A 17 10.59 -4.42 -5.93
CA ARG A 17 10.94 -5.78 -6.32
C ARG A 17 11.02 -6.69 -5.10
N PRO A 18 9.88 -7.27 -4.71
CA PRO A 18 9.80 -8.16 -3.56
C PRO A 18 10.50 -9.49 -3.81
N GLN A 19 11.45 -9.82 -2.94
CA GLN A 19 12.20 -11.08 -3.07
C GLN A 19 11.59 -12.16 -2.21
N ASN A 20 10.31 -12.01 -1.88
CA ASN A 20 9.61 -12.99 -1.05
C ASN A 20 8.10 -12.80 -1.15
N GLU A 21 7.38 -13.90 -1.35
CA GLU A 21 5.93 -13.86 -1.47
C GLU A 21 5.33 -12.94 -0.40
N ASP A 22 5.93 -12.93 0.78
CA ASP A 22 5.45 -12.11 1.87
C ASP A 22 5.37 -10.64 1.45
N GLU A 23 6.39 -10.18 0.74
CA GLU A 23 6.43 -8.80 0.28
C GLU A 23 5.49 -8.60 -0.92
N LEU A 24 4.84 -7.44 -0.96
CA LEU A 24 3.92 -7.13 -2.05
C LEU A 24 4.60 -6.27 -3.11
N GLU A 25 4.47 -6.70 -4.37
CA GLU A 25 5.08 -5.97 -5.48
C GLU A 25 4.35 -4.66 -5.74
N LEU A 26 5.09 -3.66 -6.21
CA LEU A 26 4.52 -2.35 -6.50
C LEU A 26 5.03 -1.81 -7.83
N ARG A 27 4.23 -0.95 -8.46
CA ARG A 27 4.60 -0.36 -9.74
C ARG A 27 4.41 1.15 -9.72
N GLU A 28 5.36 1.86 -10.31
CA GLU A 28 5.30 3.32 -10.37
C GLU A 28 3.93 3.79 -10.86
N GLY A 29 3.13 4.32 -9.95
CA GLY A 29 1.81 4.79 -10.32
C GLY A 29 0.73 3.74 -10.14
N ASP A 30 0.89 2.90 -9.11
CA ASP A 30 -0.07 1.85 -8.83
C ASP A 30 -0.83 2.14 -7.53
N ARG A 31 -2.10 1.77 -7.50
CA ARG A 31 -2.93 1.99 -6.32
C ARG A 31 -2.68 0.91 -5.27
N VAL A 32 -2.52 1.35 -4.01
CA VAL A 32 -2.27 0.42 -2.92
C VAL A 32 -3.30 0.59 -1.81
N ASP A 33 -3.70 -0.53 -1.20
CA ASP A 33 -4.68 -0.50 -0.13
C ASP A 33 -4.02 -0.83 1.21
N VAL A 34 -3.48 0.19 1.87
CA VAL A 34 -2.82 0.01 3.16
C VAL A 34 -3.83 -0.35 4.24
N MET A 35 -3.46 -1.31 5.08
CA MET A 35 -4.33 -1.76 6.16
C MET A 35 -3.75 -1.39 7.51
N GLN A 36 -2.48 -1.77 7.72
CA GLN A 36 -1.80 -1.48 8.98
C GLN A 36 -0.49 -0.75 8.74
N GLN A 37 -0.05 0.03 9.73
CA GLN A 37 1.19 0.77 9.62
C GLN A 37 2.24 0.25 10.59
N CYS A 38 3.40 -0.12 10.06
CA CYS A 38 4.48 -0.64 10.89
C CYS A 38 5.17 0.47 11.67
N ASP A 39 5.64 0.15 12.86
CA ASP A 39 6.32 1.13 13.71
C ASP A 39 7.41 1.85 12.93
N ASP A 40 8.40 1.09 12.47
CA ASP A 40 9.51 1.67 11.71
C ASP A 40 9.00 2.64 10.65
N GLY A 41 7.90 2.28 10.00
CA GLY A 41 7.33 3.13 8.97
C GLY A 41 6.70 2.34 7.84
N TRP A 42 7.14 1.09 7.68
CA TRP A 42 6.62 0.23 6.63
C TRP A 42 5.09 0.17 6.68
N PHE A 43 4.48 -0.35 5.62
CA PHE A 43 3.03 -0.46 5.55
C PHE A 43 2.61 -1.87 5.14
N VAL A 44 1.45 -2.29 5.62
CA VAL A 44 0.93 -3.63 5.30
C VAL A 44 -0.48 -3.56 4.76
N GLY A 45 -0.64 -3.85 3.48
CA GLY A 45 -1.96 -3.82 2.87
C GLY A 45 -2.07 -4.75 1.68
N VAL A 46 -2.95 -4.42 0.74
CA VAL A 46 -3.15 -5.24 -0.45
C VAL A 46 -2.93 -4.44 -1.73
N SER A 47 -2.45 -5.11 -2.76
CA SER A 47 -2.19 -4.45 -4.04
C SER A 47 -3.47 -4.33 -4.86
N ARG A 48 -3.41 -3.53 -5.91
CA ARG A 48 -4.57 -3.32 -6.78
C ARG A 48 -4.32 -3.92 -8.16
N ARG A 49 -3.20 -4.63 -8.30
CA ARG A 49 -2.86 -5.25 -9.57
C ARG A 49 -2.94 -6.77 -9.47
N THR A 50 -2.38 -7.32 -8.39
CA THR A 50 -2.39 -8.76 -8.18
C THR A 50 -3.36 -9.14 -7.06
N GLN A 51 -3.96 -8.14 -6.43
CA GLN A 51 -4.90 -8.37 -5.35
C GLN A 51 -4.28 -9.27 -4.27
N LYS A 52 -2.98 -9.13 -4.08
CA LYS A 52 -2.27 -9.93 -3.09
C LYS A 52 -2.08 -9.14 -1.80
N PHE A 53 -1.77 -9.84 -0.71
CA PHE A 53 -1.56 -9.21 0.59
C PHE A 53 -0.14 -9.46 1.09
N GLY A 54 0.49 -8.42 1.61
CA GLY A 54 1.85 -8.55 2.12
C GLY A 54 2.36 -7.26 2.74
N THR A 55 3.69 -7.14 2.83
CA THR A 55 4.30 -5.96 3.41
C THR A 55 5.26 -5.30 2.42
N PHE A 56 5.25 -3.98 2.37
CA PHE A 56 6.12 -3.23 1.47
C PHE A 56 6.63 -1.96 2.13
N PRO A 57 7.76 -1.44 1.63
CA PRO A 57 8.38 -0.22 2.15
C PRO A 57 7.56 1.02 1.85
N GLY A 58 6.91 1.57 2.87
CA GLY A 58 6.10 2.76 2.69
C GLY A 58 6.85 3.88 1.99
N ASN A 59 8.18 3.79 2.01
CA ASN A 59 9.01 4.80 1.38
C ASN A 59 8.81 4.82 -0.14
N TYR A 60 8.15 3.78 -0.65
CA TYR A 60 7.88 3.69 -2.07
C TYR A 60 6.46 4.14 -2.41
N VAL A 61 5.58 4.04 -1.43
CA VAL A 61 4.19 4.44 -1.60
C VAL A 61 3.89 5.75 -0.87
N ALA A 62 2.73 6.32 -1.15
CA ALA A 62 2.33 7.57 -0.51
C ALA A 62 0.81 7.66 -0.37
N PRO A 63 0.35 8.32 0.70
CA PRO A 63 -1.08 8.49 0.96
C PRO A 63 -1.76 9.43 -0.03
N VAL A 64 -2.46 8.85 -0.99
CA VAL A 64 -3.16 9.64 -2.01
C VAL A 64 -4.43 10.26 -1.44
N SER A 65 -4.99 9.63 -0.42
CA SER A 65 -6.21 10.12 0.21
C SER A 65 -6.17 11.64 0.35
N GLY A 66 -4.99 12.16 0.70
CA GLY A 66 -4.84 13.60 0.87
C GLY A 66 -4.93 14.02 2.32
N PRO A 67 -5.25 15.29 2.56
CA PRO A 67 -5.37 15.85 3.90
C PRO A 67 -6.57 15.31 4.65
N SER A 68 -6.35 14.31 5.50
CA SER A 68 -7.42 13.71 6.28
C SER A 68 -7.33 14.11 7.74
N SER A 69 -8.45 13.97 8.46
CA SER A 69 -8.49 14.32 9.88
C SER A 69 -8.39 13.08 10.74
N GLY A 70 -7.62 13.18 11.83
CA GLY A 70 -7.45 12.06 12.73
C GLY A 70 -7.26 12.49 14.17
N GLY A 1 -17.41 1.24 10.69
CA GLY A 1 -16.96 1.51 9.34
C GLY A 1 -18.09 1.93 8.42
N SER A 2 -17.73 2.39 7.22
CA SER A 2 -18.73 2.83 6.25
C SER A 2 -19.21 1.66 5.39
N SER A 3 -19.62 0.59 6.06
CA SER A 3 -20.11 -0.60 5.36
C SER A 3 -19.06 -1.12 4.38
N GLY A 4 -17.80 -1.14 4.83
CA GLY A 4 -16.72 -1.62 3.99
C GLY A 4 -15.61 -0.60 3.83
N SER A 5 -14.90 -0.65 2.72
CA SER A 5 -13.80 0.26 2.46
C SER A 5 -12.69 0.08 3.49
N SER A 6 -12.41 -1.18 3.83
CA SER A 6 -11.38 -1.49 4.81
C SER A 6 -9.99 -1.33 4.20
N GLY A 7 -9.38 -0.17 4.41
CA GLY A 7 -8.06 0.09 3.87
C GLY A 7 -7.96 1.43 3.19
N THR A 8 -6.97 2.23 3.59
CA THR A 8 -6.76 3.55 3.01
C THR A 8 -6.06 3.45 1.66
N PRO A 9 -6.53 4.28 0.69
CA PRO A 9 -5.96 4.31 -0.66
C PRO A 9 -4.55 4.90 -0.67
N TYR A 10 -3.66 4.27 -1.44
CA TYR A 10 -2.29 4.73 -1.55
C TYR A 10 -1.79 4.63 -2.98
N ARG A 11 -0.54 5.02 -3.20
CA ARG A 11 0.06 4.97 -4.53
C ARG A 11 1.55 4.65 -4.44
N ALA A 12 2.01 3.74 -5.30
CA ALA A 12 3.41 3.35 -5.32
C ALA A 12 4.26 4.36 -6.09
N MET A 13 4.95 5.22 -5.37
CA MET A 13 5.80 6.24 -5.98
C MET A 13 6.84 5.59 -6.89
N TYR A 14 7.30 4.40 -6.50
CA TYR A 14 8.30 3.69 -7.28
C TYR A 14 8.05 2.18 -7.25
N GLN A 15 8.37 1.51 -8.33
CA GLN A 15 8.19 0.06 -8.42
C GLN A 15 9.04 -0.67 -7.40
N TYR A 16 8.49 -1.74 -6.82
CA TYR A 16 9.20 -2.51 -5.82
C TYR A 16 9.38 -3.96 -6.28
N ARG A 17 10.60 -4.47 -6.14
CA ARG A 17 10.91 -5.83 -6.55
C ARG A 17 11.08 -6.74 -5.33
N PRO A 18 9.96 -7.32 -4.86
CA PRO A 18 9.96 -8.20 -3.70
C PRO A 18 10.64 -9.53 -3.98
N GLN A 19 11.77 -9.78 -3.31
CA GLN A 19 12.53 -11.01 -3.50
C GLN A 19 11.74 -12.21 -2.97
N ASN A 20 10.82 -11.95 -2.05
CA ASN A 20 10.00 -12.99 -1.47
C ASN A 20 8.51 -12.73 -1.70
N GLU A 21 7.71 -13.79 -1.63
CA GLU A 21 6.27 -13.67 -1.83
C GLU A 21 5.64 -12.78 -0.76
N ASP A 22 6.00 -13.02 0.49
CA ASP A 22 5.48 -12.24 1.60
C ASP A 22 5.36 -10.77 1.23
N GLU A 23 6.44 -10.21 0.69
CA GLU A 23 6.46 -8.82 0.28
C GLU A 23 5.54 -8.57 -0.91
N LEU A 24 4.89 -7.42 -0.93
CA LEU A 24 3.98 -7.07 -2.01
C LEU A 24 4.71 -6.33 -3.12
N GLU A 25 4.42 -6.71 -4.37
CA GLU A 25 5.06 -6.07 -5.52
C GLU A 25 4.33 -4.78 -5.91
N LEU A 26 5.07 -3.68 -5.94
CA LEU A 26 4.50 -2.39 -6.29
C LEU A 26 5.00 -1.93 -7.66
N ARG A 27 4.16 -1.15 -8.35
CA ARG A 27 4.52 -0.65 -9.67
C ARG A 27 4.30 0.86 -9.75
N GLU A 28 5.27 1.56 -10.34
CA GLU A 28 5.19 3.02 -10.48
C GLU A 28 3.86 3.42 -11.09
N GLY A 29 3.06 4.17 -10.32
CA GLY A 29 1.77 4.62 -10.81
C GLY A 29 0.68 3.59 -10.58
N ASP A 30 0.66 3.00 -9.39
CA ASP A 30 -0.34 2.00 -9.05
C ASP A 30 -0.94 2.28 -7.67
N ARG A 31 -2.23 2.02 -7.53
CA ARG A 31 -2.92 2.25 -6.27
C ARG A 31 -2.66 1.10 -5.30
N VAL A 32 -2.63 1.42 -4.01
CA VAL A 32 -2.40 0.41 -2.98
C VAL A 32 -3.35 0.60 -1.80
N ASP A 33 -3.88 -0.51 -1.30
CA ASP A 33 -4.81 -0.47 -0.17
C ASP A 33 -4.07 -0.75 1.14
N VAL A 34 -3.78 0.32 1.88
CA VAL A 34 -3.08 0.20 3.16
C VAL A 34 -4.08 0.13 4.32
N MET A 35 -4.10 -1.01 4.99
CA MET A 35 -5.00 -1.22 6.12
C MET A 35 -4.28 -0.93 7.44
N GLN A 36 -3.10 -1.51 7.60
CA GLN A 36 -2.32 -1.33 8.82
C GLN A 36 -1.00 -0.62 8.51
N GLN A 37 -0.40 -0.02 9.54
CA GLN A 37 0.86 0.69 9.38
C GLN A 37 1.91 0.17 10.37
N CYS A 38 3.17 0.25 9.99
CA CYS A 38 4.26 -0.20 10.84
C CYS A 38 4.94 0.98 11.53
N ASP A 39 5.70 0.68 12.58
CA ASP A 39 6.41 1.71 13.33
C ASP A 39 7.83 1.88 12.82
N ASP A 40 8.29 0.93 12.01
CA ASP A 40 9.63 0.97 11.45
C ASP A 40 9.63 1.65 10.09
N GLY A 41 8.53 2.33 9.77
CA GLY A 41 8.42 3.02 8.50
C GLY A 41 7.96 2.10 7.38
N TRP A 42 7.01 1.22 7.70
CA TRP A 42 6.48 0.28 6.72
C TRP A 42 4.96 0.29 6.71
N PHE A 43 4.37 -0.36 5.72
CA PHE A 43 2.92 -0.43 5.61
C PHE A 43 2.46 -1.85 5.26
N VAL A 44 1.30 -2.24 5.79
CA VAL A 44 0.75 -3.56 5.53
C VAL A 44 -0.65 -3.48 4.95
N GLY A 45 -0.81 -3.97 3.73
CA GLY A 45 -2.11 -3.93 3.08
C GLY A 45 -2.17 -4.83 1.85
N VAL A 46 -2.93 -4.42 0.85
CA VAL A 46 -3.07 -5.19 -0.38
C VAL A 46 -2.79 -4.33 -1.60
N SER A 47 -2.43 -5.00 -2.70
CA SER A 47 -2.12 -4.29 -3.95
C SER A 47 -3.39 -4.07 -4.77
N ARG A 48 -3.25 -3.38 -5.90
CA ARG A 48 -4.38 -3.10 -6.77
C ARG A 48 -4.17 -3.74 -8.14
N ARG A 49 -3.04 -4.39 -8.32
CA ARG A 49 -2.71 -5.05 -9.58
C ARG A 49 -2.77 -6.57 -9.44
N THR A 50 -2.34 -7.06 -8.29
CA THR A 50 -2.32 -8.50 -8.02
C THR A 50 -3.31 -8.86 -6.92
N GLN A 51 -3.74 -7.85 -6.16
CA GLN A 51 -4.70 -8.07 -5.07
C GLN A 51 -4.13 -9.04 -4.05
N LYS A 52 -2.82 -8.99 -3.84
CA LYS A 52 -2.15 -9.86 -2.88
C LYS A 52 -1.90 -9.13 -1.57
N PHE A 53 -1.80 -9.89 -0.48
CA PHE A 53 -1.56 -9.32 0.84
C PHE A 53 -0.12 -9.56 1.27
N GLY A 54 0.46 -8.55 1.92
CA GLY A 54 1.84 -8.65 2.38
C GLY A 54 2.32 -7.39 3.07
N THR A 55 3.63 -7.16 3.02
CA THR A 55 4.22 -5.98 3.65
C THR A 55 5.25 -5.34 2.72
N PHE A 56 5.18 -4.02 2.61
CA PHE A 56 6.10 -3.27 1.77
C PHE A 56 6.52 -1.96 2.43
N PRO A 57 7.71 -1.45 2.06
CA PRO A 57 8.24 -0.21 2.61
C PRO A 57 7.47 1.01 2.14
N GLY A 58 6.69 1.61 3.04
CA GLY A 58 5.91 2.78 2.70
C GLY A 58 6.72 3.83 1.98
N ASN A 59 8.03 3.83 2.22
CA ASN A 59 8.93 4.80 1.60
C ASN A 59 8.74 4.80 0.08
N TYR A 60 8.19 3.71 -0.44
CA TYR A 60 7.97 3.59 -1.88
C TYR A 60 6.58 4.10 -2.26
N VAL A 61 5.63 3.95 -1.34
CA VAL A 61 4.27 4.40 -1.57
C VAL A 61 3.96 5.68 -0.80
N ALA A 62 2.78 6.23 -1.03
CA ALA A 62 2.36 7.45 -0.35
C ALA A 62 0.84 7.54 -0.24
N PRO A 63 0.36 8.20 0.81
CA PRO A 63 -1.08 8.37 1.06
C PRO A 63 -1.73 9.31 0.05
N VAL A 64 -2.51 8.74 -0.86
CA VAL A 64 -3.20 9.51 -1.88
C VAL A 64 -4.51 10.07 -1.36
N SER A 65 -5.05 9.43 -0.33
CA SER A 65 -6.30 9.87 0.27
C SER A 65 -6.32 11.37 0.49
N GLY A 66 -5.16 11.93 0.84
CA GLY A 66 -5.06 13.35 1.07
C GLY A 66 -5.02 13.71 2.55
N PRO A 67 -5.38 14.96 2.87
CA PRO A 67 -5.40 15.44 4.25
C PRO A 67 -6.51 14.81 5.08
N SER A 68 -6.17 13.77 5.82
CA SER A 68 -7.14 13.08 6.66
C SER A 68 -6.85 13.31 8.14
N SER A 69 -7.40 14.38 8.68
CA SER A 69 -7.21 14.72 10.09
C SER A 69 -8.54 14.71 10.84
N GLY A 70 -8.47 14.46 12.15
CA GLY A 70 -9.67 14.44 12.96
C GLY A 70 -9.72 13.23 13.87
N GLY A 1 -25.43 -5.82 4.56
CA GLY A 1 -24.08 -5.33 4.69
C GLY A 1 -23.31 -6.04 5.78
N SER A 2 -22.15 -5.49 6.14
CA SER A 2 -21.31 -6.08 7.17
C SER A 2 -20.28 -5.08 7.67
N SER A 3 -20.12 -5.00 8.99
CA SER A 3 -19.17 -4.08 9.60
C SER A 3 -17.73 -4.55 9.35
N GLY A 4 -16.80 -3.60 9.41
CA GLY A 4 -15.40 -3.93 9.20
C GLY A 4 -14.60 -2.74 8.72
N SER A 5 -13.44 -3.01 8.12
CA SER A 5 -12.57 -1.96 7.61
C SER A 5 -12.40 -2.07 6.10
N SER A 6 -12.00 -0.96 5.47
CA SER A 6 -11.81 -0.93 4.03
C SER A 6 -10.35 -0.65 3.69
N GLY A 7 -9.73 0.25 4.44
CA GLY A 7 -8.34 0.58 4.20
C GLY A 7 -8.18 1.93 3.51
N THR A 8 -7.06 2.59 3.77
CA THR A 8 -6.79 3.89 3.16
C THR A 8 -6.10 3.74 1.80
N PRO A 9 -6.52 4.57 0.84
CA PRO A 9 -5.96 4.54 -0.52
C PRO A 9 -4.52 5.06 -0.56
N TYR A 10 -3.73 4.48 -1.44
CA TYR A 10 -2.33 4.87 -1.58
C TYR A 10 -1.87 4.74 -3.04
N ARG A 11 -0.63 5.15 -3.29
CA ARG A 11 -0.06 5.08 -4.64
C ARG A 11 1.44 4.82 -4.59
N ALA A 12 1.90 3.86 -5.39
CA ALA A 12 3.31 3.52 -5.44
C ALA A 12 4.09 4.52 -6.28
N MET A 13 4.85 5.39 -5.62
CA MET A 13 5.65 6.40 -6.30
C MET A 13 6.71 5.74 -7.18
N TYR A 14 7.00 4.48 -6.90
CA TYR A 14 8.00 3.75 -7.67
C TYR A 14 7.75 2.24 -7.58
N GLN A 15 8.11 1.53 -8.65
CA GLN A 15 7.92 0.09 -8.70
C GLN A 15 8.81 -0.61 -7.67
N TYR A 16 8.27 -1.65 -7.04
CA TYR A 16 9.01 -2.40 -6.04
C TYR A 16 9.29 -3.83 -6.51
N ARG A 17 10.39 -4.39 -6.05
CA ARG A 17 10.77 -5.75 -6.43
C ARG A 17 10.92 -6.63 -5.20
N PRO A 18 9.81 -7.25 -4.77
CA PRO A 18 9.79 -8.14 -3.60
C PRO A 18 10.53 -9.44 -3.85
N GLN A 19 11.52 -9.72 -3.01
CA GLN A 19 12.31 -10.95 -3.14
C GLN A 19 11.45 -12.17 -2.86
N ASN A 20 10.50 -12.03 -1.95
CA ASN A 20 9.61 -13.13 -1.60
C ASN A 20 8.16 -12.70 -1.64
N GLU A 21 7.25 -13.67 -1.67
CA GLU A 21 5.82 -13.39 -1.72
C GLU A 21 5.39 -12.57 -0.50
N ASP A 22 6.06 -12.81 0.63
CA ASP A 22 5.75 -12.09 1.86
C ASP A 22 5.53 -10.61 1.60
N GLU A 23 6.47 -10.00 0.87
CA GLU A 23 6.38 -8.59 0.54
C GLU A 23 5.48 -8.36 -0.67
N LEU A 24 4.69 -7.29 -0.61
CA LEU A 24 3.77 -6.96 -1.70
C LEU A 24 4.49 -6.16 -2.78
N GLU A 25 4.36 -6.60 -4.03
CA GLU A 25 5.00 -5.92 -5.15
C GLU A 25 4.27 -4.62 -5.49
N LEU A 26 4.96 -3.72 -6.16
CA LEU A 26 4.39 -2.43 -6.55
C LEU A 26 4.89 -2.00 -7.92
N ARG A 27 4.20 -1.02 -8.51
CA ARG A 27 4.58 -0.51 -9.81
C ARG A 27 4.31 0.99 -9.92
N GLU A 28 5.31 1.74 -10.40
CA GLU A 28 5.17 3.18 -10.55
C GLU A 28 3.85 3.54 -11.22
N GLY A 29 2.98 4.23 -10.49
CA GLY A 29 1.70 4.62 -11.03
C GLY A 29 0.60 3.62 -10.73
N ASP A 30 0.72 2.94 -9.59
CA ASP A 30 -0.26 1.95 -9.19
C ASP A 30 -0.83 2.28 -7.81
N ARG A 31 -2.12 2.00 -7.62
CA ARG A 31 -2.79 2.28 -6.35
C ARG A 31 -2.55 1.14 -5.36
N VAL A 32 -2.65 1.46 -4.07
CA VAL A 32 -2.45 0.47 -3.02
C VAL A 32 -3.42 0.69 -1.87
N ASP A 33 -3.93 -0.41 -1.32
CA ASP A 33 -4.86 -0.34 -0.21
C ASP A 33 -4.17 -0.68 1.11
N VAL A 34 -3.87 0.35 1.89
CA VAL A 34 -3.21 0.16 3.18
C VAL A 34 -4.22 0.04 4.31
N MET A 35 -4.05 -0.99 5.14
CA MET A 35 -4.95 -1.22 6.26
C MET A 35 -4.19 -1.19 7.59
N GLN A 36 -2.98 -1.72 7.57
CA GLN A 36 -2.15 -1.76 8.77
C GLN A 36 -0.79 -1.11 8.51
N GLN A 37 -0.20 -0.55 9.57
CA GLN A 37 1.10 0.09 9.46
C GLN A 37 2.06 -0.43 10.52
N CYS A 38 3.35 -0.39 10.20
CA CYS A 38 4.38 -0.85 11.13
C CYS A 38 5.08 0.32 11.81
N ASP A 39 5.77 0.04 12.92
CA ASP A 39 6.48 1.07 13.66
C ASP A 39 7.83 1.36 13.02
N ASP A 40 8.45 0.34 12.45
CA ASP A 40 9.74 0.49 11.80
C ASP A 40 9.68 1.52 10.68
N GLY A 41 8.53 1.58 10.01
CA GLY A 41 8.35 2.53 8.92
C GLY A 41 7.79 1.88 7.68
N TRP A 42 7.36 0.63 7.81
CA TRP A 42 6.79 -0.10 6.69
C TRP A 42 5.27 -0.18 6.78
N PHE A 43 4.61 -0.34 5.65
CA PHE A 43 3.15 -0.42 5.60
C PHE A 43 2.70 -1.84 5.27
N VAL A 44 1.47 -2.17 5.64
CA VAL A 44 0.91 -3.48 5.38
C VAL A 44 -0.50 -3.38 4.80
N GLY A 45 -0.67 -3.83 3.57
CA GLY A 45 -1.98 -3.79 2.92
C GLY A 45 -2.06 -4.70 1.73
N VAL A 46 -2.90 -4.33 0.76
CA VAL A 46 -3.07 -5.12 -0.44
C VAL A 46 -2.72 -4.31 -1.69
N SER A 47 -2.35 -5.01 -2.76
CA SER A 47 -1.98 -4.37 -4.01
C SER A 47 -3.20 -4.19 -4.91
N ARG A 48 -3.01 -3.47 -6.00
CA ARG A 48 -4.10 -3.22 -6.95
C ARG A 48 -3.80 -3.84 -8.31
N ARG A 49 -2.75 -4.66 -8.36
CA ARG A 49 -2.34 -5.32 -9.59
C ARG A 49 -2.32 -6.83 -9.42
N THR A 50 -1.80 -7.28 -8.28
CA THR A 50 -1.72 -8.71 -7.98
C THR A 50 -2.75 -9.12 -6.94
N GLN A 51 -3.30 -8.13 -6.24
CA GLN A 51 -4.30 -8.39 -5.21
C GLN A 51 -3.73 -9.27 -4.10
N LYS A 52 -2.43 -9.14 -3.87
CA LYS A 52 -1.75 -9.93 -2.84
C LYS A 52 -1.72 -9.17 -1.52
N PHE A 53 -1.45 -9.89 -0.43
CA PHE A 53 -1.38 -9.30 0.89
C PHE A 53 -0.01 -9.53 1.52
N GLY A 54 0.50 -8.50 2.19
CA GLY A 54 1.80 -8.61 2.84
C GLY A 54 2.28 -7.29 3.41
N THR A 55 3.60 -7.09 3.43
CA THR A 55 4.18 -5.87 3.96
C THR A 55 5.16 -5.26 2.96
N PHE A 56 5.06 -3.95 2.77
CA PHE A 56 5.93 -3.24 1.84
C PHE A 56 6.42 -1.93 2.45
N PRO A 57 7.56 -1.43 1.95
CA PRO A 57 8.17 -0.18 2.43
C PRO A 57 7.35 1.04 2.04
N GLY A 58 6.88 1.78 3.05
CA GLY A 58 6.09 2.97 2.78
C GLY A 58 6.87 4.04 2.06
N ASN A 59 8.18 3.83 1.94
CA ASN A 59 9.05 4.79 1.26
C ASN A 59 8.84 4.75 -0.25
N TYR A 60 8.11 3.73 -0.70
CA TYR A 60 7.84 3.57 -2.13
C TYR A 60 6.44 4.09 -2.47
N VAL A 61 5.52 3.98 -1.52
CA VAL A 61 4.15 4.44 -1.73
C VAL A 61 3.87 5.72 -0.95
N ALA A 62 2.69 6.28 -1.14
CA ALA A 62 2.30 7.51 -0.45
C ALA A 62 0.79 7.61 -0.32
N PRO A 63 0.32 8.28 0.74
CA PRO A 63 -1.11 8.46 1.00
C PRO A 63 -1.75 9.42 0.00
N VAL A 64 -2.59 8.87 -0.87
CA VAL A 64 -3.28 9.67 -1.87
C VAL A 64 -4.60 10.21 -1.33
N SER A 65 -5.10 9.59 -0.26
CA SER A 65 -6.35 10.02 0.35
C SER A 65 -6.34 11.51 0.66
N GLY A 66 -5.14 12.07 0.77
CA GLY A 66 -5.00 13.49 1.05
C GLY A 66 -6.04 14.33 0.31
N PRO A 67 -6.48 15.42 0.95
CA PRO A 67 -7.47 16.33 0.36
C PRO A 67 -6.91 17.12 -0.81
N SER A 68 -7.79 17.61 -1.66
CA SER A 68 -7.38 18.38 -2.83
C SER A 68 -8.36 19.53 -3.10
N SER A 69 -7.87 20.76 -2.92
CA SER A 69 -8.70 21.95 -3.14
C SER A 69 -9.01 22.13 -4.61
N GLY A 70 -10.12 22.81 -4.89
CA GLY A 70 -10.52 23.04 -6.27
C GLY A 70 -11.92 23.60 -6.39
N GLY A 1 -14.56 -6.95 18.05
CA GLY A 1 -13.30 -7.39 17.47
C GLY A 1 -13.19 -7.06 16.00
N SER A 2 -12.33 -6.10 15.67
CA SER A 2 -12.13 -5.69 14.29
C SER A 2 -10.65 -5.69 13.93
N SER A 3 -10.27 -6.55 12.99
CA SER A 3 -8.88 -6.65 12.56
C SER A 3 -8.72 -6.13 11.14
N GLY A 4 -8.28 -4.88 11.01
CA GLY A 4 -8.10 -4.28 9.71
C GLY A 4 -9.34 -4.37 8.85
N SER A 5 -10.32 -3.52 9.12
CA SER A 5 -11.57 -3.50 8.37
C SER A 5 -11.48 -2.54 7.19
N SER A 6 -11.20 -1.27 7.50
CA SER A 6 -11.10 -0.25 6.47
C SER A 6 -9.66 -0.11 5.98
N GLY A 7 -9.50 0.39 4.75
CA GLY A 7 -8.17 0.56 4.19
C GLY A 7 -8.02 1.88 3.46
N THR A 8 -6.94 2.60 3.76
CA THR A 8 -6.68 3.89 3.13
C THR A 8 -5.99 3.71 1.79
N PRO A 9 -6.40 4.50 0.79
CA PRO A 9 -5.83 4.45 -0.55
C PRO A 9 -4.40 4.99 -0.60
N TYR A 10 -3.59 4.41 -1.48
CA TYR A 10 -2.20 4.82 -1.61
C TYR A 10 -1.74 4.71 -3.07
N ARG A 11 -0.51 5.16 -3.33
CA ARG A 11 0.04 5.12 -4.68
C ARG A 11 1.54 4.86 -4.63
N ALA A 12 1.98 3.79 -5.29
CA ALA A 12 3.40 3.44 -5.33
C ALA A 12 4.19 4.47 -6.12
N MET A 13 4.92 5.32 -5.40
CA MET A 13 5.74 6.34 -6.02
C MET A 13 6.84 5.72 -6.88
N TYR A 14 7.25 4.51 -6.53
CA TYR A 14 8.29 3.81 -7.27
C TYR A 14 8.07 2.31 -7.22
N GLN A 15 8.26 1.66 -8.37
CA GLN A 15 8.07 0.21 -8.47
C GLN A 15 8.93 -0.52 -7.44
N TYR A 16 8.40 -1.61 -6.91
CA TYR A 16 9.12 -2.40 -5.92
C TYR A 16 9.30 -3.84 -6.38
N ARG A 17 10.52 -4.35 -6.29
CA ARG A 17 10.82 -5.71 -6.69
C ARG A 17 11.03 -6.61 -5.48
N PRO A 18 9.93 -7.20 -4.98
CA PRO A 18 9.97 -8.09 -3.82
C PRO A 18 10.65 -9.42 -4.13
N GLN A 19 11.71 -9.73 -3.38
CA GLN A 19 12.45 -10.96 -3.58
C GLN A 19 11.69 -12.15 -3.00
N ASN A 20 10.79 -11.87 -2.05
CA ASN A 20 10.00 -12.92 -1.42
C ASN A 20 8.51 -12.63 -1.57
N GLU A 21 7.71 -13.69 -1.50
CA GLU A 21 6.25 -13.54 -1.62
C GLU A 21 5.70 -12.64 -0.53
N ASP A 22 6.08 -12.92 0.72
CA ASP A 22 5.63 -12.13 1.86
C ASP A 22 5.49 -10.65 1.47
N GLU A 23 6.51 -10.12 0.80
CA GLU A 23 6.51 -8.73 0.39
C GLU A 23 5.56 -8.52 -0.80
N LEU A 24 4.87 -7.38 -0.80
CA LEU A 24 3.93 -7.06 -1.88
C LEU A 24 4.62 -6.25 -2.97
N GLU A 25 4.41 -6.65 -4.23
CA GLU A 25 5.00 -5.95 -5.36
C GLU A 25 4.25 -4.66 -5.65
N LEU A 26 4.98 -3.66 -6.15
CA LEU A 26 4.39 -2.37 -6.48
C LEU A 26 4.75 -1.95 -7.89
N ARG A 27 4.09 -0.91 -8.39
CA ARG A 27 4.35 -0.40 -9.73
C ARG A 27 4.23 1.12 -9.77
N GLU A 28 5.16 1.76 -10.46
CA GLU A 28 5.14 3.22 -10.58
C GLU A 28 3.83 3.72 -11.16
N GLY A 29 3.00 4.33 -10.32
CA GLY A 29 1.72 4.83 -10.78
C GLY A 29 0.59 3.85 -10.54
N ASP A 30 0.71 3.07 -9.47
CA ASP A 30 -0.31 2.08 -9.12
C ASP A 30 -0.90 2.37 -7.74
N ARG A 31 -2.20 2.13 -7.60
CA ARG A 31 -2.89 2.36 -6.33
C ARG A 31 -2.64 1.21 -5.36
N VAL A 32 -2.62 1.53 -4.07
CA VAL A 32 -2.40 0.52 -3.04
C VAL A 32 -3.32 0.74 -1.85
N ASP A 33 -3.88 -0.36 -1.34
CA ASP A 33 -4.78 -0.29 -0.20
C ASP A 33 -4.05 -0.61 1.09
N VAL A 34 -3.83 0.41 1.91
CA VAL A 34 -3.14 0.25 3.18
C VAL A 34 -4.11 0.15 4.34
N MET A 35 -3.96 -0.89 5.16
CA MET A 35 -4.84 -1.10 6.31
C MET A 35 -4.06 -0.99 7.61
N GLN A 36 -2.96 -1.73 7.69
CA GLN A 36 -2.12 -1.72 8.89
C GLN A 36 -0.77 -1.06 8.61
N GLN A 37 -0.21 -0.41 9.62
CA GLN A 37 1.08 0.25 9.48
C GLN A 37 2.10 -0.35 10.44
N CYS A 38 3.38 -0.25 10.06
CA CYS A 38 4.46 -0.79 10.89
C CYS A 38 5.12 0.31 11.70
N ASP A 39 5.53 -0.02 12.92
CA ASP A 39 6.19 0.94 13.80
C ASP A 39 7.47 1.46 13.17
N ASP A 40 8.17 0.59 12.46
CA ASP A 40 9.42 0.96 11.81
C ASP A 40 9.17 1.96 10.67
N GLY A 41 8.08 1.75 9.95
CA GLY A 41 7.75 2.63 8.84
C GLY A 41 7.06 1.90 7.71
N TRP A 42 7.33 0.61 7.59
CA TRP A 42 6.74 -0.20 6.53
C TRP A 42 5.21 -0.20 6.63
N PHE A 43 4.55 -0.42 5.51
CA PHE A 43 3.10 -0.45 5.47
C PHE A 43 2.58 -1.84 5.08
N VAL A 44 1.45 -2.23 5.66
CA VAL A 44 0.86 -3.52 5.38
C VAL A 44 -0.56 -3.37 4.83
N GLY A 45 -0.77 -3.89 3.62
CA GLY A 45 -2.07 -3.80 2.99
C GLY A 45 -2.24 -4.77 1.84
N VAL A 46 -2.87 -4.32 0.77
CA VAL A 46 -3.08 -5.15 -0.40
C VAL A 46 -2.79 -4.39 -1.69
N SER A 47 -2.36 -5.11 -2.71
CA SER A 47 -2.05 -4.49 -4.01
C SER A 47 -3.30 -4.36 -4.86
N ARG A 48 -3.16 -3.71 -6.01
CA ARG A 48 -4.28 -3.51 -6.92
C ARG A 48 -4.05 -4.26 -8.23
N ARG A 49 -2.93 -4.97 -8.32
CA ARG A 49 -2.60 -5.73 -9.51
C ARG A 49 -2.75 -7.23 -9.25
N THR A 50 -2.18 -7.69 -8.14
CA THR A 50 -2.25 -9.10 -7.78
C THR A 50 -3.18 -9.32 -6.59
N GLN A 51 -3.83 -8.25 -6.14
CA GLN A 51 -4.74 -8.33 -5.02
C GLN A 51 -4.19 -9.23 -3.92
N LYS A 52 -2.88 -9.18 -3.72
CA LYS A 52 -2.22 -9.98 -2.71
C LYS A 52 -2.03 -9.19 -1.41
N PHE A 53 -1.76 -9.90 -0.33
CA PHE A 53 -1.55 -9.27 0.97
C PHE A 53 -0.14 -9.53 1.48
N GLY A 54 0.54 -8.46 1.88
CA GLY A 54 1.90 -8.58 2.39
C GLY A 54 2.40 -7.32 3.05
N THR A 55 3.71 -7.14 3.08
CA THR A 55 4.31 -5.97 3.69
C THR A 55 5.34 -5.33 2.75
N PHE A 56 5.26 -4.01 2.62
CA PHE A 56 6.18 -3.27 1.75
C PHE A 56 6.60 -1.96 2.40
N PRO A 57 7.76 -1.43 1.98
CA PRO A 57 8.30 -0.17 2.51
C PRO A 57 7.48 1.03 2.06
N GLY A 58 6.71 1.59 3.00
CA GLY A 58 5.88 2.75 2.68
C GLY A 58 6.68 3.84 1.99
N ASN A 59 8.00 3.79 2.13
CA ASN A 59 8.87 4.80 1.51
C ASN A 59 8.71 4.80 -0.01
N TYR A 60 8.11 3.73 -0.53
CA TYR A 60 7.91 3.61 -1.97
C TYR A 60 6.52 4.09 -2.36
N VAL A 61 5.59 4.04 -1.40
CA VAL A 61 4.22 4.47 -1.65
C VAL A 61 3.90 5.76 -0.89
N ALA A 62 2.75 6.34 -1.18
CA ALA A 62 2.32 7.58 -0.52
C ALA A 62 0.81 7.66 -0.44
N PRO A 63 0.31 8.34 0.61
CA PRO A 63 -1.12 8.51 0.83
C PRO A 63 -1.78 9.42 -0.20
N VAL A 64 -2.54 8.83 -1.11
CA VAL A 64 -3.22 9.59 -2.15
C VAL A 64 -4.51 10.21 -1.63
N SER A 65 -5.04 9.64 -0.56
CA SER A 65 -6.28 10.14 0.04
C SER A 65 -6.24 11.66 0.18
N GLY A 66 -5.05 12.19 0.44
CA GLY A 66 -4.90 13.62 0.60
C GLY A 66 -4.99 14.06 2.04
N PRO A 67 -5.19 15.38 2.26
CA PRO A 67 -5.30 15.95 3.60
C PRO A 67 -6.59 15.55 4.30
N SER A 68 -7.51 14.95 3.55
CA SER A 68 -8.79 14.51 4.09
C SER A 68 -8.61 13.94 5.49
N SER A 69 -9.38 14.45 6.44
CA SER A 69 -9.31 13.99 7.82
C SER A 69 -9.83 12.55 7.94
N GLY A 70 -9.30 11.83 8.92
CA GLY A 70 -9.71 10.45 9.12
C GLY A 70 -9.14 9.51 8.07
N GLY A 1 -25.06 -0.65 -4.82
CA GLY A 1 -23.84 -1.30 -4.40
C GLY A 1 -22.76 -0.32 -3.99
N SER A 2 -23.03 0.44 -2.94
CA SER A 2 -22.08 1.43 -2.45
C SER A 2 -20.67 0.86 -2.42
N SER A 3 -19.70 1.66 -2.84
CA SER A 3 -18.31 1.23 -2.88
C SER A 3 -17.63 1.48 -1.53
N GLY A 4 -17.91 0.61 -0.56
CA GLY A 4 -17.32 0.76 0.76
C GLY A 4 -15.89 0.25 0.81
N SER A 5 -15.06 0.92 1.60
CA SER A 5 -13.67 0.52 1.75
C SER A 5 -13.16 0.81 3.15
N SER A 6 -12.47 -0.16 3.73
CA SER A 6 -11.94 -0.02 5.09
C SER A 6 -10.52 0.54 5.05
N GLY A 7 -9.63 -0.14 4.32
CA GLY A 7 -8.26 0.30 4.21
C GLY A 7 -8.13 1.64 3.51
N THR A 8 -7.07 2.38 3.82
CA THR A 8 -6.85 3.68 3.21
C THR A 8 -6.14 3.54 1.87
N PRO A 9 -6.58 4.34 0.88
CA PRO A 9 -6.01 4.33 -0.46
C PRO A 9 -4.59 4.89 -0.50
N TYR A 10 -3.75 4.31 -1.35
CA TYR A 10 -2.37 4.75 -1.48
C TYR A 10 -1.90 4.67 -2.93
N ARG A 11 -0.67 5.11 -3.18
CA ARG A 11 -0.10 5.08 -4.53
C ARG A 11 1.40 4.80 -4.47
N ALA A 12 1.84 3.85 -5.28
CA ALA A 12 3.26 3.48 -5.32
C ALA A 12 4.06 4.53 -6.11
N MET A 13 4.80 5.35 -5.37
CA MET A 13 5.61 6.40 -6.00
C MET A 13 6.69 5.78 -6.89
N TYR A 14 7.10 4.56 -6.56
CA TYR A 14 8.12 3.86 -7.32
C TYR A 14 7.91 2.36 -7.28
N GLN A 15 8.18 1.69 -8.40
CA GLN A 15 8.02 0.24 -8.48
C GLN A 15 8.93 -0.47 -7.49
N TYR A 16 8.43 -1.54 -6.89
CA TYR A 16 9.20 -2.32 -5.93
C TYR A 16 9.48 -3.72 -6.45
N ARG A 17 10.58 -4.30 -5.99
CA ARG A 17 10.97 -5.64 -6.41
C ARG A 17 11.13 -6.56 -5.20
N PRO A 18 10.02 -7.21 -4.81
CA PRO A 18 10.00 -8.13 -3.66
C PRO A 18 10.77 -9.42 -3.95
N GLN A 19 11.74 -9.72 -3.10
CA GLN A 19 12.55 -10.92 -3.26
C GLN A 19 11.74 -12.18 -2.92
N ASN A 20 10.78 -12.02 -2.01
CA ASN A 20 9.94 -13.14 -1.60
C ASN A 20 8.46 -12.79 -1.75
N GLU A 21 7.62 -13.82 -1.82
CA GLU A 21 6.18 -13.62 -1.97
C GLU A 21 5.61 -12.89 -0.76
N ASP A 22 6.35 -12.92 0.35
CA ASP A 22 5.92 -12.27 1.58
C ASP A 22 5.64 -10.79 1.34
N GLU A 23 6.57 -10.13 0.65
CA GLU A 23 6.44 -8.70 0.36
C GLU A 23 5.48 -8.47 -0.82
N LEU A 24 4.84 -7.31 -0.84
CA LEU A 24 3.91 -6.98 -1.90
C LEU A 24 4.59 -6.15 -2.99
N GLU A 25 4.49 -6.63 -4.23
CA GLU A 25 5.10 -5.94 -5.36
C GLU A 25 4.31 -4.69 -5.73
N LEU A 26 5.02 -3.58 -5.94
CA LEU A 26 4.39 -2.32 -6.29
C LEU A 26 4.87 -1.83 -7.65
N ARG A 27 4.16 -0.85 -8.21
CA ARG A 27 4.52 -0.30 -9.52
C ARG A 27 4.34 1.22 -9.53
N GLU A 28 5.26 1.92 -10.17
CA GLU A 28 5.20 3.37 -10.26
C GLU A 28 3.89 3.82 -10.89
N GLY A 29 3.09 4.55 -10.11
CA GLY A 29 1.81 5.03 -10.60
C GLY A 29 0.70 4.01 -10.46
N ASP A 30 0.70 3.31 -9.34
CA ASP A 30 -0.32 2.29 -9.07
C ASP A 30 -0.95 2.50 -7.69
N ARG A 31 -2.25 2.23 -7.61
CA ARG A 31 -2.98 2.38 -6.35
C ARG A 31 -2.71 1.20 -5.42
N VAL A 32 -2.65 1.48 -4.12
CA VAL A 32 -2.41 0.44 -3.13
C VAL A 32 -3.32 0.62 -1.92
N ASP A 33 -3.91 -0.49 -1.45
CA ASP A 33 -4.80 -0.46 -0.31
C ASP A 33 -4.04 -0.76 0.98
N VAL A 34 -3.93 0.24 1.85
CA VAL A 34 -3.23 0.08 3.11
C VAL A 34 -4.21 0.00 4.28
N MET A 35 -4.07 -1.05 5.09
CA MET A 35 -4.95 -1.24 6.25
C MET A 35 -4.17 -1.04 7.54
N GLN A 36 -3.08 -1.77 7.69
CA GLN A 36 -2.26 -1.69 8.89
C GLN A 36 -0.94 -0.99 8.60
N GLN A 37 -0.40 -0.31 9.60
CA GLN A 37 0.87 0.41 9.45
C GLN A 37 1.90 -0.07 10.47
N CYS A 38 3.17 -0.03 10.08
CA CYS A 38 4.25 -0.46 10.98
C CYS A 38 4.93 0.75 11.62
N ASP A 39 5.72 0.49 12.64
CA ASP A 39 6.44 1.55 13.35
C ASP A 39 7.70 1.95 12.60
N ASP A 40 8.59 0.99 12.40
CA ASP A 40 9.84 1.24 11.69
C ASP A 40 9.61 2.19 10.52
N GLY A 41 8.55 1.94 9.76
CA GLY A 41 8.25 2.78 8.62
C GLY A 41 7.77 1.98 7.42
N TRP A 42 7.02 0.92 7.68
CA TRP A 42 6.50 0.07 6.62
C TRP A 42 4.97 0.02 6.64
N PHE A 43 4.38 -0.36 5.52
CA PHE A 43 2.93 -0.44 5.42
C PHE A 43 2.49 -1.86 5.05
N VAL A 44 1.34 -2.26 5.59
CA VAL A 44 0.80 -3.59 5.32
C VAL A 44 -0.63 -3.52 4.80
N GLY A 45 -0.84 -4.04 3.59
CA GLY A 45 -2.17 -4.01 3.00
C GLY A 45 -2.28 -4.96 1.82
N VAL A 46 -3.01 -4.52 0.79
CA VAL A 46 -3.20 -5.33 -0.41
C VAL A 46 -2.87 -4.53 -1.67
N SER A 47 -2.45 -5.24 -2.71
CA SER A 47 -2.10 -4.60 -3.98
C SER A 47 -3.33 -4.40 -4.85
N ARG A 48 -3.17 -3.72 -5.97
CA ARG A 48 -4.26 -3.47 -6.90
C ARG A 48 -4.05 -4.20 -8.21
N ARG A 49 -2.94 -4.93 -8.31
CA ARG A 49 -2.62 -5.68 -9.52
C ARG A 49 -2.61 -7.17 -9.24
N THR A 50 -2.07 -7.55 -8.08
CA THR A 50 -1.99 -8.96 -7.70
C THR A 50 -3.01 -9.29 -6.62
N GLN A 51 -3.72 -8.27 -6.14
CA GLN A 51 -4.72 -8.46 -5.11
C GLN A 51 -4.21 -9.38 -4.01
N LYS A 52 -2.92 -9.28 -3.72
CA LYS A 52 -2.30 -10.11 -2.69
C LYS A 52 -2.12 -9.31 -1.40
N PHE A 53 -1.88 -10.03 -0.30
CA PHE A 53 -1.68 -9.39 1.00
C PHE A 53 -0.27 -9.64 1.51
N GLY A 54 0.42 -8.57 1.88
CA GLY A 54 1.77 -8.69 2.39
C GLY A 54 2.29 -7.40 3.01
N THR A 55 3.60 -7.27 3.11
CA THR A 55 4.21 -6.08 3.69
C THR A 55 5.21 -5.45 2.73
N PHE A 56 5.17 -4.12 2.63
CA PHE A 56 6.07 -3.40 1.75
C PHE A 56 6.52 -2.08 2.38
N PRO A 57 7.67 -1.56 1.94
CA PRO A 57 8.23 -0.31 2.45
C PRO A 57 7.41 0.90 2.03
N GLY A 58 6.74 1.53 3.00
CA GLY A 58 5.93 2.69 2.70
C GLY A 58 6.71 3.78 1.99
N ASN A 59 8.03 3.69 2.07
CA ASN A 59 8.91 4.68 1.43
C ASN A 59 8.70 4.69 -0.08
N TYR A 60 8.07 3.63 -0.60
CA TYR A 60 7.82 3.52 -2.03
C TYR A 60 6.42 4.00 -2.37
N VAL A 61 5.51 3.93 -1.41
CA VAL A 61 4.13 4.36 -1.60
C VAL A 61 3.84 5.63 -0.81
N ALA A 62 2.66 6.21 -1.06
CA ALA A 62 2.26 7.44 -0.38
C ALA A 62 0.75 7.54 -0.31
N PRO A 63 0.25 8.25 0.72
CA PRO A 63 -1.19 8.45 0.93
C PRO A 63 -1.81 9.37 -0.13
N VAL A 64 -2.45 8.77 -1.11
CA VAL A 64 -3.09 9.53 -2.18
C VAL A 64 -4.23 10.39 -1.64
N SER A 65 -4.92 9.87 -0.63
CA SER A 65 -6.04 10.58 -0.02
C SER A 65 -5.72 12.07 0.12
N GLY A 66 -4.45 12.37 0.39
CA GLY A 66 -4.05 13.76 0.55
C GLY A 66 -3.80 14.13 2.00
N PRO A 67 -3.43 15.40 2.23
CA PRO A 67 -3.16 15.91 3.58
C PRO A 67 -4.42 16.00 4.43
N SER A 68 -4.23 16.05 5.74
CA SER A 68 -5.35 16.14 6.67
C SER A 68 -5.14 17.28 7.67
N SER A 69 -3.92 17.36 8.21
CA SER A 69 -3.59 18.39 9.19
C SER A 69 -2.14 18.84 9.02
N GLY A 70 -1.86 20.07 9.44
CA GLY A 70 -0.51 20.60 9.34
C GLY A 70 -0.47 21.94 8.65
N GLY A 1 -23.53 2.33 6.03
CA GLY A 1 -23.78 0.99 6.57
C GLY A 1 -22.70 0.56 7.55
N SER A 2 -22.41 -0.74 7.56
CA SER A 2 -21.40 -1.28 8.47
C SER A 2 -20.16 -1.73 7.69
N SER A 3 -20.38 -2.56 6.68
CA SER A 3 -19.29 -3.05 5.86
C SER A 3 -18.80 -1.99 4.88
N GLY A 4 -17.78 -2.33 4.10
CA GLY A 4 -17.23 -1.39 3.14
C GLY A 4 -15.86 -1.78 2.66
N SER A 5 -15.07 -0.80 2.24
CA SER A 5 -13.71 -1.04 1.76
C SER A 5 -12.68 -0.67 2.81
N SER A 6 -12.33 -1.64 3.65
CA SER A 6 -11.35 -1.42 4.71
C SER A 6 -9.95 -1.24 4.13
N GLY A 7 -9.34 -0.10 4.42
CA GLY A 7 -8.00 0.17 3.93
C GLY A 7 -7.89 1.54 3.29
N THR A 8 -6.81 2.26 3.62
CA THR A 8 -6.59 3.59 3.08
C THR A 8 -5.97 3.53 1.68
N PRO A 9 -6.45 4.39 0.79
CA PRO A 9 -5.95 4.45 -0.59
C PRO A 9 -4.52 5.01 -0.67
N TYR A 10 -3.66 4.29 -1.37
CA TYR A 10 -2.26 4.71 -1.52
C TYR A 10 -1.80 4.57 -2.97
N ARG A 11 -0.59 5.01 -3.25
CA ARG A 11 -0.03 4.94 -4.59
C ARG A 11 1.48 4.70 -4.54
N ALA A 12 1.96 3.76 -5.36
CA ALA A 12 3.37 3.44 -5.41
C ALA A 12 4.14 4.43 -6.28
N MET A 13 4.85 5.36 -5.64
CA MET A 13 5.62 6.36 -6.35
C MET A 13 6.65 5.71 -7.27
N TYR A 14 7.09 4.51 -6.89
CA TYR A 14 8.09 3.78 -7.67
C TYR A 14 7.84 2.28 -7.61
N GLN A 15 8.38 1.55 -8.58
CA GLN A 15 8.21 0.11 -8.63
C GLN A 15 9.12 -0.59 -7.60
N TYR A 16 8.61 -1.63 -6.99
CA TYR A 16 9.38 -2.38 -5.99
C TYR A 16 9.66 -3.80 -6.47
N ARG A 17 10.70 -4.41 -5.91
CA ARG A 17 11.08 -5.77 -6.28
C ARG A 17 11.23 -6.65 -5.04
N PRO A 18 10.11 -7.27 -4.64
CA PRO A 18 10.09 -8.16 -3.47
C PRO A 18 10.85 -9.45 -3.70
N GLN A 19 11.84 -9.72 -2.83
CA GLN A 19 12.65 -10.93 -2.95
C GLN A 19 11.80 -12.18 -2.70
N ASN A 20 10.79 -12.05 -1.85
CA ASN A 20 9.91 -13.16 -1.52
C ASN A 20 8.45 -12.78 -1.77
N GLU A 21 7.55 -13.75 -1.56
CA GLU A 21 6.13 -13.52 -1.76
C GLU A 21 5.54 -12.72 -0.60
N ASP A 22 6.07 -12.94 0.60
CA ASP A 22 5.60 -12.24 1.79
C ASP A 22 5.44 -10.75 1.51
N GLU A 23 6.45 -10.16 0.87
CA GLU A 23 6.42 -8.73 0.54
C GLU A 23 5.55 -8.48 -0.69
N LEU A 24 4.79 -7.40 -0.65
CA LEU A 24 3.91 -7.04 -1.77
C LEU A 24 4.67 -6.20 -2.80
N GLU A 25 4.47 -6.52 -4.07
CA GLU A 25 5.12 -5.80 -5.15
C GLU A 25 4.36 -4.52 -5.50
N LEU A 26 5.08 -3.54 -6.03
CA LEU A 26 4.47 -2.26 -6.40
C LEU A 26 4.98 -1.80 -7.76
N ARG A 27 4.11 -1.12 -8.51
CA ARG A 27 4.48 -0.62 -9.83
C ARG A 27 4.25 0.89 -9.93
N GLU A 28 5.27 1.60 -10.41
CA GLU A 28 5.18 3.06 -10.53
C GLU A 28 3.84 3.46 -11.13
N GLY A 29 2.98 4.04 -10.30
CA GLY A 29 1.67 4.48 -10.77
C GLY A 29 0.59 3.44 -10.50
N ASP A 30 0.68 2.78 -9.35
CA ASP A 30 -0.31 1.77 -8.98
C ASP A 30 -0.96 2.11 -7.65
N ARG A 31 -2.24 1.79 -7.53
CA ARG A 31 -2.99 2.07 -6.31
C ARG A 31 -2.78 0.96 -5.29
N VAL A 32 -2.77 1.33 -4.01
CA VAL A 32 -2.58 0.37 -2.93
C VAL A 32 -3.63 0.56 -1.83
N ASP A 33 -3.95 -0.53 -1.14
CA ASP A 33 -4.94 -0.48 -0.07
C ASP A 33 -4.29 -0.81 1.27
N VAL A 34 -3.73 0.22 1.91
CA VAL A 34 -3.08 0.04 3.20
C VAL A 34 -4.10 -0.28 4.29
N MET A 35 -3.80 -1.29 5.10
CA MET A 35 -4.68 -1.70 6.18
C MET A 35 -4.07 -1.38 7.54
N GLN A 36 -2.81 -1.78 7.72
CA GLN A 36 -2.11 -1.54 8.97
C GLN A 36 -0.86 -0.69 8.75
N GLN A 37 -0.28 -0.21 9.84
CA GLN A 37 0.92 0.63 9.75
C GLN A 37 1.93 0.24 10.84
N CYS A 38 3.15 -0.04 10.42
CA CYS A 38 4.20 -0.42 11.36
C CYS A 38 4.91 0.81 11.91
N ASP A 39 5.37 0.71 13.15
CA ASP A 39 6.07 1.82 13.80
C ASP A 39 7.51 1.91 13.32
N ASP A 40 7.89 1.00 12.43
CA ASP A 40 9.25 0.98 11.89
C ASP A 40 9.35 1.90 10.67
N GLY A 41 8.26 2.03 9.93
CA GLY A 41 8.26 2.87 8.75
C GLY A 41 7.77 2.15 7.51
N TRP A 42 7.08 1.03 7.71
CA TRP A 42 6.56 0.24 6.61
C TRP A 42 5.03 0.27 6.58
N PHE A 43 4.45 -0.20 5.49
CA PHE A 43 3.00 -0.24 5.35
C PHE A 43 2.52 -1.60 4.88
N VAL A 44 1.53 -2.15 5.56
CA VAL A 44 0.98 -3.45 5.21
C VAL A 44 -0.44 -3.33 4.67
N GLY A 45 -0.65 -3.81 3.45
CA GLY A 45 -1.96 -3.74 2.84
C GLY A 45 -2.10 -4.71 1.69
N VAL A 46 -2.94 -4.34 0.71
CA VAL A 46 -3.16 -5.18 -0.45
C VAL A 46 -2.97 -4.40 -1.76
N SER A 47 -2.38 -5.05 -2.75
CA SER A 47 -2.15 -4.41 -4.04
C SER A 47 -3.43 -4.34 -4.86
N ARG A 48 -3.52 -3.34 -5.73
CA ARG A 48 -4.69 -3.16 -6.58
C ARG A 48 -4.40 -3.62 -8.00
N ARG A 49 -3.43 -4.51 -8.15
CA ARG A 49 -3.05 -5.03 -9.46
C ARG A 49 -2.99 -6.55 -9.45
N THR A 50 -2.50 -7.11 -8.34
CA THR A 50 -2.39 -8.56 -8.21
C THR A 50 -3.30 -9.08 -7.10
N GLN A 51 -4.02 -8.16 -6.45
CA GLN A 51 -4.93 -8.53 -5.38
C GLN A 51 -4.23 -9.41 -4.35
N LYS A 52 -2.93 -9.18 -4.16
CA LYS A 52 -2.15 -9.94 -3.20
C LYS A 52 -2.00 -9.18 -1.89
N PHE A 53 -1.72 -9.91 -0.82
CA PHE A 53 -1.54 -9.29 0.50
C PHE A 53 -0.12 -9.52 1.02
N GLY A 54 0.45 -8.49 1.62
CA GLY A 54 1.80 -8.59 2.15
C GLY A 54 2.28 -7.28 2.75
N THR A 55 3.60 -7.16 2.91
CA THR A 55 4.19 -5.96 3.48
C THR A 55 5.19 -5.33 2.52
N PHE A 56 5.18 -3.99 2.45
CA PHE A 56 6.09 -3.27 1.57
C PHE A 56 6.56 -1.98 2.23
N PRO A 57 7.72 -1.47 1.78
CA PRO A 57 8.31 -0.25 2.31
C PRO A 57 7.52 0.99 1.92
N GLY A 58 6.90 1.63 2.92
CA GLY A 58 6.12 2.83 2.66
C GLY A 58 6.91 3.89 1.93
N ASN A 59 8.23 3.80 2.00
CA ASN A 59 9.11 4.77 1.35
C ASN A 59 8.92 4.74 -0.17
N TYR A 60 8.23 3.72 -0.65
CA TYR A 60 7.97 3.57 -2.08
C TYR A 60 6.56 4.02 -2.43
N VAL A 61 5.69 4.04 -1.43
CA VAL A 61 4.31 4.45 -1.63
C VAL A 61 4.00 5.73 -0.86
N ALA A 62 2.78 6.26 -1.05
CA ALA A 62 2.37 7.48 -0.37
C ALA A 62 0.85 7.55 -0.26
N PRO A 63 0.37 8.14 0.84
CA PRO A 63 -1.06 8.29 1.09
C PRO A 63 -1.72 9.29 0.15
N VAL A 64 -2.37 8.77 -0.89
CA VAL A 64 -3.05 9.62 -1.87
C VAL A 64 -4.34 10.21 -1.29
N SER A 65 -4.83 9.59 -0.22
CA SER A 65 -6.06 10.05 0.42
C SER A 65 -6.05 11.56 0.59
N GLY A 66 -4.88 12.11 0.91
CA GLY A 66 -4.76 13.55 1.10
C GLY A 66 -4.62 13.93 2.57
N PRO A 67 -4.96 15.19 2.88
CA PRO A 67 -4.87 15.70 4.25
C PRO A 67 -5.92 15.09 5.17
N SER A 68 -5.47 14.32 6.16
CA SER A 68 -6.37 13.67 7.10
C SER A 68 -7.08 14.71 7.97
N SER A 69 -8.20 14.31 8.56
CA SER A 69 -8.97 15.21 9.42
C SER A 69 -8.55 15.05 10.88
N GLY A 70 -8.35 13.81 11.31
CA GLY A 70 -7.95 13.56 12.68
C GLY A 70 -7.79 12.08 12.97
N GLY A 1 -23.73 -1.32 2.94
CA GLY A 1 -23.00 -1.58 4.17
C GLY A 1 -21.71 -0.80 4.27
N SER A 2 -20.67 -1.44 4.79
CA SER A 2 -19.37 -0.78 4.94
C SER A 2 -19.01 -0.01 3.68
N SER A 3 -19.24 1.29 3.69
CA SER A 3 -18.94 2.14 2.54
C SER A 3 -17.46 2.09 2.22
N GLY A 4 -17.13 2.31 0.94
CA GLY A 4 -15.74 2.29 0.53
C GLY A 4 -15.11 0.92 0.69
N SER A 5 -13.82 0.91 1.00
CA SER A 5 -13.08 -0.34 1.19
C SER A 5 -12.22 -0.29 2.45
N SER A 6 -12.07 -1.42 3.11
CA SER A 6 -11.27 -1.50 4.33
C SER A 6 -9.80 -1.21 4.03
N GLY A 7 -9.35 -0.01 4.39
CA GLY A 7 -7.98 0.38 4.16
C GLY A 7 -7.86 1.71 3.44
N THR A 8 -6.82 2.47 3.76
CA THR A 8 -6.60 3.77 3.15
C THR A 8 -5.90 3.62 1.79
N PRO A 9 -6.35 4.43 0.81
CA PRO A 9 -5.78 4.40 -0.54
C PRO A 9 -4.36 4.97 -0.58
N TYR A 10 -3.50 4.34 -1.36
CA TYR A 10 -2.12 4.79 -1.49
C TYR A 10 -1.65 4.71 -2.94
N ARG A 11 -0.42 5.13 -3.18
CA ARG A 11 0.15 5.11 -4.53
C ARG A 11 1.66 4.81 -4.48
N ALA A 12 2.08 3.83 -5.27
CA ALA A 12 3.49 3.44 -5.31
C ALA A 12 4.31 4.48 -6.08
N MET A 13 5.02 5.31 -5.35
CA MET A 13 5.86 6.33 -5.97
C MET A 13 6.94 5.72 -6.85
N TYR A 14 7.32 4.49 -6.52
CA TYR A 14 8.35 3.78 -7.29
C TYR A 14 8.09 2.28 -7.28
N GLN A 15 8.44 1.62 -8.38
CA GLN A 15 8.24 0.18 -8.50
C GLN A 15 9.09 -0.57 -7.47
N TYR A 16 8.57 -1.70 -7.01
CA TYR A 16 9.26 -2.51 -6.02
C TYR A 16 9.50 -3.93 -6.54
N ARG A 17 10.59 -4.55 -6.09
CA ARG A 17 10.93 -5.90 -6.50
C ARG A 17 11.08 -6.82 -5.30
N PRO A 18 9.97 -7.45 -4.89
CA PRO A 18 9.95 -8.37 -3.75
C PRO A 18 10.69 -9.66 -4.04
N GLN A 19 11.71 -9.95 -3.22
CA GLN A 19 12.50 -11.17 -3.40
C GLN A 19 11.66 -12.41 -3.11
N ASN A 20 10.64 -12.25 -2.29
CA ASN A 20 9.75 -13.35 -1.95
C ASN A 20 8.29 -12.97 -2.12
N GLU A 21 7.40 -13.93 -1.91
CA GLU A 21 5.97 -13.69 -2.06
C GLU A 21 5.44 -12.88 -0.88
N ASP A 22 5.99 -13.12 0.30
CA ASP A 22 5.57 -12.41 1.50
C ASP A 22 5.40 -10.92 1.23
N GLU A 23 6.42 -10.32 0.62
CA GLU A 23 6.37 -8.90 0.29
C GLU A 23 5.45 -8.62 -0.89
N LEU A 24 4.80 -7.47 -0.86
CA LEU A 24 3.86 -7.09 -1.92
C LEU A 24 4.57 -6.26 -2.98
N GLU A 25 4.49 -6.70 -4.23
CA GLU A 25 5.12 -5.99 -5.34
C GLU A 25 4.36 -4.71 -5.66
N LEU A 26 5.09 -3.72 -6.15
CA LEU A 26 4.49 -2.43 -6.50
C LEU A 26 4.98 -1.95 -7.86
N ARG A 27 4.28 -0.96 -8.42
CA ARG A 27 4.66 -0.41 -9.72
C ARG A 27 4.45 1.10 -9.74
N GLU A 28 5.44 1.82 -10.29
CA GLU A 28 5.37 3.27 -10.37
C GLU A 28 4.10 3.71 -11.08
N GLY A 29 3.20 4.34 -10.32
CA GLY A 29 1.95 4.81 -10.89
C GLY A 29 0.81 3.83 -10.66
N ASP A 30 0.78 3.22 -9.48
CA ASP A 30 -0.26 2.26 -9.14
C ASP A 30 -0.84 2.55 -7.76
N ARG A 31 -2.11 2.19 -7.57
CA ARG A 31 -2.77 2.41 -6.28
C ARG A 31 -2.54 1.24 -5.34
N VAL A 32 -2.44 1.54 -4.04
CA VAL A 32 -2.22 0.51 -3.04
C VAL A 32 -3.15 0.70 -1.84
N ASP A 33 -3.77 -0.39 -1.40
CA ASP A 33 -4.68 -0.35 -0.27
C ASP A 33 -3.96 -0.70 1.02
N VAL A 34 -3.70 0.31 1.85
CA VAL A 34 -3.00 0.11 3.12
C VAL A 34 -4.00 0.05 4.28
N MET A 35 -3.91 -1.00 5.08
CA MET A 35 -4.80 -1.17 6.22
C MET A 35 -4.05 -0.91 7.53
N GLN A 36 -2.93 -1.59 7.71
CA GLN A 36 -2.12 -1.43 8.92
C GLN A 36 -0.84 -0.67 8.63
N GLN A 37 -0.28 -0.04 9.65
CA GLN A 37 0.95 0.73 9.50
C GLN A 37 1.97 0.34 10.56
N CYS A 38 3.22 0.17 10.13
CA CYS A 38 4.30 -0.21 11.05
C CYS A 38 4.95 1.02 11.64
N ASP A 39 5.62 0.83 12.78
CA ASP A 39 6.30 1.93 13.46
C ASP A 39 7.63 2.26 12.78
N ASP A 40 8.31 1.21 12.31
CA ASP A 40 9.60 1.39 11.64
C ASP A 40 9.46 2.30 10.43
N GLY A 41 8.31 2.23 9.77
CA GLY A 41 8.07 3.05 8.59
C GLY A 41 7.57 2.24 7.41
N TRP A 42 6.95 1.10 7.69
CA TRP A 42 6.43 0.23 6.64
C TRP A 42 4.91 0.24 6.64
N PHE A 43 4.32 -0.26 5.56
CA PHE A 43 2.87 -0.31 5.44
C PHE A 43 2.41 -1.71 5.02
N VAL A 44 1.41 -2.23 5.72
CA VAL A 44 0.88 -3.56 5.42
C VAL A 44 -0.54 -3.47 4.88
N GLY A 45 -0.73 -3.96 3.66
CA GLY A 45 -2.05 -3.93 3.05
C GLY A 45 -2.17 -4.89 1.88
N VAL A 46 -2.89 -4.48 0.84
CA VAL A 46 -3.07 -5.31 -0.34
C VAL A 46 -2.77 -4.53 -1.62
N SER A 47 -2.41 -5.25 -2.67
CA SER A 47 -2.09 -4.63 -3.95
C SER A 47 -3.33 -4.50 -4.82
N ARG A 48 -3.37 -3.45 -5.64
CA ARG A 48 -4.51 -3.21 -6.53
C ARG A 48 -4.24 -3.77 -7.92
N ARG A 49 -3.21 -4.60 -8.03
CA ARG A 49 -2.84 -5.20 -9.30
C ARG A 49 -2.80 -6.72 -9.20
N THR A 50 -2.26 -7.21 -8.09
CA THR A 50 -2.15 -8.65 -7.86
C THR A 50 -3.21 -9.13 -6.88
N GLN A 51 -3.86 -8.19 -6.19
CA GLN A 51 -4.88 -8.52 -5.21
C GLN A 51 -4.35 -9.47 -4.16
N LYS A 52 -3.08 -9.28 -3.79
CA LYS A 52 -2.45 -10.13 -2.79
C LYS A 52 -2.11 -9.33 -1.53
N PHE A 53 -1.91 -10.02 -0.42
CA PHE A 53 -1.59 -9.38 0.85
C PHE A 53 -0.12 -9.54 1.18
N GLY A 54 0.42 -8.60 1.94
CA GLY A 54 1.83 -8.66 2.33
C GLY A 54 2.32 -7.36 2.94
N THR A 55 3.64 -7.24 3.07
CA THR A 55 4.24 -6.04 3.65
C THR A 55 5.23 -5.41 2.69
N PHE A 56 5.20 -4.08 2.59
CA PHE A 56 6.10 -3.36 1.70
C PHE A 56 6.56 -2.05 2.35
N PRO A 57 7.71 -1.54 1.89
CA PRO A 57 8.26 -0.28 2.41
C PRO A 57 7.45 0.94 2.00
N GLY A 58 6.68 1.46 2.95
CA GLY A 58 5.85 2.63 2.67
C GLY A 58 6.62 3.72 1.96
N ASN A 59 7.89 3.89 2.33
CA ASN A 59 8.73 4.91 1.73
C ASN A 59 8.58 4.93 0.22
N TYR A 60 8.16 3.79 -0.34
CA TYR A 60 7.98 3.67 -1.78
C TYR A 60 6.61 4.22 -2.21
N VAL A 61 5.61 4.02 -1.34
CA VAL A 61 4.26 4.49 -1.62
C VAL A 61 3.92 5.71 -0.78
N ALA A 62 2.75 6.29 -1.04
CA ALA A 62 2.30 7.46 -0.30
C ALA A 62 0.78 7.51 -0.21
N PRO A 63 0.28 8.16 0.85
CA PRO A 63 -1.17 8.28 1.08
C PRO A 63 -1.84 9.21 0.07
N VAL A 64 -2.61 8.62 -0.84
CA VAL A 64 -3.31 9.39 -1.86
C VAL A 64 -4.64 9.93 -1.34
N SER A 65 -5.19 9.26 -0.34
CA SER A 65 -6.46 9.67 0.25
C SER A 65 -6.50 11.17 0.45
N GLY A 66 -5.33 11.79 0.55
CA GLY A 66 -5.25 13.22 0.75
C GLY A 66 -5.78 13.66 2.10
N PRO A 67 -5.20 14.73 2.65
CA PRO A 67 -5.60 15.27 3.96
C PRO A 67 -6.98 15.93 3.90
N SER A 68 -7.44 16.39 5.06
CA SER A 68 -8.74 17.05 5.15
C SER A 68 -8.64 18.54 4.84
N SER A 69 -8.71 18.87 3.55
CA SER A 69 -8.61 20.26 3.12
C SER A 69 -10.00 20.86 2.89
N GLY A 70 -10.53 21.52 3.91
CA GLY A 70 -11.84 22.12 3.79
C GLY A 70 -12.02 23.31 4.72
N GLY A 1 -24.25 4.45 8.94
CA GLY A 1 -23.52 3.72 9.95
C GLY A 1 -23.08 2.36 9.46
N SER A 2 -22.25 2.35 8.42
CA SER A 2 -21.76 1.09 7.86
C SER A 2 -20.42 1.30 7.15
N SER A 3 -19.46 0.43 7.43
CA SER A 3 -18.14 0.52 6.83
C SER A 3 -18.02 -0.40 5.62
N GLY A 4 -18.25 0.14 4.43
CA GLY A 4 -18.17 -0.66 3.22
C GLY A 4 -16.84 -1.37 3.08
N SER A 5 -15.91 -0.77 2.34
CA SER A 5 -14.60 -1.35 2.13
C SER A 5 -13.67 -1.05 3.31
N SER A 6 -12.46 -1.59 3.25
CA SER A 6 -11.48 -1.38 4.30
C SER A 6 -10.08 -1.18 3.72
N GLY A 7 -9.39 -0.16 4.18
CA GLY A 7 -8.05 0.13 3.70
C GLY A 7 -7.92 1.51 3.10
N THR A 8 -6.87 2.23 3.49
CA THR A 8 -6.64 3.57 2.98
C THR A 8 -6.00 3.56 1.60
N PRO A 9 -6.48 4.43 0.71
CA PRO A 9 -5.98 4.53 -0.66
C PRO A 9 -4.56 5.09 -0.71
N TYR A 10 -3.66 4.38 -1.40
CA TYR A 10 -2.28 4.81 -1.52
C TYR A 10 -1.79 4.66 -2.96
N ARG A 11 -0.56 5.10 -3.21
CA ARG A 11 0.03 5.01 -4.54
C ARG A 11 1.53 4.75 -4.46
N ALA A 12 2.00 3.82 -5.28
CA ALA A 12 3.42 3.48 -5.31
C ALA A 12 4.22 4.49 -6.13
N MET A 13 4.93 5.37 -5.44
CA MET A 13 5.73 6.39 -6.10
C MET A 13 6.84 5.76 -6.92
N TYR A 14 7.20 4.52 -6.57
CA TYR A 14 8.25 3.80 -7.27
C TYR A 14 7.99 2.30 -7.26
N GLN A 15 8.26 1.65 -8.39
CA GLN A 15 8.06 0.20 -8.50
C GLN A 15 8.89 -0.55 -7.47
N TYR A 16 8.34 -1.63 -6.94
CA TYR A 16 9.02 -2.44 -5.94
C TYR A 16 9.32 -3.84 -6.48
N ARG A 17 10.29 -4.51 -5.87
CA ARG A 17 10.67 -5.86 -6.29
C ARG A 17 10.77 -6.79 -5.08
N PRO A 18 9.66 -7.41 -4.71
CA PRO A 18 9.59 -8.33 -3.57
C PRO A 18 10.34 -9.63 -3.85
N GLN A 19 11.36 -9.91 -3.03
CA GLN A 19 12.15 -11.13 -3.19
C GLN A 19 11.29 -12.36 -3.00
N ASN A 20 10.32 -12.28 -2.09
CA ASN A 20 9.43 -13.40 -1.81
C ASN A 20 7.98 -12.93 -1.71
N GLU A 21 7.05 -13.82 -2.06
CA GLU A 21 5.63 -13.49 -2.02
C GLU A 21 5.30 -12.67 -0.77
N ASP A 22 5.93 -13.01 0.34
CA ASP A 22 5.71 -12.31 1.60
C ASP A 22 5.53 -10.81 1.36
N GLU A 23 6.47 -10.22 0.64
CA GLU A 23 6.41 -8.80 0.35
C GLU A 23 5.52 -8.52 -0.85
N LEU A 24 4.72 -7.46 -0.77
CA LEU A 24 3.81 -7.09 -1.85
C LEU A 24 4.55 -6.31 -2.94
N GLU A 25 4.23 -6.61 -4.20
CA GLU A 25 4.87 -5.94 -5.32
C GLU A 25 4.13 -4.65 -5.67
N LEU A 26 4.89 -3.60 -5.98
CA LEU A 26 4.31 -2.32 -6.33
C LEU A 26 4.67 -1.93 -7.76
N ARG A 27 4.14 -0.80 -8.21
CA ARG A 27 4.40 -0.31 -9.55
C ARG A 27 4.25 1.20 -9.63
N GLU A 28 5.24 1.88 -10.22
CA GLU A 28 5.22 3.32 -10.35
C GLU A 28 3.89 3.79 -10.97
N GLY A 29 3.03 4.36 -10.13
CA GLY A 29 1.74 4.83 -10.62
C GLY A 29 0.64 3.82 -10.42
N ASP A 30 0.70 3.08 -9.32
CA ASP A 30 -0.30 2.07 -9.01
C ASP A 30 -0.92 2.33 -7.65
N ARG A 31 -2.23 2.10 -7.54
CA ARG A 31 -2.95 2.30 -6.28
C ARG A 31 -2.71 1.14 -5.34
N VAL A 32 -2.67 1.44 -4.04
CA VAL A 32 -2.45 0.42 -3.03
C VAL A 32 -3.46 0.55 -1.88
N ASP A 33 -3.79 -0.57 -1.26
CA ASP A 33 -4.74 -0.59 -0.16
C ASP A 33 -4.05 -0.90 1.16
N VAL A 34 -3.66 0.14 1.88
CA VAL A 34 -2.98 -0.02 3.16
C VAL A 34 -3.98 -0.28 4.28
N MET A 35 -3.69 -1.30 5.10
CA MET A 35 -4.57 -1.65 6.22
C MET A 35 -3.90 -1.34 7.55
N GLN A 36 -2.69 -1.87 7.73
CA GLN A 36 -1.94 -1.66 8.96
C GLN A 36 -0.69 -0.83 8.70
N GLN A 37 -0.27 -0.08 9.72
CA GLN A 37 0.91 0.77 9.60
C GLN A 37 1.94 0.41 10.67
N CYS A 38 3.17 0.13 10.23
CA CYS A 38 4.24 -0.23 11.14
C CYS A 38 4.93 1.01 11.69
N ASP A 39 5.51 0.90 12.88
CA ASP A 39 6.20 2.02 13.51
C ASP A 39 7.58 2.22 12.90
N ASP A 40 8.20 1.12 12.46
CA ASP A 40 9.51 1.18 11.86
C ASP A 40 9.52 2.08 10.63
N GLY A 41 8.39 2.11 9.92
CA GLY A 41 8.28 2.94 8.73
C GLY A 41 7.82 2.15 7.53
N TRP A 42 7.09 1.07 7.77
CA TRP A 42 6.58 0.24 6.68
C TRP A 42 5.06 0.15 6.72
N PHE A 43 4.47 -0.20 5.59
CA PHE A 43 3.01 -0.32 5.50
C PHE A 43 2.61 -1.73 5.06
N VAL A 44 1.52 -2.22 5.63
CA VAL A 44 1.02 -3.55 5.31
C VAL A 44 -0.41 -3.50 4.80
N GLY A 45 -0.62 -3.99 3.58
CA GLY A 45 -1.95 -3.99 2.98
C GLY A 45 -2.06 -4.92 1.79
N VAL A 46 -2.88 -4.55 0.83
CA VAL A 46 -3.08 -5.36 -0.37
C VAL A 46 -2.82 -4.55 -1.63
N SER A 47 -2.38 -5.22 -2.69
CA SER A 47 -2.09 -4.56 -3.96
C SER A 47 -3.34 -4.47 -4.82
N ARG A 48 -3.27 -3.70 -5.90
CA ARG A 48 -4.39 -3.52 -6.81
C ARG A 48 -4.09 -4.16 -8.16
N ARG A 49 -2.90 -4.74 -8.30
CA ARG A 49 -2.50 -5.38 -9.54
C ARG A 49 -2.48 -6.90 -9.39
N THR A 50 -1.93 -7.37 -8.27
CA THR A 50 -1.85 -8.79 -8.00
C THR A 50 -2.84 -9.21 -6.92
N GLN A 51 -3.55 -8.23 -6.37
CA GLN A 51 -4.54 -8.49 -5.33
C GLN A 51 -3.96 -9.42 -4.25
N LYS A 52 -2.69 -9.21 -3.92
CA LYS A 52 -2.01 -10.03 -2.92
C LYS A 52 -1.90 -9.27 -1.60
N PHE A 53 -1.61 -10.01 -0.53
CA PHE A 53 -1.47 -9.41 0.79
C PHE A 53 -0.06 -9.63 1.35
N GLY A 54 0.60 -8.54 1.71
CA GLY A 54 1.95 -8.63 2.25
C GLY A 54 2.42 -7.32 2.85
N THR A 55 3.74 -7.17 2.97
CA THR A 55 4.31 -5.96 3.54
C THR A 55 5.27 -5.29 2.57
N PHE A 56 5.23 -3.96 2.51
CA PHE A 56 6.09 -3.22 1.62
C PHE A 56 6.59 -1.94 2.29
N PRO A 57 7.72 -1.41 1.80
CA PRO A 57 8.32 -0.18 2.34
C PRO A 57 7.50 1.06 2.02
N GLY A 58 6.93 1.67 3.05
CA GLY A 58 6.13 2.86 2.85
C GLY A 58 6.87 3.96 2.12
N ASN A 59 8.20 3.88 2.15
CA ASN A 59 9.03 4.88 1.49
C ASN A 59 8.89 4.78 -0.02
N TYR A 60 8.13 3.79 -0.48
CA TYR A 60 7.92 3.60 -1.91
C TYR A 60 6.52 4.08 -2.32
N VAL A 61 5.60 4.08 -1.37
CA VAL A 61 4.24 4.51 -1.64
C VAL A 61 3.93 5.83 -0.94
N ALA A 62 2.72 6.33 -1.12
CA ALA A 62 2.30 7.60 -0.51
C ALA A 62 0.79 7.66 -0.37
N PRO A 63 0.32 8.31 0.71
CA PRO A 63 -1.11 8.47 0.98
C PRO A 63 -1.79 9.40 0.00
N VAL A 64 -2.46 8.82 -0.99
CA VAL A 64 -3.16 9.61 -2.00
C VAL A 64 -4.46 10.19 -1.45
N SER A 65 -4.97 9.58 -0.39
CA SER A 65 -6.21 10.02 0.24
C SER A 65 -6.20 11.54 0.43
N GLY A 66 -5.02 12.10 0.69
CA GLY A 66 -4.90 13.53 0.89
C GLY A 66 -4.67 13.90 2.33
N PRO A 67 -3.41 13.83 2.77
CA PRO A 67 -3.03 14.16 4.15
C PRO A 67 -3.16 15.65 4.46
N SER A 68 -4.21 16.02 5.19
CA SER A 68 -4.45 17.41 5.53
C SER A 68 -3.28 17.97 6.34
N SER A 69 -3.14 19.29 6.31
CA SER A 69 -2.06 19.96 7.02
C SER A 69 -2.62 20.91 8.09
N GLY A 70 -2.33 20.62 9.35
CA GLY A 70 -2.82 21.46 10.43
C GLY A 70 -2.18 22.83 10.43
N GLY A 1 -20.29 -0.80 -6.16
CA GLY A 1 -19.26 0.02 -5.56
C GLY A 1 -18.68 -0.58 -4.30
N SER A 2 -18.13 0.26 -3.43
CA SER A 2 -17.55 -0.20 -2.18
C SER A 2 -18.13 0.54 -0.99
N SER A 3 -19.23 0.01 -0.45
CA SER A 3 -19.89 0.63 0.70
C SER A 3 -19.20 0.25 2.00
N GLY A 4 -18.49 1.22 2.58
CA GLY A 4 -17.79 0.97 3.83
C GLY A 4 -16.71 -0.08 3.68
N SER A 5 -15.54 0.20 4.25
CA SER A 5 -14.41 -0.73 4.17
C SER A 5 -13.31 -0.34 5.17
N SER A 6 -12.37 -1.24 5.39
CA SER A 6 -11.27 -0.99 6.31
C SER A 6 -9.94 -0.98 5.58
N GLY A 7 -9.58 0.20 5.05
CA GLY A 7 -8.33 0.33 4.32
C GLY A 7 -8.22 1.66 3.60
N THR A 8 -7.10 2.35 3.81
CA THR A 8 -6.87 3.64 3.17
C THR A 8 -6.15 3.48 1.84
N PRO A 9 -6.59 4.23 0.82
CA PRO A 9 -6.01 4.19 -0.51
C PRO A 9 -4.62 4.81 -0.56
N TYR A 10 -3.75 4.25 -1.40
CA TYR A 10 -2.38 4.76 -1.53
C TYR A 10 -1.92 4.67 -2.98
N ARG A 11 -0.68 5.12 -3.22
CA ARG A 11 -0.11 5.09 -4.56
C ARG A 11 1.39 4.79 -4.51
N ALA A 12 1.82 3.83 -5.32
CA ALA A 12 3.22 3.45 -5.37
C ALA A 12 4.04 4.42 -6.20
N MET A 13 4.70 5.36 -5.54
CA MET A 13 5.52 6.36 -6.22
C MET A 13 6.59 5.69 -7.09
N TYR A 14 6.98 4.48 -6.69
CA TYR A 14 8.01 3.74 -7.43
C TYR A 14 7.73 2.24 -7.37
N GLN A 15 8.15 1.53 -8.41
CA GLN A 15 7.95 0.09 -8.48
C GLN A 15 8.87 -0.64 -7.48
N TYR A 16 8.38 -1.75 -6.94
CA TYR A 16 9.14 -2.53 -5.98
C TYR A 16 9.41 -3.93 -6.51
N ARG A 17 10.51 -4.52 -6.07
CA ARG A 17 10.88 -5.88 -6.50
C ARG A 17 11.06 -6.80 -5.30
N PRO A 18 9.96 -7.43 -4.86
CA PRO A 18 9.99 -8.34 -3.71
C PRO A 18 10.73 -9.64 -4.02
N GLN A 19 11.74 -9.94 -3.22
CA GLN A 19 12.53 -11.15 -3.40
C GLN A 19 11.67 -12.40 -3.19
N ASN A 20 10.65 -12.26 -2.35
CA ASN A 20 9.76 -13.38 -2.06
C ASN A 20 8.30 -12.95 -2.18
N GLU A 21 7.39 -13.91 -1.99
CA GLU A 21 5.97 -13.63 -2.06
C GLU A 21 5.49 -12.86 -0.83
N ASP A 22 6.14 -13.10 0.29
CA ASP A 22 5.78 -12.43 1.54
C ASP A 22 5.61 -10.93 1.32
N GLU A 23 6.57 -10.32 0.66
CA GLU A 23 6.52 -8.88 0.39
C GLU A 23 5.61 -8.59 -0.81
N LEU A 24 4.88 -7.49 -0.72
CA LEU A 24 3.96 -7.10 -1.79
C LEU A 24 4.71 -6.34 -2.88
N GLU A 25 4.37 -6.64 -4.14
CA GLU A 25 5.00 -5.98 -5.27
C GLU A 25 4.25 -4.71 -5.66
N LEU A 26 4.99 -3.63 -5.88
CA LEU A 26 4.40 -2.35 -6.25
C LEU A 26 4.89 -1.90 -7.62
N ARG A 27 4.14 -1.01 -8.25
CA ARG A 27 4.50 -0.50 -9.57
C ARG A 27 4.26 1.01 -9.65
N GLU A 28 5.25 1.73 -10.15
CA GLU A 28 5.16 3.18 -10.28
C GLU A 28 3.84 3.58 -10.94
N GLY A 29 3.00 4.30 -10.19
CA GLY A 29 1.72 4.73 -10.72
C GLY A 29 0.64 3.70 -10.52
N ASP A 30 0.58 3.12 -9.32
CA ASP A 30 -0.41 2.11 -9.01
C ASP A 30 -1.04 2.37 -7.64
N ARG A 31 -2.33 2.11 -7.54
CA ARG A 31 -3.05 2.32 -6.28
C ARG A 31 -2.83 1.16 -5.32
N VAL A 32 -2.62 1.47 -4.05
CA VAL A 32 -2.39 0.44 -3.03
C VAL A 32 -3.36 0.60 -1.87
N ASP A 33 -3.87 -0.52 -1.39
CA ASP A 33 -4.82 -0.51 -0.27
C ASP A 33 -4.10 -0.80 1.05
N VAL A 34 -3.88 0.24 1.84
CA VAL A 34 -3.20 0.09 3.13
C VAL A 34 -4.21 -0.14 4.25
N MET A 35 -3.91 -1.10 5.12
CA MET A 35 -4.78 -1.41 6.24
C MET A 35 -4.12 -1.06 7.57
N GLN A 36 -2.93 -1.63 7.79
CA GLN A 36 -2.19 -1.39 9.02
C GLN A 36 -0.90 -0.62 8.73
N GLN A 37 -0.39 0.08 9.74
CA GLN A 37 0.83 0.85 9.60
C GLN A 37 1.87 0.42 10.62
N CYS A 38 3.10 0.20 10.16
CA CYS A 38 4.19 -0.21 11.03
C CYS A 38 4.97 0.99 11.54
N ASP A 39 5.21 1.02 12.85
CA ASP A 39 5.95 2.12 13.45
C ASP A 39 7.34 2.26 12.82
N ASP A 40 7.96 1.12 12.51
CA ASP A 40 9.28 1.11 11.90
C ASP A 40 9.33 2.04 10.69
N GLY A 41 8.22 2.10 9.95
CA GLY A 41 8.16 2.95 8.77
C GLY A 41 7.66 2.21 7.55
N TRP A 42 7.08 1.02 7.77
CA TRP A 42 6.55 0.22 6.68
C TRP A 42 5.03 0.16 6.72
N PHE A 43 4.42 -0.24 5.61
CA PHE A 43 2.98 -0.34 5.53
C PHE A 43 2.54 -1.74 5.11
N VAL A 44 1.44 -2.21 5.69
CA VAL A 44 0.92 -3.54 5.38
C VAL A 44 -0.49 -3.46 4.81
N GLY A 45 -0.67 -3.99 3.62
CA GLY A 45 -1.98 -3.98 2.99
C GLY A 45 -2.06 -4.90 1.79
N VAL A 46 -2.88 -4.54 0.80
CA VAL A 46 -3.04 -5.34 -0.40
C VAL A 46 -2.82 -4.50 -1.65
N SER A 47 -2.37 -5.15 -2.72
CA SER A 47 -2.11 -4.48 -3.98
C SER A 47 -3.35 -4.51 -4.88
N ARG A 48 -3.36 -3.63 -5.88
CA ARG A 48 -4.49 -3.55 -6.81
C ARG A 48 -4.14 -4.21 -8.14
N ARG A 49 -2.87 -4.58 -8.31
CA ARG A 49 -2.41 -5.22 -9.53
C ARG A 49 -2.30 -6.73 -9.34
N THR A 50 -1.84 -7.14 -8.17
CA THR A 50 -1.68 -8.56 -7.87
C THR A 50 -2.67 -9.01 -6.80
N GLN A 51 -3.48 -8.07 -6.32
CA GLN A 51 -4.48 -8.37 -5.30
C GLN A 51 -3.90 -9.27 -4.22
N LYS A 52 -2.58 -9.20 -4.05
CA LYS A 52 -1.89 -10.02 -3.04
C LYS A 52 -1.77 -9.26 -1.73
N PHE A 53 -1.53 -10.00 -0.65
CA PHE A 53 -1.38 -9.40 0.67
C PHE A 53 0.02 -9.64 1.23
N GLY A 54 0.61 -8.60 1.81
CA GLY A 54 1.94 -8.73 2.38
C GLY A 54 2.43 -7.43 2.98
N THR A 55 3.75 -7.26 3.04
CA THR A 55 4.36 -6.07 3.60
C THR A 55 5.31 -5.41 2.61
N PHE A 56 5.26 -4.08 2.55
CA PHE A 56 6.13 -3.34 1.63
C PHE A 56 6.63 -2.05 2.29
N PRO A 57 7.76 -1.52 1.79
CA PRO A 57 8.36 -0.30 2.32
C PRO A 57 7.52 0.94 1.99
N GLY A 58 6.83 1.46 3.00
CA GLY A 58 6.02 2.64 2.81
C GLY A 58 6.77 3.78 2.14
N ASN A 59 8.10 3.68 2.15
CA ASN A 59 8.93 4.70 1.54
C ASN A 59 8.79 4.71 0.02
N TYR A 60 8.08 3.71 -0.50
CA TYR A 60 7.87 3.59 -1.94
C TYR A 60 6.49 4.11 -2.32
N VAL A 61 5.56 4.05 -1.39
CA VAL A 61 4.19 4.52 -1.63
C VAL A 61 3.86 5.72 -0.75
N ALA A 62 2.65 6.23 -0.90
CA ALA A 62 2.20 7.38 -0.13
C ALA A 62 0.68 7.51 -0.15
N PRO A 63 0.13 8.19 0.86
CA PRO A 63 -1.32 8.40 0.98
C PRO A 63 -1.86 9.35 -0.08
N VAL A 64 -2.58 8.79 -1.05
CA VAL A 64 -3.16 9.60 -2.13
C VAL A 64 -4.35 10.40 -1.63
N SER A 65 -4.89 10.01 -0.48
CA SER A 65 -6.04 10.70 0.10
C SER A 65 -5.64 12.09 0.58
N GLY A 66 -4.36 12.42 0.44
CA GLY A 66 -3.87 13.72 0.88
C GLY A 66 -4.10 13.97 2.35
N PRO A 67 -3.18 13.46 3.19
CA PRO A 67 -3.26 13.61 4.64
C PRO A 67 -3.02 15.06 5.09
N SER A 68 -4.11 15.82 5.21
CA SER A 68 -4.01 17.21 5.63
C SER A 68 -4.72 17.42 6.97
N SER A 69 -5.90 16.85 7.10
CA SER A 69 -6.68 16.98 8.33
C SER A 69 -6.98 18.44 8.64
N GLY A 70 -7.36 19.19 7.61
CA GLY A 70 -7.67 20.60 7.78
C GLY A 70 -8.41 21.18 6.59
N GLY A 1 -17.91 8.77 8.45
CA GLY A 1 -18.63 9.20 7.28
C GLY A 1 -17.76 9.18 6.03
N SER A 2 -16.72 9.99 6.03
CA SER A 2 -15.81 10.08 4.88
C SER A 2 -15.47 8.68 4.36
N SER A 3 -15.09 8.61 3.10
CA SER A 3 -14.74 7.34 2.47
C SER A 3 -13.37 6.86 2.96
N GLY A 4 -13.33 5.61 3.43
CA GLY A 4 -12.09 5.05 3.93
C GLY A 4 -12.14 4.70 5.39
N SER A 5 -12.57 3.48 5.69
CA SER A 5 -12.69 3.01 7.07
C SER A 5 -11.80 1.80 7.31
N SER A 6 -11.95 0.78 6.46
CA SER A 6 -11.16 -0.44 6.59
C SER A 6 -9.72 -0.20 6.15
N GLY A 7 -9.56 0.21 4.89
CA GLY A 7 -8.23 0.46 4.37
C GLY A 7 -8.11 1.83 3.72
N THR A 8 -6.91 2.41 3.77
CA THR A 8 -6.67 3.72 3.18
C THR A 8 -6.00 3.60 1.82
N PRO A 9 -6.44 4.43 0.87
CA PRO A 9 -5.88 4.44 -0.49
C PRO A 9 -4.46 4.98 -0.53
N TYR A 10 -3.61 4.35 -1.34
CA TYR A 10 -2.22 4.78 -1.47
C TYR A 10 -1.74 4.62 -2.92
N ARG A 11 -0.52 5.07 -3.17
CA ARG A 11 0.06 5.00 -4.51
C ARG A 11 1.58 4.75 -4.44
N ALA A 12 2.07 3.85 -5.27
CA ALA A 12 3.49 3.53 -5.31
C ALA A 12 4.26 4.56 -6.12
N MET A 13 4.93 5.47 -5.43
CA MET A 13 5.72 6.51 -6.10
C MET A 13 6.81 5.89 -6.97
N TYR A 14 7.20 4.67 -6.64
CA TYR A 14 8.23 3.97 -7.40
C TYR A 14 8.00 2.46 -7.37
N GLN A 15 8.26 1.81 -8.51
CA GLN A 15 8.09 0.37 -8.61
C GLN A 15 8.96 -0.37 -7.61
N TYR A 16 8.42 -1.40 -6.98
CA TYR A 16 9.16 -2.18 -6.01
C TYR A 16 9.40 -3.60 -6.52
N ARG A 17 10.42 -4.25 -5.97
CA ARG A 17 10.76 -5.61 -6.36
C ARG A 17 10.91 -6.52 -5.14
N PRO A 18 9.81 -7.16 -4.75
CA PRO A 18 9.79 -8.07 -3.60
C PRO A 18 10.59 -9.35 -3.84
N GLN A 19 11.51 -9.65 -2.94
CA GLN A 19 12.33 -10.85 -3.08
C GLN A 19 11.49 -12.11 -2.96
N ASN A 20 10.41 -12.02 -2.18
CA ASN A 20 9.51 -13.15 -1.98
C ASN A 20 8.06 -12.69 -1.89
N GLU A 21 7.16 -13.63 -1.64
CA GLU A 21 5.74 -13.32 -1.54
C GLU A 21 5.46 -12.46 -0.31
N ASP A 22 6.06 -12.84 0.81
CA ASP A 22 5.87 -12.10 2.06
C ASP A 22 5.71 -10.61 1.80
N GLU A 23 6.45 -10.10 0.81
CA GLU A 23 6.38 -8.69 0.46
C GLU A 23 5.45 -8.47 -0.73
N LEU A 24 4.72 -7.37 -0.71
CA LEU A 24 3.80 -7.04 -1.78
C LEU A 24 4.49 -6.21 -2.86
N GLU A 25 4.26 -6.56 -4.12
CA GLU A 25 4.86 -5.84 -5.24
C GLU A 25 4.11 -4.53 -5.51
N LEU A 26 4.83 -3.56 -6.04
CA LEU A 26 4.24 -2.26 -6.36
C LEU A 26 4.79 -1.71 -7.67
N ARG A 27 3.96 -0.94 -8.38
CA ARG A 27 4.36 -0.36 -9.65
C ARG A 27 4.23 1.16 -9.61
N GLU A 28 4.98 1.84 -10.48
CA GLU A 28 4.94 3.29 -10.54
C GLU A 28 3.57 3.78 -11.00
N GLY A 29 2.84 4.42 -10.08
CA GLY A 29 1.52 4.93 -10.42
C GLY A 29 0.44 3.89 -10.21
N ASP A 30 0.63 3.03 -9.22
CA ASP A 30 -0.34 1.98 -8.92
C ASP A 30 -1.01 2.23 -7.56
N ARG A 31 -2.30 1.98 -7.49
CA ARG A 31 -3.06 2.17 -6.25
C ARG A 31 -2.82 1.01 -5.29
N VAL A 32 -2.55 1.32 -4.03
CA VAL A 32 -2.32 0.31 -3.02
C VAL A 32 -3.25 0.49 -1.83
N ASP A 33 -3.86 -0.61 -1.39
CA ASP A 33 -4.78 -0.58 -0.27
C ASP A 33 -4.07 -0.95 1.03
N VAL A 34 -3.70 0.06 1.81
CA VAL A 34 -3.01 -0.15 3.07
C VAL A 34 -4.01 -0.40 4.20
N MET A 35 -3.84 -1.52 4.90
CA MET A 35 -4.72 -1.88 6.00
C MET A 35 -4.07 -1.55 7.34
N GLN A 36 -2.93 -2.18 7.62
CA GLN A 36 -2.23 -1.95 8.87
C GLN A 36 -0.99 -1.08 8.64
N GLN A 37 -0.37 -0.63 9.73
CA GLN A 37 0.81 0.21 9.65
C GLN A 37 1.92 -0.31 10.55
N CYS A 38 3.16 -0.12 10.14
CA CYS A 38 4.31 -0.58 10.91
C CYS A 38 4.87 0.56 11.76
N ASP A 39 5.72 0.20 12.72
CA ASP A 39 6.33 1.18 13.61
C ASP A 39 7.74 1.52 13.16
N ASP A 40 8.23 0.79 12.16
CA ASP A 40 9.57 1.02 11.64
C ASP A 40 9.53 1.87 10.36
N GLY A 41 8.32 2.26 9.96
CA GLY A 41 8.16 3.06 8.76
C GLY A 41 7.75 2.24 7.56
N TRP A 42 6.88 1.26 7.78
CA TRP A 42 6.41 0.39 6.71
C TRP A 42 4.88 0.38 6.65
N PHE A 43 4.34 -0.25 5.62
CA PHE A 43 2.89 -0.34 5.45
C PHE A 43 2.48 -1.73 4.99
N VAL A 44 1.42 -2.27 5.59
CA VAL A 44 0.93 -3.60 5.24
C VAL A 44 -0.48 -3.51 4.68
N GLY A 45 -0.68 -4.06 3.48
CA GLY A 45 -1.99 -4.04 2.86
C GLY A 45 -2.09 -4.97 1.67
N VAL A 46 -2.94 -4.64 0.71
CA VAL A 46 -3.12 -5.45 -0.48
C VAL A 46 -2.87 -4.64 -1.74
N SER A 47 -2.37 -5.31 -2.78
CA SER A 47 -2.08 -4.67 -4.04
C SER A 47 -3.34 -4.53 -4.89
N ARG A 48 -3.24 -3.77 -5.98
CA ARG A 48 -4.37 -3.55 -6.87
C ARG A 48 -4.11 -4.19 -8.24
N ARG A 49 -3.03 -4.95 -8.34
CA ARG A 49 -2.67 -5.61 -9.59
C ARG A 49 -2.64 -7.12 -9.41
N THR A 50 -2.11 -7.57 -8.28
CA THR A 50 -2.02 -8.99 -7.99
C THR A 50 -3.05 -9.41 -6.95
N GLN A 51 -3.60 -8.43 -6.24
CA GLN A 51 -4.60 -8.70 -5.21
C GLN A 51 -4.01 -9.54 -4.09
N LYS A 52 -2.70 -9.42 -3.90
CA LYS A 52 -2.01 -10.17 -2.86
C LYS A 52 -1.89 -9.34 -1.59
N PHE A 53 -1.66 -10.02 -0.46
CA PHE A 53 -1.52 -9.34 0.83
C PHE A 53 -0.14 -9.58 1.42
N GLY A 54 0.56 -8.49 1.72
CA GLY A 54 1.89 -8.60 2.29
C GLY A 54 2.36 -7.30 2.92
N THR A 55 3.68 -7.14 3.02
CA THR A 55 4.26 -5.93 3.60
C THR A 55 5.24 -5.26 2.64
N PHE A 56 5.20 -3.94 2.59
CA PHE A 56 6.08 -3.18 1.72
C PHE A 56 6.53 -1.88 2.38
N PRO A 57 7.69 -1.36 1.95
CA PRO A 57 8.25 -0.13 2.48
C PRO A 57 7.44 1.10 2.10
N GLY A 58 6.89 1.78 3.09
CA GLY A 58 6.10 2.97 2.84
C GLY A 58 6.88 4.05 2.12
N ASN A 59 8.21 3.88 2.07
CA ASN A 59 9.07 4.85 1.42
C ASN A 59 8.86 4.84 -0.09
N TYR A 60 8.16 3.82 -0.58
CA TYR A 60 7.89 3.68 -2.01
C TYR A 60 6.47 4.12 -2.34
N VAL A 61 5.58 4.01 -1.35
CA VAL A 61 4.18 4.40 -1.53
C VAL A 61 3.86 5.67 -0.74
N ALA A 62 2.68 6.22 -1.00
CA ALA A 62 2.25 7.43 -0.31
C ALA A 62 0.72 7.53 -0.29
N PRO A 63 0.18 8.23 0.72
CA PRO A 63 -1.26 8.42 0.87
C PRO A 63 -1.84 9.34 -0.20
N VAL A 64 -2.40 8.74 -1.24
CA VAL A 64 -3.00 9.49 -2.34
C VAL A 64 -4.16 10.35 -1.84
N SER A 65 -4.80 9.91 -0.76
CA SER A 65 -5.92 10.64 -0.20
C SER A 65 -5.58 12.13 -0.03
N GLY A 66 -4.31 12.41 0.22
CA GLY A 66 -3.87 13.78 0.40
C GLY A 66 -3.63 14.13 1.86
N PRO A 67 -3.43 15.43 2.13
CA PRO A 67 -3.18 15.92 3.49
C PRO A 67 -4.42 15.84 4.37
N SER A 68 -5.57 16.24 3.82
CA SER A 68 -6.82 16.21 4.55
C SER A 68 -6.94 14.93 5.38
N SER A 69 -7.35 15.07 6.63
CA SER A 69 -7.50 13.93 7.51
C SER A 69 -8.71 13.09 7.13
N GLY A 70 -9.84 13.76 6.91
CA GLY A 70 -11.06 13.06 6.53
C GLY A 70 -11.98 12.81 7.72
N GLY A 1 -19.69 -13.09 12.12
CA GLY A 1 -19.20 -11.73 12.10
C GLY A 1 -19.59 -10.99 10.83
N SER A 2 -19.17 -9.73 10.73
CA SER A 2 -19.49 -8.93 9.55
C SER A 2 -18.25 -8.19 9.05
N SER A 3 -18.14 -8.04 7.73
CA SER A 3 -17.00 -7.36 7.13
C SER A 3 -17.31 -6.98 5.68
N GLY A 4 -16.45 -6.14 5.11
CA GLY A 4 -16.65 -5.70 3.73
C GLY A 4 -15.38 -5.17 3.11
N SER A 5 -15.38 -3.87 2.81
CA SER A 5 -14.22 -3.22 2.21
C SER A 5 -13.52 -2.30 3.21
N SER A 6 -12.21 -2.45 3.33
CA SER A 6 -11.43 -1.63 4.25
C SER A 6 -10.03 -1.38 3.70
N GLY A 7 -9.38 -0.35 4.22
CA GLY A 7 -8.03 -0.01 3.77
C GLY A 7 -7.95 1.39 3.20
N THR A 8 -6.84 2.07 3.49
CA THR A 8 -6.65 3.43 3.00
C THR A 8 -6.01 3.43 1.61
N PRO A 9 -6.50 4.31 0.74
CA PRO A 9 -6.00 4.43 -0.64
C PRO A 9 -4.59 5.03 -0.69
N TYR A 10 -3.70 4.35 -1.40
CA TYR A 10 -2.32 4.80 -1.53
C TYR A 10 -1.84 4.67 -2.96
N ARG A 11 -0.61 5.13 -3.22
CA ARG A 11 -0.02 5.06 -4.55
C ARG A 11 1.48 4.80 -4.47
N ALA A 12 1.94 3.83 -5.25
CA ALA A 12 3.36 3.49 -5.27
C ALA A 12 4.15 4.48 -6.13
N MET A 13 4.92 5.34 -5.49
CA MET A 13 5.73 6.33 -6.20
C MET A 13 6.79 5.65 -7.04
N TYR A 14 7.25 4.48 -6.59
CA TYR A 14 8.27 3.74 -7.30
C TYR A 14 8.00 2.24 -7.24
N GLN A 15 8.32 1.54 -8.33
CA GLN A 15 8.10 0.10 -8.41
C GLN A 15 9.00 -0.64 -7.42
N TYR A 16 8.48 -1.70 -6.82
CA TYR A 16 9.22 -2.49 -5.85
C TYR A 16 9.45 -3.91 -6.36
N ARG A 17 10.62 -4.46 -6.05
CA ARG A 17 10.96 -5.81 -6.47
C ARG A 17 11.10 -6.74 -5.27
N PRO A 18 9.99 -7.33 -4.84
CA PRO A 18 9.96 -8.25 -3.70
C PRO A 18 10.66 -9.57 -4.00
N GLN A 19 11.71 -9.87 -3.24
CA GLN A 19 12.46 -11.10 -3.43
C GLN A 19 11.59 -12.32 -3.14
N ASN A 20 10.68 -12.17 -2.17
CA ASN A 20 9.79 -13.26 -1.79
C ASN A 20 8.34 -12.89 -2.05
N GLU A 21 7.46 -13.88 -2.01
CA GLU A 21 6.04 -13.66 -2.24
C GLU A 21 5.41 -12.86 -1.09
N ASP A 22 5.83 -13.18 0.13
CA ASP A 22 5.31 -12.50 1.30
C ASP A 22 5.19 -10.99 1.06
N GLU A 23 6.26 -10.41 0.54
CA GLU A 23 6.29 -8.97 0.26
C GLU A 23 5.39 -8.65 -0.93
N LEU A 24 4.69 -7.52 -0.85
CA LEU A 24 3.79 -7.08 -1.91
C LEU A 24 4.54 -6.26 -2.95
N GLU A 25 4.46 -6.68 -4.21
CA GLU A 25 5.13 -5.96 -5.30
C GLU A 25 4.42 -4.66 -5.62
N LEU A 26 5.20 -3.63 -5.95
CA LEU A 26 4.64 -2.33 -6.27
C LEU A 26 5.10 -1.87 -7.66
N ARG A 27 4.32 -0.99 -8.27
CA ARG A 27 4.64 -0.48 -9.60
C ARG A 27 4.42 1.02 -9.67
N GLU A 28 5.40 1.74 -10.21
CA GLU A 28 5.32 3.19 -10.33
C GLU A 28 3.99 3.61 -10.97
N GLY A 29 3.11 4.17 -10.15
CA GLY A 29 1.82 4.61 -10.63
C GLY A 29 0.74 3.58 -10.40
N ASP A 30 0.80 2.90 -9.26
CA ASP A 30 -0.18 1.88 -8.91
C ASP A 30 -0.83 2.19 -7.56
N ARG A 31 -2.11 1.88 -7.45
CA ARG A 31 -2.86 2.13 -6.23
C ARG A 31 -2.57 1.05 -5.18
N VAL A 32 -2.68 1.41 -3.91
CA VAL A 32 -2.42 0.48 -2.82
C VAL A 32 -3.45 0.64 -1.71
N ASP A 33 -3.95 -0.49 -1.20
CA ASP A 33 -4.94 -0.47 -0.13
C ASP A 33 -4.29 -0.81 1.20
N VAL A 34 -3.65 0.17 1.82
CA VAL A 34 -2.99 -0.03 3.10
C VAL A 34 -4.00 -0.40 4.18
N MET A 35 -3.59 -1.30 5.08
CA MET A 35 -4.45 -1.74 6.17
C MET A 35 -3.85 -1.37 7.52
N GLN A 36 -2.63 -1.81 7.76
CA GLN A 36 -1.95 -1.54 9.02
C GLN A 36 -0.69 -0.70 8.78
N GLN A 37 -0.35 0.13 9.76
CA GLN A 37 0.83 0.98 9.66
C GLN A 37 1.85 0.63 10.73
N CYS A 38 3.09 0.38 10.31
CA CYS A 38 4.16 0.03 11.23
C CYS A 38 4.84 1.28 11.76
N ASP A 39 5.53 1.13 12.89
CA ASP A 39 6.24 2.25 13.50
C ASP A 39 7.63 2.42 12.88
N ASP A 40 8.19 1.32 12.41
CA ASP A 40 9.52 1.36 11.79
C ASP A 40 9.51 2.20 10.51
N GLY A 41 8.39 2.16 9.79
CA GLY A 41 8.26 2.91 8.56
C GLY A 41 7.79 2.06 7.40
N TRP A 42 7.09 0.97 7.72
CA TRP A 42 6.58 0.07 6.68
C TRP A 42 5.06 0.01 6.72
N PHE A 43 4.45 -0.24 5.58
CA PHE A 43 3.00 -0.33 5.48
C PHE A 43 2.56 -1.72 5.01
N VAL A 44 1.51 -2.24 5.62
CA VAL A 44 0.98 -3.55 5.27
C VAL A 44 -0.45 -3.46 4.77
N GLY A 45 -0.72 -4.12 3.66
CA GLY A 45 -2.06 -4.10 3.08
C GLY A 45 -2.20 -5.02 1.89
N VAL A 46 -2.83 -4.53 0.83
CA VAL A 46 -3.03 -5.31 -0.38
C VAL A 46 -2.81 -4.47 -1.63
N SER A 47 -2.39 -5.11 -2.70
CA SER A 47 -2.14 -4.41 -3.96
C SER A 47 -3.42 -4.34 -4.80
N ARG A 48 -3.55 -3.27 -5.58
CA ARG A 48 -4.72 -3.08 -6.43
C ARG A 48 -4.44 -3.54 -7.85
N ARG A 49 -3.42 -4.38 -8.00
CA ARG A 49 -3.05 -4.89 -9.32
C ARG A 49 -2.94 -6.41 -9.30
N THR A 50 -2.28 -6.93 -8.27
CA THR A 50 -2.10 -8.38 -8.13
C THR A 50 -3.02 -8.95 -7.06
N GLN A 51 -3.70 -8.06 -6.34
CA GLN A 51 -4.62 -8.48 -5.29
C GLN A 51 -3.92 -9.37 -4.27
N LYS A 52 -2.65 -9.07 -4.01
CA LYS A 52 -1.86 -9.84 -3.06
C LYS A 52 -1.77 -9.13 -1.71
N PHE A 53 -1.58 -9.90 -0.64
CA PHE A 53 -1.48 -9.34 0.69
C PHE A 53 -0.10 -9.60 1.29
N GLY A 54 0.46 -8.57 1.93
CA GLY A 54 1.78 -8.71 2.53
C GLY A 54 2.27 -7.42 3.14
N THR A 55 3.58 -7.23 3.16
CA THR A 55 4.19 -6.03 3.72
C THR A 55 5.17 -5.40 2.76
N PHE A 56 5.13 -4.07 2.65
CA PHE A 56 6.03 -3.35 1.76
C PHE A 56 6.50 -2.05 2.40
N PRO A 57 7.65 -1.54 1.93
CA PRO A 57 8.23 -0.29 2.45
C PRO A 57 7.42 0.94 2.05
N GLY A 58 6.77 1.55 3.04
CA GLY A 58 5.96 2.74 2.77
C GLY A 58 6.74 3.82 2.07
N ASN A 59 8.06 3.70 2.08
CA ASN A 59 8.93 4.68 1.44
C ASN A 59 8.76 4.66 -0.08
N TYR A 60 8.07 3.63 -0.57
CA TYR A 60 7.83 3.49 -2.00
C TYR A 60 6.42 3.93 -2.37
N VAL A 61 5.57 4.08 -1.35
CA VAL A 61 4.18 4.49 -1.56
C VAL A 61 3.88 5.78 -0.81
N ALA A 62 2.69 6.32 -1.04
CA ALA A 62 2.27 7.56 -0.39
C ALA A 62 0.76 7.62 -0.26
N PRO A 63 0.28 8.25 0.83
CA PRO A 63 -1.15 8.40 1.10
C PRO A 63 -1.83 9.36 0.15
N VAL A 64 -2.44 8.81 -0.90
CA VAL A 64 -3.12 9.64 -1.89
C VAL A 64 -4.41 10.23 -1.32
N SER A 65 -4.94 9.59 -0.29
CA SER A 65 -6.17 10.06 0.34
C SER A 65 -6.09 11.55 0.65
N GLY A 66 -4.87 12.05 0.78
CA GLY A 66 -4.67 13.47 1.07
C GLY A 66 -5.66 14.35 0.33
N PRO A 67 -6.06 15.46 0.97
CA PRO A 67 -7.01 16.41 0.38
C PRO A 67 -6.40 17.19 -0.78
N SER A 68 -5.07 17.18 -0.87
CA SER A 68 -4.38 17.89 -1.93
C SER A 68 -4.81 17.37 -3.30
N SER A 69 -5.50 18.22 -4.06
CA SER A 69 -5.98 17.85 -5.38
C SER A 69 -4.85 17.25 -6.22
N GLY A 70 -5.23 16.46 -7.22
CA GLY A 70 -4.23 15.84 -8.08
C GLY A 70 -4.83 14.80 -9.00
N GLY A 1 -24.43 -4.47 1.61
CA GLY A 1 -24.15 -5.65 2.41
C GLY A 1 -24.20 -5.37 3.89
N SER A 2 -23.66 -6.28 4.69
CA SER A 2 -23.63 -6.13 6.14
C SER A 2 -22.70 -4.99 6.54
N SER A 3 -21.48 -5.02 6.02
CA SER A 3 -20.49 -4.00 6.35
C SER A 3 -19.62 -3.70 5.13
N GLY A 4 -18.98 -2.53 5.15
CA GLY A 4 -18.12 -2.14 4.04
C GLY A 4 -16.70 -1.85 4.49
N SER A 5 -15.89 -2.89 4.57
CA SER A 5 -14.49 -2.75 4.99
C SER A 5 -13.62 -2.33 3.82
N SER A 6 -12.72 -1.37 4.07
CA SER A 6 -11.82 -0.88 3.03
C SER A 6 -10.68 -0.07 3.64
N GLY A 7 -9.46 -0.57 3.48
CA GLY A 7 -8.30 0.12 4.02
C GLY A 7 -8.16 1.52 3.48
N THR A 8 -6.96 2.09 3.61
CA THR A 8 -6.69 3.43 3.12
C THR A 8 -6.04 3.40 1.75
N PRO A 9 -6.50 4.29 0.85
CA PRO A 9 -5.98 4.38 -0.52
C PRO A 9 -4.56 4.94 -0.55
N TYR A 10 -3.71 4.33 -1.39
CA TYR A 10 -2.33 4.77 -1.52
C TYR A 10 -1.87 4.68 -2.97
N ARG A 11 -0.66 5.18 -3.22
CA ARG A 11 -0.10 5.17 -4.57
C ARG A 11 1.39 4.86 -4.54
N ALA A 12 1.81 3.90 -5.35
CA ALA A 12 3.21 3.51 -5.41
C ALA A 12 4.01 4.47 -6.29
N MET A 13 4.75 5.38 -5.65
CA MET A 13 5.55 6.35 -6.38
C MET A 13 6.54 5.65 -7.31
N TYR A 14 7.03 4.50 -6.88
CA TYR A 14 7.98 3.73 -7.67
C TYR A 14 7.68 2.25 -7.62
N GLN A 15 8.25 1.49 -8.55
CA GLN A 15 8.03 0.04 -8.60
C GLN A 15 8.93 -0.67 -7.61
N TYR A 16 8.40 -1.73 -7.00
CA TYR A 16 9.15 -2.50 -6.02
C TYR A 16 9.27 -3.96 -6.46
N ARG A 17 10.36 -4.61 -6.05
CA ARG A 17 10.58 -6.01 -6.40
C ARG A 17 10.73 -6.87 -5.15
N PRO A 18 9.59 -7.37 -4.65
CA PRO A 18 9.57 -8.22 -3.45
C PRO A 18 10.19 -9.59 -3.69
N GLN A 19 11.34 -9.82 -3.05
CA GLN A 19 12.04 -11.10 -3.20
C GLN A 19 11.44 -12.16 -2.28
N ASN A 20 10.33 -11.81 -1.64
CA ASN A 20 9.67 -12.74 -0.73
C ASN A 20 8.14 -12.62 -0.84
N GLU A 21 7.45 -13.72 -0.61
CA GLU A 21 5.99 -13.75 -0.70
C GLU A 21 5.38 -12.84 0.38
N ASP A 22 6.04 -12.75 1.52
CA ASP A 22 5.56 -11.91 2.62
C ASP A 22 5.49 -10.45 2.20
N GLU A 23 6.24 -10.10 1.16
CA GLU A 23 6.26 -8.73 0.67
C GLU A 23 5.33 -8.57 -0.54
N LEU A 24 4.73 -7.40 -0.66
CA LEU A 24 3.81 -7.11 -1.76
C LEU A 24 4.52 -6.36 -2.87
N GLU A 25 4.13 -6.64 -4.11
CA GLU A 25 4.74 -5.99 -5.27
C GLU A 25 4.02 -4.69 -5.59
N LEU A 26 4.77 -3.72 -6.10
CA LEU A 26 4.21 -2.42 -6.45
C LEU A 26 4.57 -2.03 -7.88
N ARG A 27 4.04 -0.91 -8.34
CA ARG A 27 4.31 -0.43 -9.69
C ARG A 27 4.20 1.09 -9.76
N GLU A 28 5.21 1.73 -10.35
CA GLU A 28 5.22 3.18 -10.48
C GLU A 28 3.92 3.69 -11.09
N GLY A 29 3.09 4.31 -10.25
CA GLY A 29 1.82 4.83 -10.72
C GLY A 29 0.68 3.84 -10.53
N ASP A 30 0.69 3.14 -9.40
CA ASP A 30 -0.35 2.17 -9.11
C ASP A 30 -0.97 2.44 -7.74
N ARG A 31 -2.23 2.03 -7.58
CA ARG A 31 -2.94 2.23 -6.31
C ARG A 31 -2.61 1.12 -5.32
N VAL A 32 -2.63 1.46 -4.03
CA VAL A 32 -2.33 0.50 -2.98
C VAL A 32 -3.29 0.66 -1.80
N ASP A 33 -3.80 -0.47 -1.30
CA ASP A 33 -4.72 -0.46 -0.18
C ASP A 33 -4.01 -0.81 1.12
N VAL A 34 -3.54 0.21 1.82
CA VAL A 34 -2.83 0.01 3.09
C VAL A 34 -3.81 -0.18 4.23
N MET A 35 -3.57 -1.21 5.05
CA MET A 35 -4.42 -1.50 6.19
C MET A 35 -3.69 -1.24 7.50
N GLN A 36 -2.54 -1.89 7.67
CA GLN A 36 -1.75 -1.74 8.88
C GLN A 36 -0.51 -0.89 8.61
N GLN A 37 -0.09 -0.13 9.62
CA GLN A 37 1.08 0.74 9.48
C GLN A 37 2.12 0.39 10.54
N CYS A 38 3.23 -0.22 10.10
CA CYS A 38 4.30 -0.60 11.01
C CYS A 38 4.97 0.63 11.61
N ASP A 39 5.67 0.44 12.72
CA ASP A 39 6.37 1.53 13.39
C ASP A 39 7.73 1.78 12.74
N ASP A 40 8.48 0.72 12.54
CA ASP A 40 9.81 0.81 11.95
C ASP A 40 9.79 1.77 10.76
N GLY A 41 8.69 1.75 10.00
CA GLY A 41 8.57 2.62 8.84
C GLY A 41 8.12 1.86 7.61
N TRP A 42 7.22 0.90 7.80
CA TRP A 42 6.71 0.10 6.69
C TRP A 42 5.18 0.05 6.72
N PHE A 43 4.59 -0.31 5.59
CA PHE A 43 3.14 -0.41 5.48
C PHE A 43 2.71 -1.81 5.05
N VAL A 44 1.53 -2.22 5.49
CA VAL A 44 1.01 -3.54 5.14
C VAL A 44 -0.43 -3.45 4.65
N GLY A 45 -0.68 -4.03 3.48
CA GLY A 45 -2.02 -3.99 2.91
C GLY A 45 -2.15 -4.91 1.70
N VAL A 46 -2.84 -4.42 0.67
CA VAL A 46 -3.04 -5.20 -0.55
C VAL A 46 -2.76 -4.36 -1.79
N SER A 47 -2.41 -5.04 -2.87
CA SER A 47 -2.11 -4.35 -4.13
C SER A 47 -3.37 -4.17 -4.97
N ARG A 48 -3.25 -3.42 -6.06
CA ARG A 48 -4.39 -3.16 -6.93
C ARG A 48 -4.11 -3.70 -8.34
N ARG A 49 -2.97 -4.35 -8.51
CA ARG A 49 -2.59 -4.91 -9.80
C ARG A 49 -2.54 -6.42 -9.74
N THR A 50 -2.10 -6.95 -8.59
CA THR A 50 -2.00 -8.39 -8.41
C THR A 50 -2.95 -8.88 -7.32
N GLN A 51 -3.54 -7.92 -6.60
CA GLN A 51 -4.47 -8.25 -5.53
C GLN A 51 -3.81 -9.19 -4.50
N LYS A 52 -2.50 -9.05 -4.34
CA LYS A 52 -1.76 -9.87 -3.40
C LYS A 52 -1.67 -9.20 -2.03
N PHE A 53 -1.34 -9.97 -1.00
CA PHE A 53 -1.23 -9.45 0.34
C PHE A 53 0.21 -9.55 0.85
N GLY A 54 0.59 -8.62 1.72
CA GLY A 54 1.94 -8.63 2.26
C GLY A 54 2.36 -7.27 2.80
N THR A 55 3.65 -7.10 3.01
CA THR A 55 4.18 -5.83 3.53
C THR A 55 5.18 -5.21 2.55
N PHE A 56 5.16 -3.88 2.47
CA PHE A 56 6.07 -3.17 1.57
C PHE A 56 6.58 -1.89 2.23
N PRO A 57 7.71 -1.39 1.75
CA PRO A 57 8.34 -0.17 2.27
C PRO A 57 7.53 1.08 1.92
N GLY A 58 6.82 1.62 2.91
CA GLY A 58 6.02 2.81 2.68
C GLY A 58 6.81 3.92 2.03
N ASN A 59 8.13 3.80 2.05
CA ASN A 59 8.99 4.82 1.44
C ASN A 59 8.81 4.86 -0.06
N TYR A 60 8.12 3.86 -0.60
CA TYR A 60 7.88 3.78 -2.04
C TYR A 60 6.46 4.24 -2.37
N VAL A 61 5.55 4.09 -1.40
CA VAL A 61 4.17 4.49 -1.59
C VAL A 61 3.83 5.72 -0.76
N ALA A 62 2.62 6.23 -0.94
CA ALA A 62 2.17 7.41 -0.19
C ALA A 62 0.65 7.47 -0.12
N PRO A 63 0.13 8.12 0.93
CA PRO A 63 -1.32 8.26 1.14
C PRO A 63 -1.95 9.21 0.11
N VAL A 64 -2.63 8.63 -0.87
CA VAL A 64 -3.29 9.42 -1.90
C VAL A 64 -4.56 10.08 -1.37
N SER A 65 -5.09 9.53 -0.29
CA SER A 65 -6.30 10.06 0.33
C SER A 65 -6.21 11.58 0.47
N GLY A 66 -5.00 12.07 0.75
CA GLY A 66 -4.81 13.50 0.92
C GLY A 66 -4.67 13.90 2.37
N PRO A 67 -3.84 14.93 2.63
CA PRO A 67 -3.61 15.43 3.99
C PRO A 67 -4.82 16.14 4.56
N SER A 68 -4.97 16.07 5.88
CA SER A 68 -6.09 16.72 6.55
C SER A 68 -5.75 18.15 6.95
N SER A 69 -6.20 19.11 6.15
CA SER A 69 -5.94 20.52 6.41
C SER A 69 -4.48 20.74 6.79
N GLY A 70 -3.59 20.00 6.14
CA GLY A 70 -2.17 20.12 6.44
C GLY A 70 -1.85 19.84 7.89
N GLY A 1 -17.88 -7.77 5.35
CA GLY A 1 -19.24 -7.26 5.25
C GLY A 1 -19.38 -5.87 5.81
N SER A 2 -18.98 -4.87 5.04
CA SER A 2 -19.06 -3.48 5.47
C SER A 2 -19.21 -2.55 4.26
N SER A 3 -19.63 -1.31 4.53
CA SER A 3 -19.81 -0.33 3.47
C SER A 3 -18.61 0.61 3.39
N GLY A 4 -18.21 0.94 2.16
CA GLY A 4 -17.07 1.83 1.97
C GLY A 4 -15.75 1.12 2.20
N SER A 5 -14.69 1.63 1.58
CA SER A 5 -13.36 1.05 1.72
C SER A 5 -12.87 1.15 3.17
N SER A 6 -12.37 0.05 3.69
CA SER A 6 -11.86 0.02 5.06
C SER A 6 -10.42 0.51 5.13
N GLY A 7 -9.60 0.02 4.22
CA GLY A 7 -8.20 0.42 4.19
C GLY A 7 -8.01 1.82 3.63
N THR A 8 -6.81 2.35 3.76
CA THR A 8 -6.50 3.69 3.27
C THR A 8 -5.90 3.64 1.88
N PRO A 9 -6.36 4.56 1.01
CA PRO A 9 -5.88 4.65 -0.38
C PRO A 9 -4.45 5.14 -0.47
N TYR A 10 -3.64 4.44 -1.25
CA TYR A 10 -2.23 4.80 -1.42
C TYR A 10 -1.78 4.59 -2.86
N ARG A 11 -0.60 5.09 -3.19
CA ARG A 11 -0.05 4.96 -4.54
C ARG A 11 1.45 4.72 -4.50
N ALA A 12 1.91 3.74 -5.26
CA ALA A 12 3.34 3.42 -5.31
C ALA A 12 4.12 4.47 -6.09
N MET A 13 4.83 5.32 -5.36
CA MET A 13 5.62 6.38 -5.98
C MET A 13 6.63 5.80 -6.97
N TYR A 14 7.07 4.58 -6.71
CA TYR A 14 8.04 3.92 -7.58
C TYR A 14 7.80 2.41 -7.59
N GLN A 15 8.32 1.75 -8.63
CA GLN A 15 8.17 0.31 -8.76
C GLN A 15 8.99 -0.43 -7.71
N TYR A 16 8.41 -1.48 -7.15
CA TYR A 16 9.10 -2.27 -6.12
C TYR A 16 9.39 -3.69 -6.63
N ARG A 17 10.37 -4.33 -6.01
CA ARG A 17 10.75 -5.69 -6.41
C ARG A 17 10.87 -6.60 -5.18
N PRO A 18 9.75 -7.22 -4.80
CA PRO A 18 9.71 -8.12 -3.64
C PRO A 18 10.47 -9.42 -3.88
N GLN A 19 11.55 -9.61 -3.14
CA GLN A 19 12.36 -10.81 -3.28
C GLN A 19 11.52 -12.08 -3.08
N ASN A 20 10.57 -12.00 -2.16
CA ASN A 20 9.69 -13.13 -1.87
C ASN A 20 8.23 -12.72 -1.93
N GLU A 21 7.34 -13.67 -1.70
CA GLU A 21 5.90 -13.41 -1.73
C GLU A 21 5.48 -12.59 -0.51
N ASP A 22 6.06 -12.91 0.64
CA ASP A 22 5.74 -12.22 1.88
C ASP A 22 5.55 -10.72 1.63
N GLU A 23 6.38 -10.16 0.75
CA GLU A 23 6.30 -8.75 0.42
C GLU A 23 5.40 -8.52 -0.80
N LEU A 24 4.67 -7.41 -0.78
CA LEU A 24 3.77 -7.06 -1.88
C LEU A 24 4.50 -6.28 -2.95
N GLU A 25 4.21 -6.60 -4.21
CA GLU A 25 4.84 -5.92 -5.33
C GLU A 25 4.09 -4.64 -5.68
N LEU A 26 4.82 -3.66 -6.22
CA LEU A 26 4.22 -2.38 -6.58
C LEU A 26 4.82 -1.86 -7.90
N ARG A 27 4.03 -1.08 -8.62
CA ARG A 27 4.47 -0.52 -9.91
C ARG A 27 4.28 1.00 -9.93
N GLU A 28 5.32 1.71 -10.31
CA GLU A 28 5.26 3.16 -10.38
C GLU A 28 3.88 3.63 -10.85
N GLY A 29 3.16 4.30 -9.94
CA GLY A 29 1.84 4.79 -10.27
C GLY A 29 0.77 3.72 -10.13
N ASP A 30 0.87 2.92 -9.08
CA ASP A 30 -0.09 1.85 -8.83
C ASP A 30 -0.84 2.10 -7.52
N ARG A 31 -2.14 1.81 -7.54
CA ARG A 31 -2.98 1.99 -6.36
C ARG A 31 -2.76 0.87 -5.35
N VAL A 32 -2.65 1.23 -4.08
CA VAL A 32 -2.43 0.25 -3.02
C VAL A 32 -3.44 0.44 -1.88
N ASP A 33 -3.87 -0.66 -1.29
CA ASP A 33 -4.82 -0.60 -0.19
C ASP A 33 -4.15 -0.95 1.14
N VAL A 34 -3.64 0.07 1.83
CA VAL A 34 -2.96 -0.14 3.10
C VAL A 34 -3.97 -0.44 4.21
N MET A 35 -3.66 -1.43 5.03
CA MET A 35 -4.53 -1.82 6.14
C MET A 35 -3.96 -1.37 7.47
N GLN A 36 -2.73 -1.79 7.76
CA GLN A 36 -2.07 -1.43 9.00
C GLN A 36 -0.82 -0.60 8.73
N GLN A 37 -0.33 0.08 9.77
CA GLN A 37 0.86 0.92 9.64
C GLN A 37 1.89 0.55 10.70
N CYS A 38 3.07 0.13 10.26
CA CYS A 38 4.14 -0.24 11.17
C CYS A 38 4.92 0.99 11.64
N ASP A 39 5.51 0.90 12.82
CA ASP A 39 6.28 2.01 13.38
C ASP A 39 7.58 2.20 12.62
N ASP A 40 8.35 1.11 12.49
CA ASP A 40 9.63 1.16 11.78
C ASP A 40 9.52 2.03 10.53
N GLY A 41 8.31 2.14 10.00
CA GLY A 41 8.09 2.94 8.80
C GLY A 41 7.68 2.11 7.60
N TRP A 42 6.84 1.10 7.86
CA TRP A 42 6.38 0.22 6.80
C TRP A 42 4.85 0.15 6.77
N PHE A 43 4.30 -0.45 5.72
CA PHE A 43 2.86 -0.58 5.57
C PHE A 43 2.47 -1.99 5.17
N VAL A 44 1.32 -2.45 5.64
CA VAL A 44 0.83 -3.79 5.32
C VAL A 44 -0.59 -3.74 4.78
N GLY A 45 -0.74 -4.03 3.49
CA GLY A 45 -2.06 -4.02 2.89
C GLY A 45 -2.15 -4.96 1.69
N VAL A 46 -2.92 -4.55 0.68
CA VAL A 46 -3.09 -5.36 -0.51
C VAL A 46 -2.77 -4.56 -1.77
N SER A 47 -2.44 -5.25 -2.85
CA SER A 47 -2.11 -4.60 -4.11
C SER A 47 -3.34 -4.54 -5.03
N ARG A 48 -3.29 -3.63 -6.00
CA ARG A 48 -4.39 -3.46 -6.94
C ARG A 48 -4.04 -4.06 -8.30
N ARG A 49 -2.86 -4.66 -8.40
CA ARG A 49 -2.41 -5.26 -9.64
C ARG A 49 -2.40 -6.78 -9.52
N THR A 50 -2.05 -7.28 -8.34
CA THR A 50 -1.99 -8.72 -8.10
C THR A 50 -3.00 -9.13 -7.03
N GLN A 51 -3.54 -8.16 -6.31
CA GLN A 51 -4.51 -8.41 -5.26
C GLN A 51 -3.92 -9.32 -4.18
N LYS A 52 -2.60 -9.24 -4.02
CA LYS A 52 -1.90 -10.04 -3.02
C LYS A 52 -1.84 -9.31 -1.68
N PHE A 53 -1.60 -10.07 -0.62
CA PHE A 53 -1.51 -9.49 0.72
C PHE A 53 -0.13 -9.70 1.31
N GLY A 54 0.48 -8.61 1.80
CA GLY A 54 1.80 -8.70 2.38
C GLY A 54 2.26 -7.38 2.97
N THR A 55 3.58 -7.21 3.11
CA THR A 55 4.15 -5.99 3.66
C THR A 55 5.13 -5.35 2.69
N PHE A 56 5.11 -4.02 2.61
CA PHE A 56 6.01 -3.29 1.72
C PHE A 56 6.49 -2.01 2.38
N PRO A 57 7.65 -1.51 1.90
CA PRO A 57 8.24 -0.28 2.43
C PRO A 57 7.44 0.96 2.06
N GLY A 58 6.86 1.61 3.07
CA GLY A 58 6.08 2.80 2.83
C GLY A 58 6.86 3.88 2.10
N ASN A 59 8.18 3.71 2.05
CA ASN A 59 9.04 4.67 1.37
C ASN A 59 8.81 4.65 -0.13
N TYR A 60 8.12 3.61 -0.60
CA TYR A 60 7.85 3.46 -2.03
C TYR A 60 6.44 3.96 -2.36
N VAL A 61 5.55 3.86 -1.39
CA VAL A 61 4.17 4.31 -1.58
C VAL A 61 3.92 5.63 -0.84
N ALA A 62 2.72 6.19 -1.04
CA ALA A 62 2.35 7.44 -0.39
C ALA A 62 0.84 7.55 -0.23
N PRO A 63 0.41 8.20 0.86
CA PRO A 63 -1.02 8.39 1.14
C PRO A 63 -1.69 9.35 0.18
N VAL A 64 -2.34 8.81 -0.85
CA VAL A 64 -3.03 9.62 -1.84
C VAL A 64 -4.28 10.26 -1.26
N SER A 65 -4.74 9.74 -0.13
CA SER A 65 -5.93 10.27 0.53
C SER A 65 -5.79 11.76 0.80
N GLY A 66 -4.56 12.25 0.78
CA GLY A 66 -4.30 13.66 1.02
C GLY A 66 -5.31 14.55 0.32
N PRO A 67 -5.65 15.69 0.95
CA PRO A 67 -6.60 16.64 0.40
C PRO A 67 -6.05 17.37 -0.82
N SER A 68 -6.70 17.16 -1.97
CA SER A 68 -6.26 17.79 -3.22
C SER A 68 -7.47 18.24 -4.04
N SER A 69 -7.67 19.54 -4.12
CA SER A 69 -8.79 20.10 -4.88
C SER A 69 -8.72 19.66 -6.34
N GLY A 70 -7.53 19.71 -6.92
CA GLY A 70 -7.36 19.32 -8.30
C GLY A 70 -6.89 17.89 -8.44
N GLY A 1 -9.21 -4.45 15.85
CA GLY A 1 -9.75 -4.94 14.59
C GLY A 1 -10.23 -6.37 14.69
N SER A 2 -11.45 -6.61 14.19
CA SER A 2 -12.02 -7.96 14.23
C SER A 2 -12.61 -8.33 12.87
N SER A 3 -13.60 -7.55 12.43
CA SER A 3 -14.25 -7.81 11.15
C SER A 3 -13.98 -6.68 10.17
N GLY A 4 -14.53 -5.50 10.47
CA GLY A 4 -14.32 -4.35 9.60
C GLY A 4 -12.86 -4.12 9.27
N SER A 5 -12.51 -4.26 8.01
CA SER A 5 -11.13 -4.07 7.56
C SER A 5 -11.05 -2.97 6.51
N SER A 6 -11.09 -1.72 6.96
CA SER A 6 -11.02 -0.57 6.06
C SER A 6 -9.59 -0.33 5.60
N GLY A 7 -9.40 -0.26 4.28
CA GLY A 7 -8.07 -0.03 3.74
C GLY A 7 -7.92 1.35 3.15
N THR A 8 -6.87 2.06 3.55
CA THR A 8 -6.62 3.41 3.06
C THR A 8 -5.97 3.37 1.68
N PRO A 9 -6.45 4.26 0.78
CA PRO A 9 -5.92 4.34 -0.59
C PRO A 9 -4.52 4.90 -0.64
N TYR A 10 -3.65 4.24 -1.39
CA TYR A 10 -2.26 4.68 -1.53
C TYR A 10 -1.80 4.60 -2.98
N ARG A 11 -0.56 5.01 -3.22
CA ARG A 11 0.01 4.98 -4.57
C ARG A 11 1.50 4.69 -4.53
N ALA A 12 1.95 3.83 -5.42
CA ALA A 12 3.37 3.47 -5.49
C ALA A 12 4.17 4.54 -6.21
N MET A 13 4.94 5.31 -5.45
CA MET A 13 5.76 6.38 -6.01
C MET A 13 6.88 5.80 -6.87
N TYR A 14 7.26 4.56 -6.58
CA TYR A 14 8.33 3.90 -7.32
C TYR A 14 8.15 2.39 -7.30
N GLN A 15 8.42 1.74 -8.43
CA GLN A 15 8.28 0.29 -8.54
C GLN A 15 9.14 -0.41 -7.49
N TYR A 16 8.60 -1.50 -6.93
CA TYR A 16 9.32 -2.26 -5.93
C TYR A 16 9.58 -3.68 -6.39
N ARG A 17 10.67 -4.27 -5.91
CA ARG A 17 11.04 -5.63 -6.28
C ARG A 17 11.15 -6.53 -5.05
N PRO A 18 10.03 -7.17 -4.69
CA PRO A 18 9.98 -8.06 -3.52
C PRO A 18 10.75 -9.35 -3.75
N GLN A 19 11.64 -9.68 -2.81
CA GLN A 19 12.44 -10.88 -2.91
C GLN A 19 11.58 -12.13 -2.72
N ASN A 20 10.51 -12.01 -1.94
CA ASN A 20 9.62 -13.12 -1.68
C ASN A 20 8.16 -12.66 -1.74
N GLU A 21 7.24 -13.61 -1.63
CA GLU A 21 5.81 -13.32 -1.66
C GLU A 21 5.39 -12.49 -0.45
N ASP A 22 5.96 -12.83 0.72
CA ASP A 22 5.65 -12.11 1.95
C ASP A 22 5.48 -10.62 1.69
N GLU A 23 6.28 -10.09 0.76
CA GLU A 23 6.24 -8.67 0.43
C GLU A 23 5.34 -8.45 -0.78
N LEU A 24 4.79 -7.24 -0.88
CA LEU A 24 3.91 -6.87 -1.99
C LEU A 24 4.67 -6.10 -3.06
N GLU A 25 4.44 -6.45 -4.32
CA GLU A 25 5.11 -5.79 -5.44
C GLU A 25 4.35 -4.52 -5.84
N LEU A 26 5.08 -3.40 -5.91
CA LEU A 26 4.48 -2.12 -6.28
C LEU A 26 5.00 -1.66 -7.64
N ARG A 27 4.17 -0.90 -8.34
CA ARG A 27 4.54 -0.38 -9.66
C ARG A 27 4.33 1.12 -9.72
N GLU A 28 5.35 1.83 -10.22
CA GLU A 28 5.27 3.29 -10.34
C GLU A 28 3.96 3.71 -10.99
N GLY A 29 3.10 4.35 -10.20
CA GLY A 29 1.82 4.80 -10.72
C GLY A 29 0.72 3.78 -10.52
N ASP A 30 0.75 3.10 -9.37
CA ASP A 30 -0.25 2.09 -9.06
C ASP A 30 -0.88 2.33 -7.69
N ARG A 31 -2.19 2.14 -7.59
CA ARG A 31 -2.90 2.34 -6.34
C ARG A 31 -2.71 1.15 -5.40
N VAL A 32 -2.72 1.42 -4.10
CA VAL A 32 -2.56 0.37 -3.10
C VAL A 32 -3.60 0.50 -1.99
N ASP A 33 -3.81 -0.59 -1.26
CA ASP A 33 -4.78 -0.60 -0.17
C ASP A 33 -4.09 -0.91 1.15
N VAL A 34 -3.66 0.15 1.85
CA VAL A 34 -3.00 -0.01 3.13
C VAL A 34 -4.00 -0.31 4.25
N MET A 35 -3.67 -1.29 5.08
CA MET A 35 -4.53 -1.68 6.18
C MET A 35 -3.90 -1.34 7.52
N GLN A 36 -2.66 -1.79 7.72
CA GLN A 36 -1.94 -1.54 8.96
C GLN A 36 -0.68 -0.72 8.70
N GLN A 37 -0.23 0.00 9.72
CA GLN A 37 0.98 0.84 9.60
C GLN A 37 2.00 0.46 10.66
N CYS A 38 3.22 0.17 10.21
CA CYS A 38 4.30 -0.20 11.12
C CYS A 38 5.01 1.03 11.66
N ASP A 39 5.62 0.90 12.83
CA ASP A 39 6.33 2.01 13.45
C ASP A 39 7.73 2.16 12.86
N ASP A 40 8.20 1.11 12.21
CA ASP A 40 9.53 1.12 11.59
C ASP A 40 9.52 1.98 10.33
N GLY A 41 8.38 2.04 9.66
CA GLY A 41 8.27 2.83 8.45
C GLY A 41 7.72 2.03 7.28
N TRP A 42 7.25 0.82 7.56
CA TRP A 42 6.69 -0.05 6.54
C TRP A 42 5.17 -0.08 6.61
N PHE A 43 4.53 -0.37 5.48
CA PHE A 43 3.07 -0.43 5.42
C PHE A 43 2.61 -1.81 4.97
N VAL A 44 1.55 -2.30 5.61
CA VAL A 44 1.01 -3.62 5.28
C VAL A 44 -0.42 -3.50 4.75
N GLY A 45 -0.62 -3.94 3.51
CA GLY A 45 -1.94 -3.88 2.90
C GLY A 45 -2.09 -4.85 1.75
N VAL A 46 -2.87 -4.45 0.75
CA VAL A 46 -3.09 -5.30 -0.42
C VAL A 46 -2.88 -4.51 -1.71
N SER A 47 -2.51 -5.22 -2.77
CA SER A 47 -2.27 -4.58 -4.06
C SER A 47 -3.55 -4.54 -4.89
N ARG A 48 -3.59 -3.65 -5.87
CA ARG A 48 -4.76 -3.52 -6.74
C ARG A 48 -4.53 -4.22 -8.08
N ARG A 49 -3.31 -4.70 -8.30
CA ARG A 49 -2.95 -5.37 -9.53
C ARG A 49 -2.99 -6.88 -9.35
N THR A 50 -2.31 -7.37 -8.31
CA THR A 50 -2.26 -8.79 -8.02
C THR A 50 -3.20 -9.16 -6.88
N GLN A 51 -3.92 -8.16 -6.37
CA GLN A 51 -4.86 -8.38 -5.27
C GLN A 51 -4.24 -9.28 -4.20
N LYS A 52 -2.93 -9.17 -4.03
CA LYS A 52 -2.22 -9.97 -3.04
C LYS A 52 -2.09 -9.22 -1.73
N PHE A 53 -1.88 -9.95 -0.64
CA PHE A 53 -1.72 -9.35 0.68
C PHE A 53 -0.31 -9.57 1.22
N GLY A 54 0.25 -8.51 1.80
CA GLY A 54 1.60 -8.61 2.35
C GLY A 54 2.07 -7.29 2.92
N THR A 55 3.39 -7.18 3.11
CA THR A 55 3.98 -5.96 3.66
C THR A 55 5.02 -5.37 2.70
N PHE A 56 5.04 -4.05 2.60
CA PHE A 56 5.97 -3.36 1.73
C PHE A 56 6.47 -2.07 2.35
N PRO A 57 7.64 -1.60 1.91
CA PRO A 57 8.25 -0.37 2.42
C PRO A 57 7.48 0.88 1.99
N GLY A 58 6.73 1.47 2.92
CA GLY A 58 5.96 2.65 2.63
C GLY A 58 6.78 3.71 1.92
N ASN A 59 8.10 3.64 2.07
CA ASN A 59 8.99 4.61 1.44
C ASN A 59 8.79 4.63 -0.06
N TYR A 60 8.17 3.58 -0.59
CA TYR A 60 7.92 3.48 -2.02
C TYR A 60 6.52 3.99 -2.37
N VAL A 61 5.60 3.85 -1.42
CA VAL A 61 4.22 4.29 -1.61
C VAL A 61 3.94 5.57 -0.84
N ALA A 62 2.75 6.14 -1.05
CA ALA A 62 2.35 7.36 -0.37
C ALA A 62 0.83 7.44 -0.22
N PRO A 63 0.38 8.05 0.88
CA PRO A 63 -1.05 8.21 1.17
C PRO A 63 -1.73 9.20 0.22
N VAL A 64 -2.41 8.67 -0.80
CA VAL A 64 -3.09 9.51 -1.76
C VAL A 64 -4.39 10.06 -1.19
N SER A 65 -4.76 9.58 0.00
CA SER A 65 -5.99 10.03 0.65
C SER A 65 -5.90 11.51 0.99
N GLY A 66 -4.71 12.07 0.88
CA GLY A 66 -4.52 13.48 1.19
C GLY A 66 -5.56 14.36 0.52
N PRO A 67 -5.94 15.45 1.21
CA PRO A 67 -6.94 16.39 0.69
C PRO A 67 -6.41 17.20 -0.50
N SER A 68 -5.14 17.01 -0.81
CA SER A 68 -4.51 17.73 -1.92
C SER A 68 -4.79 19.22 -1.84
N SER A 69 -4.87 19.73 -0.62
CA SER A 69 -5.14 21.15 -0.39
C SER A 69 -4.89 21.53 1.06
N GLY A 70 -4.88 22.83 1.33
CA GLY A 70 -4.66 23.31 2.69
C GLY A 70 -3.19 23.25 3.08
N GLY A 1 -22.10 6.56 4.84
CA GLY A 1 -22.07 5.11 4.93
C GLY A 1 -20.67 4.55 4.82
N SER A 2 -20.22 4.32 3.58
CA SER A 2 -18.89 3.79 3.34
C SER A 2 -18.66 2.52 4.16
N SER A 3 -19.67 1.67 4.22
CA SER A 3 -19.59 0.43 4.98
C SER A 3 -19.22 -0.74 4.07
N GLY A 4 -17.93 -0.89 3.80
CA GLY A 4 -17.46 -1.96 2.94
C GLY A 4 -15.97 -1.89 2.69
N SER A 5 -15.53 -0.81 2.04
CA SER A 5 -14.12 -0.64 1.72
C SER A 5 -13.29 -0.48 3.00
N SER A 6 -12.37 -1.41 3.21
CA SER A 6 -11.52 -1.39 4.39
C SER A 6 -10.06 -1.14 4.00
N GLY A 7 -9.53 0.00 4.44
CA GLY A 7 -8.15 0.34 4.13
C GLY A 7 -8.02 1.69 3.49
N THR A 8 -6.93 2.39 3.78
CA THR A 8 -6.69 3.71 3.22
C THR A 8 -6.03 3.62 1.85
N PRO A 9 -6.47 4.48 0.92
CA PRO A 9 -5.94 4.52 -0.45
C PRO A 9 -4.51 5.05 -0.50
N TYR A 10 -3.70 4.46 -1.36
CA TYR A 10 -2.31 4.87 -1.51
C TYR A 10 -1.86 4.77 -2.96
N ARG A 11 -0.64 5.21 -3.23
CA ARG A 11 -0.08 5.16 -4.57
C ARG A 11 1.41 4.85 -4.55
N ALA A 12 1.81 3.85 -5.31
CA ALA A 12 3.22 3.45 -5.37
C ALA A 12 4.03 4.44 -6.19
N MET A 13 4.81 5.27 -5.50
CA MET A 13 5.65 6.26 -6.17
C MET A 13 6.69 5.59 -7.05
N TYR A 14 7.10 4.39 -6.67
CA TYR A 14 8.10 3.64 -7.43
C TYR A 14 7.82 2.14 -7.37
N GLN A 15 8.20 1.43 -8.42
CA GLN A 15 7.99 -0.01 -8.50
C GLN A 15 8.85 -0.74 -7.49
N TYR A 16 8.30 -1.79 -6.90
CA TYR A 16 9.01 -2.58 -5.90
C TYR A 16 9.10 -4.05 -6.32
N ARG A 17 10.32 -4.59 -6.33
CA ARG A 17 10.55 -5.97 -6.71
C ARG A 17 10.81 -6.83 -5.47
N PRO A 18 9.73 -7.44 -4.94
CA PRO A 18 9.83 -8.30 -3.76
C PRO A 18 10.54 -9.61 -4.05
N GLN A 19 11.72 -9.79 -3.44
CA GLN A 19 12.49 -11.01 -3.64
C GLN A 19 12.00 -12.14 -2.74
N ASN A 20 10.94 -11.86 -1.99
CA ASN A 20 10.35 -12.85 -1.09
C ASN A 20 8.85 -12.97 -1.30
N GLU A 21 8.28 -14.10 -0.90
CA GLU A 21 6.85 -14.33 -1.03
C GLU A 21 6.07 -13.60 0.06
N ASP A 22 6.79 -12.98 0.98
CA ASP A 22 6.18 -12.26 2.08
C ASP A 22 6.25 -10.75 1.85
N GLU A 23 6.23 -10.36 0.58
CA GLU A 23 6.29 -8.95 0.22
C GLU A 23 5.38 -8.64 -0.96
N LEU A 24 4.63 -7.54 -0.85
CA LEU A 24 3.72 -7.14 -1.91
C LEU A 24 4.45 -6.37 -3.01
N GLU A 25 4.14 -6.70 -4.26
CA GLU A 25 4.77 -6.04 -5.40
C GLU A 25 4.00 -4.79 -5.81
N LEU A 26 4.72 -3.69 -6.01
CA LEU A 26 4.10 -2.43 -6.41
C LEU A 26 4.59 -1.99 -7.79
N ARG A 27 3.94 -0.97 -8.34
CA ARG A 27 4.31 -0.45 -9.65
C ARG A 27 4.19 1.06 -9.69
N GLU A 28 5.19 1.71 -10.28
CA GLU A 28 5.20 3.17 -10.37
C GLU A 28 3.91 3.68 -10.99
N GLY A 29 3.10 4.35 -10.19
CA GLY A 29 1.84 4.88 -10.67
C GLY A 29 0.69 3.91 -10.49
N ASP A 30 0.67 3.21 -9.37
CA ASP A 30 -0.38 2.24 -9.09
C ASP A 30 -1.01 2.50 -7.72
N ARG A 31 -2.28 2.16 -7.59
CA ARG A 31 -3.00 2.37 -6.33
C ARG A 31 -2.70 1.24 -5.35
N VAL A 32 -2.65 1.57 -4.07
CA VAL A 32 -2.37 0.59 -3.03
C VAL A 32 -3.32 0.75 -1.85
N ASP A 33 -3.89 -0.36 -1.39
CA ASP A 33 -4.80 -0.34 -0.26
C ASP A 33 -4.10 -0.76 1.03
N VAL A 34 -3.76 0.23 1.85
CA VAL A 34 -3.08 -0.03 3.11
C VAL A 34 -4.09 -0.22 4.25
N MET A 35 -3.82 -1.20 5.11
CA MET A 35 -4.70 -1.47 6.24
C MET A 35 -4.00 -1.15 7.57
N GLN A 36 -2.86 -1.79 7.80
CA GLN A 36 -2.10 -1.58 9.03
C GLN A 36 -0.83 -0.80 8.75
N GLN A 37 -0.33 -0.11 9.77
CA GLN A 37 0.89 0.68 9.63
C GLN A 37 1.89 0.34 10.72
N CYS A 38 3.12 0.01 10.31
CA CYS A 38 4.17 -0.34 11.26
C CYS A 38 4.85 0.90 11.81
N ASP A 39 5.50 0.76 12.96
CA ASP A 39 6.18 1.87 13.60
C ASP A 39 7.55 2.11 12.96
N ASP A 40 8.21 1.03 12.57
CA ASP A 40 9.53 1.12 11.94
C ASP A 40 9.47 2.03 10.71
N GLY A 41 8.37 1.96 9.97
CA GLY A 41 8.22 2.78 8.78
C GLY A 41 7.78 1.98 7.57
N TRP A 42 7.04 0.91 7.82
CA TRP A 42 6.53 0.06 6.75
C TRP A 42 5.02 0.02 6.74
N PHE A 43 4.44 -0.42 5.62
CA PHE A 43 3.00 -0.49 5.47
C PHE A 43 2.57 -1.89 5.04
N VAL A 44 1.43 -2.34 5.56
CA VAL A 44 0.91 -3.66 5.24
C VAL A 44 -0.52 -3.58 4.70
N GLY A 45 -0.71 -4.02 3.46
CA GLY A 45 -2.03 -3.98 2.85
C GLY A 45 -2.14 -4.90 1.65
N VAL A 46 -2.90 -4.46 0.65
CA VAL A 46 -3.09 -5.25 -0.56
C VAL A 46 -2.80 -4.43 -1.81
N SER A 47 -2.34 -5.09 -2.85
CA SER A 47 -2.01 -4.42 -4.11
C SER A 47 -3.25 -4.24 -4.97
N ARG A 48 -3.14 -3.41 -6.00
CA ARG A 48 -4.26 -3.16 -6.91
C ARG A 48 -3.99 -3.74 -8.29
N ARG A 49 -2.91 -4.49 -8.40
CA ARG A 49 -2.53 -5.10 -9.68
C ARG A 49 -2.50 -6.63 -9.56
N THR A 50 -2.04 -7.12 -8.41
CA THR A 50 -1.95 -8.55 -8.17
C THR A 50 -2.99 -8.99 -7.15
N GLN A 51 -3.52 -8.04 -6.39
CA GLN A 51 -4.52 -8.34 -5.37
C GLN A 51 -3.95 -9.27 -4.31
N LYS A 52 -2.67 -9.11 -4.02
CA LYS A 52 -2.01 -9.93 -3.02
C LYS A 52 -1.94 -9.21 -1.67
N PHE A 53 -1.71 -9.97 -0.60
CA PHE A 53 -1.63 -9.40 0.73
C PHE A 53 -0.26 -9.67 1.35
N GLY A 54 0.49 -8.60 1.60
CA GLY A 54 1.81 -8.73 2.19
C GLY A 54 2.30 -7.44 2.81
N THR A 55 3.62 -7.31 2.92
CA THR A 55 4.23 -6.13 3.51
C THR A 55 5.19 -5.46 2.53
N PHE A 56 5.16 -4.13 2.47
CA PHE A 56 6.03 -3.38 1.59
C PHE A 56 6.51 -2.10 2.25
N PRO A 57 7.64 -1.57 1.77
CA PRO A 57 8.24 -0.35 2.31
C PRO A 57 7.41 0.90 1.96
N GLY A 58 6.82 1.51 2.98
CA GLY A 58 6.01 2.70 2.75
C GLY A 58 6.78 3.81 2.08
N ASN A 59 8.10 3.64 1.99
CA ASN A 59 8.97 4.64 1.36
C ASN A 59 8.74 4.67 -0.15
N TYR A 60 8.11 3.63 -0.67
CA TYR A 60 7.84 3.54 -2.10
C TYR A 60 6.43 4.04 -2.41
N VAL A 61 5.53 3.92 -1.44
CA VAL A 61 4.16 4.37 -1.62
C VAL A 61 3.89 5.66 -0.84
N ALA A 62 2.69 6.21 -1.02
CA ALA A 62 2.31 7.44 -0.32
C ALA A 62 0.80 7.57 -0.25
N PRO A 63 0.31 8.25 0.79
CA PRO A 63 -1.12 8.48 1.01
C PRO A 63 -1.71 9.43 0.00
N VAL A 64 -2.61 8.92 -0.84
CA VAL A 64 -3.26 9.74 -1.87
C VAL A 64 -4.54 10.38 -1.33
N SER A 65 -4.93 9.98 -0.13
CA SER A 65 -6.14 10.51 0.49
C SER A 65 -5.93 11.95 0.95
N GLY A 66 -4.73 12.47 0.71
CA GLY A 66 -4.42 13.83 1.10
C GLY A 66 -5.62 14.76 0.98
N PRO A 67 -5.87 15.24 -0.25
CA PRO A 67 -6.99 16.13 -0.53
C PRO A 67 -8.34 15.44 -0.42
N SER A 68 -8.32 14.12 -0.39
CA SER A 68 -9.55 13.34 -0.28
C SER A 68 -10.26 13.63 1.03
N SER A 69 -11.13 14.64 1.00
CA SER A 69 -11.88 15.03 2.19
C SER A 69 -13.36 14.69 2.02
N GLY A 70 -13.96 14.17 3.10
CA GLY A 70 -15.37 13.82 3.05
C GLY A 70 -15.83 13.11 4.32
N GLY A 1 -16.54 -9.81 -2.31
CA GLY A 1 -16.88 -9.65 -0.91
C GLY A 1 -18.11 -8.77 -0.72
N SER A 2 -18.08 -7.90 0.27
CA SER A 2 -19.19 -7.01 0.56
C SER A 2 -18.84 -5.56 0.21
N SER A 3 -19.79 -4.87 -0.42
CA SER A 3 -19.58 -3.48 -0.81
C SER A 3 -19.07 -2.66 0.37
N GLY A 4 -18.11 -1.79 0.10
CA GLY A 4 -17.55 -0.95 1.15
C GLY A 4 -16.06 -0.71 0.97
N SER A 5 -15.60 0.46 1.39
CA SER A 5 -14.19 0.81 1.27
C SER A 5 -13.38 0.20 2.40
N SER A 6 -12.24 -0.39 2.05
CA SER A 6 -11.37 -1.02 3.05
C SER A 6 -9.94 -0.51 2.92
N GLY A 7 -9.33 -0.18 4.05
CA GLY A 7 -7.96 0.31 4.04
C GLY A 7 -7.85 1.68 3.40
N THR A 8 -6.75 2.37 3.68
CA THR A 8 -6.52 3.69 3.12
C THR A 8 -5.90 3.61 1.73
N PRO A 9 -6.37 4.48 0.82
CA PRO A 9 -5.87 4.53 -0.56
C PRO A 9 -4.45 5.05 -0.64
N TYR A 10 -3.61 4.39 -1.44
CA TYR A 10 -2.22 4.79 -1.61
C TYR A 10 -1.79 4.68 -3.07
N ARG A 11 -0.60 5.15 -3.37
CA ARG A 11 -0.06 5.10 -4.72
C ARG A 11 1.44 4.86 -4.71
N ALA A 12 1.88 3.82 -5.42
CA ALA A 12 3.30 3.49 -5.49
C ALA A 12 4.08 4.57 -6.22
N MET A 13 4.93 5.28 -5.48
CA MET A 13 5.74 6.34 -6.06
C MET A 13 6.87 5.77 -6.91
N TYR A 14 7.33 4.58 -6.54
CA TYR A 14 8.41 3.92 -7.26
C TYR A 14 8.20 2.41 -7.30
N GLN A 15 8.35 1.82 -8.48
CA GLN A 15 8.18 0.40 -8.65
C GLN A 15 9.04 -0.38 -7.65
N TYR A 16 8.49 -1.46 -7.12
CA TYR A 16 9.20 -2.28 -6.14
C TYR A 16 9.32 -3.72 -6.63
N ARG A 17 10.50 -4.29 -6.46
CA ARG A 17 10.75 -5.67 -6.89
C ARG A 17 11.00 -6.58 -5.69
N PRO A 18 9.92 -7.16 -5.15
CA PRO A 18 10.00 -8.04 -3.99
C PRO A 18 10.66 -9.38 -4.33
N GLN A 19 11.48 -9.88 -3.41
CA GLN A 19 12.18 -11.15 -3.61
C GLN A 19 11.46 -12.28 -2.90
N ASN A 20 10.64 -11.93 -1.91
CA ASN A 20 9.89 -12.92 -1.15
C ASN A 20 8.39 -12.68 -1.26
N GLU A 21 7.64 -13.76 -1.47
CA GLU A 21 6.19 -13.66 -1.60
C GLU A 21 5.61 -12.78 -0.50
N ASP A 22 6.12 -12.94 0.72
CA ASP A 22 5.65 -12.17 1.86
C ASP A 22 5.48 -10.70 1.49
N GLU A 23 6.49 -10.15 0.82
CA GLU A 23 6.46 -8.75 0.40
C GLU A 23 5.53 -8.56 -0.81
N LEU A 24 4.84 -7.43 -0.83
CA LEU A 24 3.92 -7.12 -1.92
C LEU A 24 4.60 -6.27 -2.98
N GLU A 25 4.42 -6.66 -4.24
CA GLU A 25 5.02 -5.93 -5.35
C GLU A 25 4.24 -4.65 -5.66
N LEU A 26 4.94 -3.64 -6.14
CA LEU A 26 4.32 -2.37 -6.48
C LEU A 26 4.84 -1.82 -7.79
N ARG A 27 4.05 -0.97 -8.44
CA ARG A 27 4.43 -0.38 -9.72
C ARG A 27 4.17 1.12 -9.72
N GLU A 28 5.14 1.88 -10.22
CA GLU A 28 5.02 3.33 -10.29
C GLU A 28 3.68 3.75 -10.88
N GLY A 29 2.80 4.29 -10.04
CA GLY A 29 1.50 4.70 -10.49
C GLY A 29 0.37 3.84 -9.96
N ASP A 30 0.67 2.56 -9.75
CA ASP A 30 -0.32 1.62 -9.22
C ASP A 30 -0.77 2.04 -7.83
N ARG A 31 -2.06 1.86 -7.56
CA ARG A 31 -2.61 2.21 -6.25
C ARG A 31 -2.42 1.08 -5.25
N VAL A 32 -2.33 1.43 -3.97
CA VAL A 32 -2.15 0.45 -2.92
C VAL A 32 -3.18 0.62 -1.82
N ASP A 33 -3.61 -0.49 -1.23
CA ASP A 33 -4.61 -0.47 -0.16
C ASP A 33 -3.97 -0.84 1.17
N VAL A 34 -3.59 0.18 1.94
CA VAL A 34 -2.96 -0.03 3.23
C VAL A 34 -4.02 -0.31 4.31
N MET A 35 -3.74 -1.29 5.16
CA MET A 35 -4.65 -1.67 6.23
C MET A 35 -4.06 -1.33 7.59
N GLN A 36 -2.82 -1.77 7.81
CA GLN A 36 -2.14 -1.52 9.08
C GLN A 36 -0.78 -0.88 8.85
N GLN A 37 -0.34 -0.06 9.80
CA GLN A 37 0.94 0.62 9.70
C GLN A 37 1.88 0.16 10.79
N CYS A 38 3.14 -0.07 10.43
CA CYS A 38 4.15 -0.52 11.38
C CYS A 38 4.82 0.67 12.07
N ASP A 39 5.54 0.40 13.14
CA ASP A 39 6.23 1.44 13.89
C ASP A 39 7.66 1.60 13.41
N ASP A 40 8.02 0.86 12.37
CA ASP A 40 9.36 0.92 11.81
C ASP A 40 9.40 1.83 10.59
N GLY A 41 8.28 1.91 9.87
CA GLY A 41 8.21 2.74 8.69
C GLY A 41 7.66 1.99 7.48
N TRP A 42 7.16 0.79 7.72
CA TRP A 42 6.60 -0.02 6.65
C TRP A 42 5.08 -0.10 6.75
N PHE A 43 4.42 -0.43 5.65
CA PHE A 43 2.98 -0.53 5.62
C PHE A 43 2.53 -1.94 5.20
N VAL A 44 1.41 -2.40 5.75
CA VAL A 44 0.89 -3.72 5.42
C VAL A 44 -0.54 -3.62 4.88
N GLY A 45 -0.71 -4.02 3.63
CA GLY A 45 -2.02 -3.98 3.01
C GLY A 45 -2.14 -4.91 1.82
N VAL A 46 -2.84 -4.47 0.78
CA VAL A 46 -3.03 -5.27 -0.42
C VAL A 46 -2.82 -4.44 -1.68
N SER A 47 -2.35 -5.08 -2.74
CA SER A 47 -2.12 -4.40 -4.00
C SER A 47 -3.40 -4.27 -4.81
N ARG A 48 -3.34 -3.54 -5.92
CA ARG A 48 -4.50 -3.34 -6.78
C ARG A 48 -4.28 -4.00 -8.13
N ARG A 49 -3.14 -4.66 -8.30
CA ARG A 49 -2.82 -5.33 -9.55
C ARG A 49 -2.93 -6.85 -9.41
N THR A 50 -2.39 -7.37 -8.31
CA THR A 50 -2.41 -8.80 -8.05
C THR A 50 -3.42 -9.14 -6.96
N GLN A 51 -3.82 -8.13 -6.19
CA GLN A 51 -4.78 -8.32 -5.12
C GLN A 51 -4.20 -9.21 -4.02
N LYS A 52 -2.88 -9.18 -3.89
CA LYS A 52 -2.19 -9.98 -2.87
C LYS A 52 -2.03 -9.19 -1.58
N PHE A 53 -1.74 -9.90 -0.49
CA PHE A 53 -1.56 -9.27 0.81
C PHE A 53 -0.17 -9.54 1.36
N GLY A 54 0.53 -8.48 1.76
CA GLY A 54 1.87 -8.63 2.30
C GLY A 54 2.38 -7.35 2.94
N THR A 55 3.70 -7.23 3.03
CA THR A 55 4.32 -6.05 3.62
C THR A 55 5.28 -5.39 2.65
N PHE A 56 5.24 -4.06 2.59
CA PHE A 56 6.10 -3.30 1.70
C PHE A 56 6.58 -2.00 2.36
N PRO A 57 7.71 -1.47 1.89
CA PRO A 57 8.29 -0.24 2.42
C PRO A 57 7.45 0.99 2.08
N GLY A 58 6.88 1.62 3.10
CA GLY A 58 6.06 2.80 2.88
C GLY A 58 6.81 3.90 2.16
N ASN A 59 8.14 3.84 2.21
CA ASN A 59 8.98 4.84 1.57
C ASN A 59 8.81 4.79 0.05
N TYR A 60 8.14 3.75 -0.44
CA TYR A 60 7.91 3.58 -1.86
C TYR A 60 6.52 4.06 -2.25
N VAL A 61 5.58 4.01 -1.30
CA VAL A 61 4.22 4.44 -1.55
C VAL A 61 3.91 5.72 -0.79
N ALA A 62 2.74 6.30 -1.08
CA ALA A 62 2.32 7.53 -0.41
C ALA A 62 0.80 7.62 -0.35
N PRO A 63 0.29 8.28 0.71
CA PRO A 63 -1.14 8.45 0.92
C PRO A 63 -1.78 9.40 -0.09
N VAL A 64 -2.51 8.84 -1.04
CA VAL A 64 -3.17 9.63 -2.08
C VAL A 64 -4.45 10.27 -1.54
N SER A 65 -4.95 9.74 -0.43
CA SER A 65 -6.17 10.26 0.18
C SER A 65 -6.09 11.77 0.37
N GLY A 66 -4.87 12.30 0.41
CA GLY A 66 -4.68 13.72 0.58
C GLY A 66 -5.66 14.53 -0.23
N PRO A 67 -6.07 15.69 0.31
CA PRO A 67 -7.01 16.59 -0.35
C PRO A 67 -6.41 17.27 -1.58
N SER A 68 -6.46 16.57 -2.71
CA SER A 68 -5.91 17.11 -3.95
C SER A 68 -6.99 17.85 -4.74
N SER A 69 -7.88 18.54 -4.03
CA SER A 69 -8.96 19.28 -4.66
C SER A 69 -8.40 20.50 -5.41
N GLY A 70 -9.10 20.88 -6.48
CA GLY A 70 -8.66 22.03 -7.26
C GLY A 70 -9.82 22.70 -7.97
N GLY A 1 -25.31 5.26 -3.99
CA GLY A 1 -24.56 5.11 -2.76
C GLY A 1 -23.25 4.38 -2.95
N SER A 2 -22.27 4.68 -2.11
CA SER A 2 -20.96 4.05 -2.19
C SER A 2 -21.00 2.65 -1.60
N SER A 3 -20.40 1.69 -2.31
CA SER A 3 -20.37 0.31 -1.85
C SER A 3 -19.78 0.21 -0.44
N GLY A 4 -18.72 0.97 -0.20
CA GLY A 4 -18.08 0.96 1.10
C GLY A 4 -16.95 -0.06 1.20
N SER A 5 -15.85 0.33 1.83
CA SER A 5 -14.71 -0.55 1.97
C SER A 5 -13.81 -0.08 3.12
N SER A 6 -12.83 -0.91 3.47
CA SER A 6 -11.90 -0.59 4.54
C SER A 6 -10.48 -0.46 4.02
N GLY A 7 -9.74 0.51 4.54
CA GLY A 7 -8.37 0.72 4.11
C GLY A 7 -8.17 2.05 3.41
N THR A 8 -7.06 2.71 3.69
CA THR A 8 -6.76 4.01 3.09
C THR A 8 -6.07 3.84 1.74
N PRO A 9 -6.48 4.66 0.77
CA PRO A 9 -5.92 4.63 -0.59
C PRO A 9 -4.48 5.12 -0.63
N TYR A 10 -3.66 4.45 -1.43
CA TYR A 10 -2.25 4.82 -1.56
C TYR A 10 -1.79 4.70 -3.01
N ARG A 11 -0.54 5.08 -3.26
CA ARG A 11 0.03 5.02 -4.61
C ARG A 11 1.53 4.75 -4.54
N ALA A 12 1.98 3.77 -5.32
CA ALA A 12 3.39 3.42 -5.36
C ALA A 12 4.20 4.46 -6.12
N MET A 13 4.83 5.37 -5.37
CA MET A 13 5.64 6.42 -5.97
C MET A 13 6.75 5.84 -6.84
N TYR A 14 7.16 4.61 -6.51
CA TYR A 14 8.22 3.94 -7.27
C TYR A 14 8.02 2.43 -7.25
N GLN A 15 8.22 1.80 -8.40
CA GLN A 15 8.06 0.36 -8.52
C GLN A 15 8.93 -0.37 -7.51
N TYR A 16 8.38 -1.42 -6.91
CA TYR A 16 9.12 -2.21 -5.91
C TYR A 16 9.40 -3.61 -6.43
N ARG A 17 10.50 -4.20 -5.96
CA ARG A 17 10.89 -5.54 -6.39
C ARG A 17 11.09 -6.44 -5.17
N PRO A 18 10.02 -7.11 -4.73
CA PRO A 18 10.05 -8.01 -3.58
C PRO A 18 10.83 -9.29 -3.88
N GLN A 19 11.80 -9.59 -3.03
CA GLN A 19 12.62 -10.79 -3.19
C GLN A 19 11.80 -12.04 -2.96
N ASN A 20 10.78 -11.94 -2.10
CA ASN A 20 9.93 -13.07 -1.78
C ASN A 20 8.45 -12.67 -1.88
N GLU A 21 7.58 -13.67 -1.80
CA GLU A 21 6.14 -13.42 -1.87
C GLU A 21 5.66 -12.62 -0.66
N ASP A 22 6.17 -12.97 0.52
CA ASP A 22 5.79 -12.29 1.75
C ASP A 22 5.57 -10.80 1.50
N GLU A 23 6.48 -10.20 0.75
CA GLU A 23 6.38 -8.77 0.44
C GLU A 23 5.42 -8.53 -0.72
N LEU A 24 4.76 -7.37 -0.71
CA LEU A 24 3.82 -7.03 -1.76
C LEU A 24 4.48 -6.18 -2.83
N GLU A 25 4.50 -6.69 -4.06
CA GLU A 25 5.11 -5.99 -5.18
C GLU A 25 4.33 -4.72 -5.51
N LEU A 26 4.99 -3.75 -6.14
CA LEU A 26 4.36 -2.50 -6.51
C LEU A 26 4.81 -2.05 -7.90
N ARG A 27 4.34 -0.89 -8.32
CA ARG A 27 4.69 -0.34 -9.62
C ARG A 27 4.39 1.15 -9.70
N GLU A 28 5.34 1.92 -10.23
CA GLU A 28 5.16 3.36 -10.35
C GLU A 28 3.87 3.69 -11.09
N GLY A 29 2.98 4.39 -10.40
CA GLY A 29 1.71 4.77 -11.00
C GLY A 29 0.63 3.74 -10.77
N ASP A 30 0.57 3.22 -9.54
CA ASP A 30 -0.43 2.22 -9.19
C ASP A 30 -0.97 2.45 -7.78
N ARG A 31 -2.26 2.21 -7.59
CA ARG A 31 -2.89 2.40 -6.29
C ARG A 31 -2.65 1.18 -5.39
N VAL A 32 -2.59 1.43 -4.08
CA VAL A 32 -2.37 0.36 -3.11
C VAL A 32 -3.28 0.54 -1.89
N ASP A 33 -3.89 -0.56 -1.46
CA ASP A 33 -4.77 -0.53 -0.31
C ASP A 33 -3.99 -0.75 0.98
N VAL A 34 -4.02 0.23 1.87
CA VAL A 34 -3.32 0.14 3.15
C VAL A 34 -4.29 0.17 4.31
N MET A 35 -4.13 -0.77 5.23
CA MET A 35 -4.99 -0.86 6.40
C MET A 35 -4.17 -0.85 7.69
N GLN A 36 -3.07 -1.59 7.68
CA GLN A 36 -2.20 -1.67 8.85
C GLN A 36 -0.86 -1.00 8.57
N GLN A 37 -0.25 -0.43 9.61
CA GLN A 37 1.02 0.25 9.48
C GLN A 37 2.03 -0.28 10.50
N CYS A 38 3.31 -0.24 10.13
CA CYS A 38 4.37 -0.73 11.01
C CYS A 38 5.10 0.44 11.67
N ASP A 39 5.89 0.13 12.69
CA ASP A 39 6.64 1.14 13.41
C ASP A 39 7.93 1.50 12.66
N ASP A 40 8.74 0.50 12.39
CA ASP A 40 10.00 0.71 11.68
C ASP A 40 9.82 1.70 10.53
N GLY A 41 8.75 1.51 9.77
CA GLY A 41 8.47 2.40 8.66
C GLY A 41 7.96 1.65 7.44
N TRP A 42 7.16 0.62 7.67
CA TRP A 42 6.61 -0.18 6.59
C TRP A 42 5.07 -0.19 6.65
N PHE A 43 4.44 -0.40 5.50
CA PHE A 43 2.99 -0.43 5.42
C PHE A 43 2.49 -1.84 5.11
N VAL A 44 1.32 -2.18 5.64
CA VAL A 44 0.73 -3.50 5.42
C VAL A 44 -0.68 -3.38 4.86
N GLY A 45 -0.91 -4.02 3.72
CA GLY A 45 -2.22 -3.98 3.10
C GLY A 45 -2.32 -4.91 1.90
N VAL A 46 -3.04 -4.46 0.87
CA VAL A 46 -3.22 -5.26 -0.34
C VAL A 46 -2.95 -4.43 -1.59
N SER A 47 -2.40 -5.06 -2.61
CA SER A 47 -2.10 -4.39 -3.87
C SER A 47 -3.36 -4.20 -4.70
N ARG A 48 -3.22 -3.51 -5.82
CA ARG A 48 -4.35 -3.26 -6.72
C ARG A 48 -4.16 -3.99 -8.04
N ARG A 49 -3.02 -4.65 -8.19
CA ARG A 49 -2.72 -5.39 -9.41
C ARG A 49 -2.75 -6.89 -9.17
N THR A 50 -2.14 -7.32 -8.06
CA THR A 50 -2.10 -8.73 -7.71
C THR A 50 -3.01 -9.03 -6.53
N GLN A 51 -3.70 -8.01 -6.04
CA GLN A 51 -4.60 -8.15 -4.91
C GLN A 51 -4.00 -9.08 -3.85
N LYS A 52 -2.67 -9.12 -3.79
CA LYS A 52 -1.96 -9.96 -2.83
C LYS A 52 -1.92 -9.28 -1.46
N PHE A 53 -1.61 -10.08 -0.44
CA PHE A 53 -1.53 -9.56 0.92
C PHE A 53 -0.14 -9.80 1.51
N GLY A 54 0.50 -8.72 1.96
CA GLY A 54 1.83 -8.84 2.54
C GLY A 54 2.30 -7.54 3.16
N THR A 55 3.61 -7.33 3.15
CA THR A 55 4.20 -6.12 3.73
C THR A 55 5.19 -5.47 2.76
N PHE A 56 5.12 -4.15 2.65
CA PHE A 56 6.01 -3.41 1.77
C PHE A 56 6.47 -2.10 2.42
N PRO A 57 7.62 -1.59 1.96
CA PRO A 57 8.19 -0.35 2.48
C PRO A 57 7.37 0.88 2.07
N GLY A 58 6.74 1.51 3.07
CA GLY A 58 5.94 2.68 2.80
C GLY A 58 6.74 3.80 2.15
N ASN A 59 8.06 3.66 2.15
CA ASN A 59 8.94 4.66 1.56
C ASN A 59 8.81 4.67 0.05
N TYR A 60 8.12 3.66 -0.49
CA TYR A 60 7.93 3.55 -1.93
C TYR A 60 6.53 4.04 -2.33
N VAL A 61 5.58 3.91 -1.41
CA VAL A 61 4.22 4.34 -1.66
C VAL A 61 3.89 5.63 -0.91
N ALA A 62 2.73 6.21 -1.19
CA ALA A 62 2.30 7.43 -0.54
C ALA A 62 0.78 7.52 -0.46
N PRO A 63 0.28 8.19 0.59
CA PRO A 63 -1.16 8.36 0.81
C PRO A 63 -1.81 9.27 -0.22
N VAL A 64 -2.52 8.68 -1.17
CA VAL A 64 -3.19 9.44 -2.22
C VAL A 64 -4.46 10.09 -1.69
N SER A 65 -5.00 9.53 -0.61
CA SER A 65 -6.23 10.05 -0.01
C SER A 65 -6.23 11.58 -0.02
N GLY A 66 -5.08 12.18 0.29
CA GLY A 66 -4.98 13.62 0.30
C GLY A 66 -6.26 14.29 0.78
N PRO A 67 -6.43 14.36 2.11
CA PRO A 67 -7.61 14.98 2.72
C PRO A 67 -7.64 16.50 2.53
N SER A 68 -8.61 17.14 3.17
CA SER A 68 -8.75 18.60 3.06
C SER A 68 -8.15 19.28 4.28
N SER A 69 -6.96 19.85 4.11
CA SER A 69 -6.28 20.54 5.19
C SER A 69 -5.98 21.99 4.83
N GLY A 70 -6.88 22.89 5.22
CA GLY A 70 -6.70 24.30 4.93
C GLY A 70 -6.32 24.55 3.47
N GLY A 1 -25.24 -4.66 9.14
CA GLY A 1 -25.43 -6.05 8.80
C GLY A 1 -25.02 -6.36 7.37
N SER A 2 -23.84 -5.88 6.98
CA SER A 2 -23.34 -6.11 5.63
C SER A 2 -21.82 -5.99 5.60
N SER A 3 -21.17 -6.94 4.93
CA SER A 3 -19.71 -6.95 4.82
C SER A 3 -19.21 -5.61 4.31
N GLY A 4 -17.91 -5.37 4.47
CA GLY A 4 -17.31 -4.12 4.03
C GLY A 4 -15.80 -4.14 4.09
N SER A 5 -15.15 -3.71 3.02
CA SER A 5 -13.69 -3.68 2.97
C SER A 5 -13.16 -2.30 3.36
N SER A 6 -12.30 -2.27 4.37
CA SER A 6 -11.72 -1.02 4.84
C SER A 6 -10.28 -0.87 4.36
N GLY A 7 -9.71 0.31 4.58
CA GLY A 7 -8.34 0.56 4.17
C GLY A 7 -8.18 1.88 3.44
N THR A 8 -7.07 2.56 3.69
CA THR A 8 -6.80 3.84 3.05
C THR A 8 -6.08 3.66 1.72
N PRO A 9 -6.50 4.45 0.72
CA PRO A 9 -5.90 4.40 -0.63
C PRO A 9 -4.47 4.92 -0.65
N TYR A 10 -3.65 4.33 -1.50
CA TYR A 10 -2.25 4.74 -1.62
C TYR A 10 -1.77 4.61 -3.07
N ARG A 11 -0.57 5.13 -3.33
CA ARG A 11 0.01 5.07 -4.66
C ARG A 11 1.51 4.83 -4.60
N ALA A 12 1.99 3.89 -5.43
CA ALA A 12 3.41 3.56 -5.46
C ALA A 12 4.19 4.59 -6.27
N MET A 13 4.94 5.43 -5.56
CA MET A 13 5.74 6.47 -6.23
C MET A 13 6.81 5.85 -7.11
N TYR A 14 7.33 4.70 -6.68
CA TYR A 14 8.37 4.01 -7.43
C TYR A 14 8.13 2.50 -7.43
N GLN A 15 8.51 1.85 -8.53
CA GLN A 15 8.32 0.40 -8.65
C GLN A 15 9.20 -0.35 -7.65
N TYR A 16 8.67 -1.41 -7.08
CA TYR A 16 9.39 -2.21 -6.10
C TYR A 16 9.51 -3.66 -6.56
N ARG A 17 10.59 -4.32 -6.16
CA ARG A 17 10.83 -5.71 -6.53
C ARG A 17 10.98 -6.58 -5.29
N PRO A 18 9.87 -7.21 -4.86
CA PRO A 18 9.86 -8.07 -3.68
C PRO A 18 10.61 -9.38 -3.92
N GLN A 19 11.63 -9.62 -3.11
CA GLN A 19 12.43 -10.84 -3.23
C GLN A 19 11.89 -11.95 -2.33
N ASN A 20 10.83 -11.63 -1.59
CA ASN A 20 10.21 -12.59 -0.69
C ASN A 20 8.73 -12.77 -1.00
N GLU A 21 8.07 -13.64 -0.24
CA GLU A 21 6.65 -13.90 -0.44
C GLU A 21 5.80 -13.09 0.52
N ASP A 22 6.43 -12.62 1.59
CA ASP A 22 5.73 -11.82 2.60
C ASP A 22 5.73 -10.33 2.21
N GLU A 23 6.17 -10.04 0.99
CA GLU A 23 6.22 -8.67 0.50
C GLU A 23 5.30 -8.49 -0.71
N LEU A 24 4.74 -7.30 -0.83
CA LEU A 24 3.84 -6.99 -1.94
C LEU A 24 4.56 -6.19 -3.02
N GLU A 25 4.43 -6.62 -4.27
CA GLU A 25 5.06 -5.94 -5.39
C GLU A 25 4.32 -4.64 -5.73
N LEU A 26 5.08 -3.65 -6.20
CA LEU A 26 4.49 -2.36 -6.56
C LEU A 26 5.10 -1.83 -7.85
N ARG A 27 4.34 -1.01 -8.57
CA ARG A 27 4.82 -0.43 -9.82
C ARG A 27 4.61 1.09 -9.83
N GLU A 28 5.37 1.78 -10.68
CA GLU A 28 5.26 3.23 -10.78
C GLU A 28 3.93 3.63 -11.42
N GLY A 29 3.04 4.19 -10.61
CA GLY A 29 1.75 4.61 -11.10
C GLY A 29 0.65 3.60 -10.82
N ASP A 30 0.69 3.02 -9.63
CA ASP A 30 -0.30 2.02 -9.23
C ASP A 30 -0.86 2.33 -7.84
N ARG A 31 -2.14 2.06 -7.64
CA ARG A 31 -2.79 2.31 -6.36
C ARG A 31 -2.45 1.22 -5.35
N VAL A 32 -2.71 1.49 -4.08
CA VAL A 32 -2.42 0.54 -3.02
C VAL A 32 -3.36 0.74 -1.83
N ASP A 33 -3.87 -0.37 -1.30
CA ASP A 33 -4.79 -0.32 -0.17
C ASP A 33 -4.06 -0.63 1.13
N VAL A 34 -3.76 0.41 1.90
CA VAL A 34 -3.06 0.25 3.17
C VAL A 34 -4.04 -0.02 4.31
N MET A 35 -3.79 -1.09 5.06
CA MET A 35 -4.65 -1.45 6.18
C MET A 35 -3.91 -1.29 7.50
N GLN A 36 -2.76 -1.95 7.62
CA GLN A 36 -1.95 -1.87 8.84
C GLN A 36 -0.62 -1.19 8.57
N GLN A 37 -0.02 -0.65 9.62
CA GLN A 37 1.26 0.03 9.51
C GLN A 37 2.30 -0.57 10.44
N CYS A 38 3.53 -0.70 9.96
CA CYS A 38 4.61 -1.27 10.75
C CYS A 38 5.26 -0.21 11.63
N ASP A 39 5.82 -0.64 12.75
CA ASP A 39 6.46 0.28 13.68
C ASP A 39 7.65 0.98 13.01
N ASP A 40 8.52 0.19 12.40
CA ASP A 40 9.69 0.73 11.72
C ASP A 40 9.31 1.85 10.77
N GLY A 41 8.21 1.65 10.04
CA GLY A 41 7.75 2.66 9.09
C GLY A 41 7.08 2.06 7.88
N TRP A 42 7.36 0.77 7.63
CA TRP A 42 6.77 0.08 6.49
C TRP A 42 5.25 0.08 6.57
N PHE A 43 4.62 -0.53 5.57
CA PHE A 43 3.16 -0.60 5.53
C PHE A 43 2.69 -1.99 5.14
N VAL A 44 1.50 -2.36 5.59
CA VAL A 44 0.93 -3.66 5.30
C VAL A 44 -0.50 -3.54 4.78
N GLY A 45 -0.70 -3.92 3.52
CA GLY A 45 -2.02 -3.83 2.92
C GLY A 45 -2.19 -4.81 1.77
N VAL A 46 -2.93 -4.39 0.75
CA VAL A 46 -3.17 -5.24 -0.41
C VAL A 46 -2.99 -4.45 -1.71
N SER A 47 -2.50 -5.13 -2.74
CA SER A 47 -2.28 -4.49 -4.04
C SER A 47 -3.60 -4.27 -4.77
N ARG A 48 -3.55 -3.52 -5.86
CA ARG A 48 -4.74 -3.25 -6.65
C ARG A 48 -4.63 -3.85 -8.05
N ARG A 49 -3.57 -4.63 -8.26
CA ARG A 49 -3.35 -5.27 -9.56
C ARG A 49 -3.29 -6.78 -9.41
N THR A 50 -2.68 -7.25 -8.32
CA THR A 50 -2.56 -8.68 -8.07
C THR A 50 -3.52 -9.12 -6.99
N GLN A 51 -4.07 -8.16 -6.25
CA GLN A 51 -5.01 -8.46 -5.18
C GLN A 51 -4.37 -9.36 -4.12
N LYS A 52 -3.08 -9.15 -3.88
CA LYS A 52 -2.34 -9.93 -2.90
C LYS A 52 -2.15 -9.14 -1.61
N PHE A 53 -1.87 -9.84 -0.52
CA PHE A 53 -1.67 -9.20 0.78
C PHE A 53 -0.24 -9.42 1.28
N GLY A 54 0.37 -8.36 1.80
CA GLY A 54 1.72 -8.46 2.30
C GLY A 54 2.22 -7.15 2.89
N THR A 55 3.54 -7.01 2.97
CA THR A 55 4.14 -5.81 3.53
C THR A 55 5.13 -5.18 2.55
N PHE A 56 5.12 -3.85 2.48
CA PHE A 56 6.02 -3.13 1.58
C PHE A 56 6.53 -1.86 2.24
N PRO A 57 7.68 -1.36 1.74
CA PRO A 57 8.30 -0.15 2.26
C PRO A 57 7.50 1.11 1.92
N GLY A 58 6.84 1.68 2.93
CA GLY A 58 6.05 2.88 2.71
C GLY A 58 6.84 3.98 2.06
N ASN A 59 8.16 3.84 2.03
CA ASN A 59 9.03 4.84 1.44
C ASN A 59 8.86 4.87 -0.08
N TYR A 60 8.15 3.88 -0.61
CA TYR A 60 7.91 3.80 -2.04
C TYR A 60 6.50 4.23 -2.39
N VAL A 61 5.59 4.11 -1.42
CA VAL A 61 4.21 4.50 -1.62
C VAL A 61 3.86 5.77 -0.84
N ALA A 62 2.68 6.31 -1.10
CA ALA A 62 2.23 7.52 -0.42
C ALA A 62 0.71 7.58 -0.34
N PRO A 63 0.20 8.23 0.72
CA PRO A 63 -1.24 8.37 0.93
C PRO A 63 -1.89 9.31 -0.09
N VAL A 64 -2.54 8.73 -1.09
CA VAL A 64 -3.21 9.51 -2.13
C VAL A 64 -4.52 10.10 -1.62
N SER A 65 -5.03 9.53 -0.54
CA SER A 65 -6.29 10.00 0.05
C SER A 65 -6.30 11.52 0.19
N GLY A 66 -5.14 12.08 0.53
CA GLY A 66 -5.04 13.51 0.68
C GLY A 66 -4.94 13.94 2.14
N PRO A 67 -3.71 13.89 2.69
CA PRO A 67 -3.46 14.27 4.09
C PRO A 67 -3.61 15.76 4.32
N SER A 68 -4.84 16.20 4.57
CA SER A 68 -5.13 17.61 4.80
C SER A 68 -5.88 17.80 6.12
N SER A 69 -5.45 18.79 6.90
CA SER A 69 -6.07 19.08 8.19
C SER A 69 -7.47 19.66 7.99
N GLY A 70 -8.44 19.11 8.72
CA GLY A 70 -9.81 19.58 8.61
C GLY A 70 -9.96 21.02 9.07
N GLY A 1 -23.83 -3.67 0.72
CA GLY A 1 -23.15 -2.39 0.78
C GLY A 1 -23.12 -1.83 2.19
N SER A 2 -22.05 -1.11 2.53
CA SER A 2 -21.90 -0.52 3.84
C SER A 2 -21.57 0.96 3.75
N SER A 3 -22.01 1.73 4.75
CA SER A 3 -21.77 3.16 4.77
C SER A 3 -20.37 3.47 5.29
N GLY A 4 -19.40 2.67 4.87
CA GLY A 4 -18.02 2.87 5.31
C GLY A 4 -17.02 2.29 4.33
N SER A 5 -15.86 1.88 4.84
CA SER A 5 -14.81 1.31 4.01
C SER A 5 -13.73 0.67 4.86
N SER A 6 -12.80 -0.03 4.21
CA SER A 6 -11.71 -0.70 4.91
C SER A 6 -10.40 -0.52 4.17
N GLY A 7 -9.43 0.09 4.81
CA GLY A 7 -8.13 0.32 4.19
C GLY A 7 -8.06 1.63 3.44
N THR A 8 -7.04 2.42 3.73
CA THR A 8 -6.86 3.71 3.08
C THR A 8 -6.15 3.56 1.74
N PRO A 9 -6.61 4.31 0.73
CA PRO A 9 -6.04 4.28 -0.61
C PRO A 9 -4.65 4.90 -0.67
N TYR A 10 -3.76 4.28 -1.44
CA TYR A 10 -2.40 4.77 -1.57
C TYR A 10 -1.94 4.72 -3.03
N ARG A 11 -0.71 5.18 -3.27
CA ARG A 11 -0.15 5.17 -4.62
C ARG A 11 1.35 4.90 -4.59
N ALA A 12 1.77 3.84 -5.27
CA ALA A 12 3.18 3.48 -5.31
C ALA A 12 3.98 4.48 -6.14
N MET A 13 4.73 5.33 -5.45
CA MET A 13 5.55 6.34 -6.12
C MET A 13 6.64 5.69 -6.96
N TYR A 14 7.04 4.48 -6.57
CA TYR A 14 8.08 3.76 -7.29
C TYR A 14 7.83 2.25 -7.22
N GLN A 15 8.21 1.55 -8.28
CA GLN A 15 8.02 0.10 -8.35
C GLN A 15 8.93 -0.60 -7.35
N TYR A 16 8.43 -1.69 -6.77
CA TYR A 16 9.20 -2.46 -5.80
C TYR A 16 9.42 -3.89 -6.27
N ARG A 17 10.45 -4.53 -5.76
CA ARG A 17 10.77 -5.91 -6.13
C ARG A 17 10.88 -6.79 -4.89
N PRO A 18 9.78 -7.46 -4.54
CA PRO A 18 9.73 -8.35 -3.38
C PRO A 18 10.55 -9.62 -3.59
N GLN A 19 11.60 -9.78 -2.80
CA GLN A 19 12.47 -10.94 -2.89
C GLN A 19 11.67 -12.23 -2.66
N ASN A 20 10.63 -12.13 -1.84
CA ASN A 20 9.79 -13.29 -1.53
C ASN A 20 8.32 -12.94 -1.69
N GLU A 21 7.45 -13.93 -1.47
CA GLU A 21 6.02 -13.72 -1.58
C GLU A 21 5.50 -12.83 -0.45
N ASP A 22 6.02 -13.06 0.75
CA ASP A 22 5.61 -12.28 1.91
C ASP A 22 5.44 -10.81 1.55
N GLU A 23 6.45 -10.23 0.90
CA GLU A 23 6.41 -8.84 0.49
C GLU A 23 5.46 -8.65 -0.68
N LEU A 24 4.78 -7.51 -0.70
CA LEU A 24 3.84 -7.20 -1.78
C LEU A 24 4.50 -6.34 -2.86
N GLU A 25 4.45 -6.81 -4.09
CA GLU A 25 5.04 -6.09 -5.21
C GLU A 25 4.32 -4.78 -5.46
N LEU A 26 5.02 -3.82 -6.06
CA LEU A 26 4.45 -2.51 -6.35
C LEU A 26 4.81 -2.06 -7.76
N ARG A 27 4.08 -1.07 -8.27
CA ARG A 27 4.32 -0.53 -9.60
C ARG A 27 4.17 0.98 -9.63
N GLU A 28 5.15 1.66 -10.22
CA GLU A 28 5.13 3.11 -10.31
C GLU A 28 3.86 3.60 -11.01
N GLY A 29 2.99 4.26 -10.26
CA GLY A 29 1.75 4.76 -10.82
C GLY A 29 0.59 3.81 -10.61
N ASP A 30 0.58 3.12 -9.47
CA ASP A 30 -0.48 2.18 -9.16
C ASP A 30 -1.04 2.43 -7.76
N ARG A 31 -2.34 2.18 -7.59
CA ARG A 31 -3.00 2.39 -6.31
C ARG A 31 -2.69 1.24 -5.35
N VAL A 32 -2.72 1.54 -4.06
CA VAL A 32 -2.44 0.53 -3.04
C VAL A 32 -3.37 0.70 -1.84
N ASP A 33 -3.93 -0.41 -1.37
CA ASP A 33 -4.83 -0.39 -0.22
C ASP A 33 -4.07 -0.65 1.07
N VAL A 34 -3.84 0.41 1.84
CA VAL A 34 -3.13 0.29 3.10
C VAL A 34 -4.09 0.27 4.28
N MET A 35 -4.08 -0.83 5.03
CA MET A 35 -4.95 -0.99 6.18
C MET A 35 -4.15 -0.97 7.47
N GLN A 36 -3.02 -1.67 7.48
CA GLN A 36 -2.16 -1.73 8.66
C GLN A 36 -0.88 -0.94 8.44
N GLN A 37 -0.35 -0.35 9.52
CA GLN A 37 0.87 0.44 9.43
C GLN A 37 1.91 -0.07 10.43
N CYS A 38 3.17 -0.03 10.02
CA CYS A 38 4.26 -0.49 10.87
C CYS A 38 5.01 0.69 11.48
N ASP A 39 5.73 0.42 12.57
CA ASP A 39 6.49 1.46 13.26
C ASP A 39 7.84 1.70 12.57
N ASP A 40 8.58 0.62 12.37
CA ASP A 40 9.89 0.70 11.73
C ASP A 40 9.87 1.71 10.59
N GLY A 41 8.83 1.64 9.75
CA GLY A 41 8.71 2.57 8.63
C GLY A 41 8.19 1.90 7.39
N TRP A 42 7.29 0.94 7.56
CA TRP A 42 6.72 0.21 6.43
C TRP A 42 5.19 0.18 6.52
N PHE A 43 4.55 -0.15 5.41
CA PHE A 43 3.10 -0.21 5.36
C PHE A 43 2.62 -1.62 5.02
N VAL A 44 1.46 -2.00 5.56
CA VAL A 44 0.89 -3.31 5.31
C VAL A 44 -0.53 -3.21 4.75
N GLY A 45 -0.76 -3.88 3.63
CA GLY A 45 -2.08 -3.85 3.01
C GLY A 45 -2.18 -4.79 1.82
N VAL A 46 -2.87 -4.34 0.78
CA VAL A 46 -3.05 -5.15 -0.43
C VAL A 46 -2.74 -4.33 -1.67
N SER A 47 -2.21 -5.01 -2.70
CA SER A 47 -1.88 -4.35 -3.96
C SER A 47 -3.11 -4.14 -4.81
N ARG A 48 -2.94 -3.48 -5.95
CA ARG A 48 -4.04 -3.22 -6.87
C ARG A 48 -3.78 -3.83 -8.24
N ARG A 49 -2.60 -4.43 -8.40
CA ARG A 49 -2.23 -5.06 -9.66
C ARG A 49 -2.28 -6.57 -9.55
N THR A 50 -1.94 -7.10 -8.38
CA THR A 50 -1.94 -8.54 -8.14
C THR A 50 -2.98 -8.92 -7.09
N GLN A 51 -3.46 -7.92 -6.35
CA GLN A 51 -4.46 -8.14 -5.31
C GLN A 51 -3.94 -9.13 -4.27
N LYS A 52 -2.66 -9.03 -3.96
CA LYS A 52 -2.03 -9.91 -2.98
C LYS A 52 -1.80 -9.18 -1.67
N PHE A 53 -1.61 -9.95 -0.59
CA PHE A 53 -1.37 -9.36 0.72
C PHE A 53 0.09 -9.52 1.14
N GLY A 54 0.53 -8.67 2.05
CA GLY A 54 1.91 -8.73 2.51
C GLY A 54 2.39 -7.40 3.06
N THR A 55 3.72 -7.22 3.09
CA THR A 55 4.31 -6.00 3.61
C THR A 55 5.25 -5.38 2.58
N PHE A 56 5.22 -4.05 2.49
CA PHE A 56 6.08 -3.34 1.54
C PHE A 56 6.58 -2.03 2.16
N PRO A 57 7.71 -1.53 1.62
CA PRO A 57 8.32 -0.29 2.09
C PRO A 57 7.49 0.95 1.75
N GLY A 58 6.79 1.47 2.76
CA GLY A 58 5.96 2.64 2.54
C GLY A 58 6.69 3.75 1.82
N ASN A 59 7.98 3.89 2.10
CA ASN A 59 8.80 4.92 1.48
C ASN A 59 8.61 4.92 -0.03
N TYR A 60 8.11 3.81 -0.56
CA TYR A 60 7.89 3.68 -1.99
C TYR A 60 6.51 4.20 -2.38
N VAL A 61 5.55 4.05 -1.48
CA VAL A 61 4.19 4.52 -1.72
C VAL A 61 3.89 5.77 -0.90
N ALA A 62 2.68 6.30 -1.09
CA ALA A 62 2.27 7.51 -0.37
C ALA A 62 0.74 7.58 -0.28
N PRO A 63 0.25 8.24 0.80
CA PRO A 63 -1.18 8.40 1.03
C PRO A 63 -1.84 9.35 0.02
N VAL A 64 -2.58 8.79 -0.91
CA VAL A 64 -3.26 9.58 -1.93
C VAL A 64 -4.55 10.19 -1.40
N SER A 65 -5.15 9.51 -0.41
CA SER A 65 -6.39 9.97 0.19
C SER A 65 -6.37 11.49 0.38
N GLY A 66 -5.22 12.02 0.81
CA GLY A 66 -5.09 13.44 1.01
C GLY A 66 -5.00 13.80 2.48
N PRO A 67 -4.27 14.88 2.80
CA PRO A 67 -4.09 15.35 4.17
C PRO A 67 -5.37 15.94 4.76
N SER A 68 -5.32 16.33 6.02
CA SER A 68 -6.48 16.90 6.70
C SER A 68 -6.16 18.29 7.24
N SER A 69 -4.87 18.56 7.45
CA SER A 69 -4.43 19.84 7.98
C SER A 69 -3.30 20.41 7.14
N GLY A 70 -3.57 21.51 6.45
CA GLY A 70 -2.56 22.15 5.62
C GLY A 70 -3.17 22.87 4.43
N GLY A 1 -23.78 0.30 9.38
CA GLY A 1 -22.48 0.87 9.64
C GLY A 1 -22.31 2.24 9.01
N SER A 2 -21.69 3.16 9.75
CA SER A 2 -21.48 4.52 9.25
C SER A 2 -20.13 4.63 8.55
N SER A 3 -19.09 4.15 9.20
CA SER A 3 -17.74 4.20 8.64
C SER A 3 -17.33 2.84 8.08
N GLY A 4 -17.22 2.76 6.76
CA GLY A 4 -16.83 1.52 6.12
C GLY A 4 -15.57 1.65 5.29
N SER A 5 -14.59 2.37 5.83
CA SER A 5 -13.32 2.59 5.15
C SER A 5 -12.39 1.40 5.36
N SER A 6 -12.48 0.41 4.49
CA SER A 6 -11.65 -0.78 4.58
C SER A 6 -10.25 -0.50 4.05
N GLY A 7 -9.41 0.11 4.89
CA GLY A 7 -8.05 0.42 4.48
C GLY A 7 -7.96 1.73 3.73
N THR A 8 -6.87 2.46 3.97
CA THR A 8 -6.67 3.75 3.31
C THR A 8 -5.99 3.57 1.96
N PRO A 9 -6.45 4.35 0.96
CA PRO A 9 -5.91 4.29 -0.40
C PRO A 9 -4.50 4.87 -0.48
N TYR A 10 -3.67 4.27 -1.33
CA TYR A 10 -2.29 4.73 -1.50
C TYR A 10 -1.85 4.60 -2.96
N ARG A 11 -0.66 5.10 -3.25
CA ARG A 11 -0.12 5.04 -4.60
C ARG A 11 1.39 4.84 -4.58
N ALA A 12 1.85 3.83 -5.33
CA ALA A 12 3.27 3.52 -5.39
C ALA A 12 4.03 4.58 -6.18
N MET A 13 4.89 5.33 -5.49
CA MET A 13 5.67 6.37 -6.14
C MET A 13 6.84 5.78 -6.92
N TYR A 14 7.28 4.60 -6.49
CA TYR A 14 8.40 3.93 -7.15
C TYR A 14 8.19 2.41 -7.15
N GLN A 15 8.35 1.80 -8.33
CA GLN A 15 8.18 0.36 -8.47
C GLN A 15 9.03 -0.39 -7.43
N TYR A 16 8.53 -1.53 -6.99
CA TYR A 16 9.24 -2.35 -6.01
C TYR A 16 9.32 -3.81 -6.46
N ARG A 17 10.40 -4.47 -6.09
CA ARG A 17 10.60 -5.87 -6.46
C ARG A 17 10.73 -6.75 -5.21
N PRO A 18 9.61 -7.33 -4.78
CA PRO A 18 9.57 -8.19 -3.59
C PRO A 18 10.30 -9.52 -3.82
N GLN A 19 11.26 -9.81 -2.96
CA GLN A 19 12.03 -11.06 -3.07
C GLN A 19 11.58 -12.06 -2.02
N ASN A 20 10.39 -11.85 -1.45
CA ASN A 20 9.85 -12.73 -0.44
C ASN A 20 8.39 -13.05 -0.71
N GLU A 21 7.80 -13.87 0.15
CA GLU A 21 6.40 -14.25 0.01
C GLU A 21 5.50 -13.33 0.83
N ASP A 22 6.10 -12.55 1.72
CA ASP A 22 5.36 -11.64 2.57
C ASP A 22 5.54 -10.19 2.10
N GLU A 23 6.12 -10.03 0.92
CA GLU A 23 6.35 -8.71 0.35
C GLU A 23 5.48 -8.48 -0.87
N LEU A 24 4.72 -7.38 -0.86
CA LEU A 24 3.84 -7.06 -1.96
C LEU A 24 4.58 -6.25 -3.04
N GLU A 25 4.21 -6.48 -4.30
CA GLU A 25 4.84 -5.79 -5.41
C GLU A 25 4.17 -4.43 -5.66
N LEU A 26 4.95 -3.49 -6.18
CA LEU A 26 4.43 -2.16 -6.48
C LEU A 26 4.92 -1.66 -7.83
N ARG A 27 4.08 -0.90 -8.53
CA ARG A 27 4.44 -0.36 -9.83
C ARG A 27 4.28 1.16 -9.85
N GLU A 28 5.32 1.85 -10.31
CA GLU A 28 5.30 3.30 -10.38
C GLU A 28 4.02 3.79 -11.07
N GLY A 29 3.10 4.33 -10.28
CA GLY A 29 1.85 4.83 -10.84
C GLY A 29 0.71 3.86 -10.64
N ASP A 30 0.69 3.19 -9.49
CA ASP A 30 -0.36 2.22 -9.19
C ASP A 30 -0.92 2.46 -7.79
N ARG A 31 -2.21 2.15 -7.62
CA ARG A 31 -2.87 2.33 -6.34
C ARG A 31 -2.56 1.19 -5.39
N VAL A 32 -2.78 1.40 -4.10
CA VAL A 32 -2.53 0.38 -3.09
C VAL A 32 -3.43 0.57 -1.88
N ASP A 33 -4.01 -0.53 -1.40
CA ASP A 33 -4.88 -0.48 -0.23
C ASP A 33 -4.11 -0.80 1.04
N VAL A 34 -3.89 0.21 1.87
CA VAL A 34 -3.17 0.03 3.12
C VAL A 34 -4.13 -0.10 4.31
N MET A 35 -3.92 -1.12 5.12
CA MET A 35 -4.77 -1.36 6.28
C MET A 35 -3.94 -1.34 7.57
N GLN A 36 -2.84 -2.07 7.56
CA GLN A 36 -1.96 -2.14 8.72
C GLN A 36 -0.67 -1.37 8.48
N GLN A 37 -0.12 -0.79 9.55
CA GLN A 37 1.12 -0.03 9.45
C GLN A 37 2.16 -0.55 10.44
N CYS A 38 3.42 -0.48 10.03
CA CYS A 38 4.52 -0.95 10.89
C CYS A 38 5.22 0.22 11.56
N ASP A 39 6.02 -0.08 12.58
CA ASP A 39 6.75 0.95 13.30
C ASP A 39 8.02 1.34 12.57
N ASP A 40 8.80 0.33 12.17
CA ASP A 40 10.05 0.58 11.45
C ASP A 40 9.84 1.57 10.31
N GLY A 41 8.68 1.51 9.69
CA GLY A 41 8.37 2.41 8.59
C GLY A 41 7.84 1.68 7.38
N TRP A 42 7.27 0.50 7.59
CA TRP A 42 6.72 -0.29 6.50
C TRP A 42 5.21 -0.39 6.60
N PHE A 43 4.55 -0.46 5.44
CA PHE A 43 3.09 -0.54 5.40
C PHE A 43 2.65 -1.94 4.98
N VAL A 44 1.46 -2.34 5.42
CA VAL A 44 0.91 -3.64 5.09
C VAL A 44 -0.51 -3.53 4.57
N GLY A 45 -0.77 -4.15 3.41
CA GLY A 45 -2.09 -4.10 2.84
C GLY A 45 -2.22 -4.97 1.60
N VAL A 46 -2.99 -4.51 0.62
CA VAL A 46 -3.19 -5.26 -0.62
C VAL A 46 -2.92 -4.40 -1.84
N SER A 47 -2.44 -5.03 -2.91
CA SER A 47 -2.14 -4.31 -4.14
C SER A 47 -3.40 -4.11 -4.98
N ARG A 48 -3.28 -3.31 -6.04
CA ARG A 48 -4.42 -3.05 -6.92
C ARG A 48 -4.17 -3.63 -8.31
N ARG A 49 -3.19 -4.52 -8.41
CA ARG A 49 -2.86 -5.16 -9.68
C ARG A 49 -2.83 -6.67 -9.54
N THR A 50 -2.39 -7.15 -8.38
CA THR A 50 -2.32 -8.58 -8.12
C THR A 50 -3.23 -8.98 -6.97
N GLN A 51 -3.84 -7.99 -6.34
CA GLN A 51 -4.74 -8.25 -5.22
C GLN A 51 -4.08 -9.16 -4.19
N LYS A 52 -2.76 -9.08 -4.09
CA LYS A 52 -2.02 -9.89 -3.14
C LYS A 52 -1.85 -9.16 -1.81
N PHE A 53 -1.45 -9.91 -0.78
CA PHE A 53 -1.25 -9.33 0.54
C PHE A 53 0.17 -9.56 1.04
N GLY A 54 0.74 -8.56 1.69
CA GLY A 54 2.10 -8.67 2.20
C GLY A 54 2.55 -7.42 2.93
N THR A 55 3.82 -7.08 2.76
CA THR A 55 4.39 -5.90 3.42
C THR A 55 5.37 -5.18 2.50
N PHE A 56 5.24 -3.86 2.42
CA PHE A 56 6.12 -3.06 1.58
C PHE A 56 6.56 -1.79 2.31
N PRO A 57 7.70 -1.23 1.89
CA PRO A 57 8.25 0.00 2.49
C PRO A 57 7.41 1.22 2.16
N GLY A 58 6.90 1.88 3.19
CA GLY A 58 6.09 3.07 2.99
C GLY A 58 6.84 4.17 2.27
N ASN A 59 8.15 4.04 2.22
CA ASN A 59 8.99 5.04 1.56
C ASN A 59 8.86 4.94 0.04
N TYR A 60 8.11 3.94 -0.43
CA TYR A 60 7.90 3.73 -1.85
C TYR A 60 6.50 4.15 -2.26
N VAL A 61 5.58 4.12 -1.31
CA VAL A 61 4.19 4.50 -1.57
C VAL A 61 3.85 5.83 -0.92
N ALA A 62 2.66 6.34 -1.19
CA ALA A 62 2.21 7.60 -0.62
C ALA A 62 0.69 7.64 -0.51
N PRO A 63 0.19 8.37 0.50
CA PRO A 63 -1.26 8.50 0.74
C PRO A 63 -1.94 9.35 -0.33
N VAL A 64 -2.80 8.72 -1.11
CA VAL A 64 -3.52 9.41 -2.18
C VAL A 64 -4.82 10.00 -1.66
N SER A 65 -5.14 9.71 -0.39
CA SER A 65 -6.36 10.21 0.22
C SER A 65 -6.21 11.70 0.58
N GLY A 66 -5.08 12.28 0.19
CA GLY A 66 -4.84 13.68 0.48
C GLY A 66 -6.07 14.53 0.30
N PRO A 67 -6.06 15.74 0.89
CA PRO A 67 -7.19 16.67 0.80
C PRO A 67 -7.36 17.25 -0.61
N SER A 68 -8.49 16.94 -1.23
CA SER A 68 -8.77 17.43 -2.59
C SER A 68 -9.74 18.61 -2.55
N SER A 69 -10.94 18.37 -2.04
CA SER A 69 -11.95 19.40 -1.95
C SER A 69 -11.58 20.43 -0.89
N GLY A 70 -11.58 21.70 -1.29
CA GLY A 70 -11.25 22.76 -0.35
C GLY A 70 -10.60 23.95 -1.04
#